data_1AVU
# 
_entry.id   1AVU 
# 
_audit_conform.dict_name       mmcif_pdbx.dic 
_audit_conform.dict_version    5.397 
_audit_conform.dict_location   http://mmcif.pdb.org/dictionaries/ascii/mmcif_pdbx.dic 
# 
loop_
_database_2.database_id 
_database_2.database_code 
_database_2.pdbx_database_accession 
_database_2.pdbx_DOI 
PDB   1AVU         pdb_00001avu 10.2210/pdb1avu/pdb 
WWPDB D_1000171319 ?            ?                   
# 
loop_
_pdbx_audit_revision_history.ordinal 
_pdbx_audit_revision_history.data_content_type 
_pdbx_audit_revision_history.major_revision 
_pdbx_audit_revision_history.minor_revision 
_pdbx_audit_revision_history.revision_date 
1 'Structure model' 1 0 1998-10-28 
2 'Structure model' 1 1 2008-03-24 
3 'Structure model' 1 2 2011-07-13 
4 'Structure model' 1 3 2018-04-18 
5 'Structure model' 1 4 2023-08-02 
6 'Structure model' 1 5 2024-10-16 
# 
_pdbx_audit_revision_details.ordinal             1 
_pdbx_audit_revision_details.revision_ordinal    1 
_pdbx_audit_revision_details.data_content_type   'Structure model' 
_pdbx_audit_revision_details.provider            repository 
_pdbx_audit_revision_details.type                'Initial release' 
_pdbx_audit_revision_details.description         ? 
_pdbx_audit_revision_details.details             ? 
# 
loop_
_pdbx_audit_revision_group.ordinal 
_pdbx_audit_revision_group.revision_ordinal 
_pdbx_audit_revision_group.data_content_type 
_pdbx_audit_revision_group.group 
1 2 'Structure model' 'Version format compliance' 
2 3 'Structure model' 'Version format compliance' 
3 4 'Structure model' 'Data collection'           
4 4 'Structure model' Other                       
5 5 'Structure model' 'Database references'       
6 5 'Structure model' 'Refinement description'    
7 6 'Structure model' 'Data collection'           
8 6 'Structure model' 'Structure summary'         
# 
loop_
_pdbx_audit_revision_category.ordinal 
_pdbx_audit_revision_category.revision_ordinal 
_pdbx_audit_revision_category.data_content_type 
_pdbx_audit_revision_category.category 
1 4 'Structure model' diffrn_detector               
2 4 'Structure model' pdbx_database_status          
3 5 'Structure model' database_2                    
4 5 'Structure model' pdbx_initial_refinement_model 
5 6 'Structure model' chem_comp_atom                
6 6 'Structure model' chem_comp_bond                
7 6 'Structure model' pdbx_entry_details            
8 6 'Structure model' pdbx_modification_feature     
# 
loop_
_pdbx_audit_revision_item.ordinal 
_pdbx_audit_revision_item.revision_ordinal 
_pdbx_audit_revision_item.data_content_type 
_pdbx_audit_revision_item.item 
1 4 'Structure model' '_diffrn_detector.detector'           
2 4 'Structure model' '_pdbx_database_status.process_site'  
3 5 'Structure model' '_database_2.pdbx_DOI'                
4 5 'Structure model' '_database_2.pdbx_database_accession' 
# 
_pdbx_database_status.status_code                     REL 
_pdbx_database_status.entry_id                        1AVU 
_pdbx_database_status.recvd_initial_deposition_date   1997-09-20 
_pdbx_database_status.deposit_site                    ? 
_pdbx_database_status.process_site                    BNL 
_pdbx_database_status.status_code_sf                  REL 
_pdbx_database_status.status_code_mr                  ? 
_pdbx_database_status.SG_entry                        ? 
_pdbx_database_status.pdb_format_compatible           Y 
_pdbx_database_status.status_code_cs                  ? 
_pdbx_database_status.methods_development_category    ? 
_pdbx_database_status.status_code_nmr_data            ? 
# 
loop_
_audit_author.name 
_audit_author.pdbx_ordinal 
'Song, H.K.' 1 
'Suh, S.W.'  2 
# 
loop_
_citation.id 
_citation.title 
_citation.journal_abbrev 
_citation.journal_volume 
_citation.page_first 
_citation.page_last 
_citation.year 
_citation.journal_id_ASTM 
_citation.country 
_citation.journal_id_ISSN 
_citation.journal_id_CSD 
_citation.book_publisher 
_citation.pdbx_database_id_PubMed 
_citation.pdbx_database_id_DOI 
primary 
;Kunitz-type soybean trypsin inhibitor revisited: refined structure of its complex with porcine trypsin reveals an insight into the interaction between a homologous inhibitor from Erythrina caffra and tissue-type plasminogen activator.
;
J.Mol.Biol.                         275 347 363 1998 JMOBAK UK 0022-2836 0070 ?                                            9466914 
10.1006/jmbi.1997.1469 
1       'Crystal Structure Analyses of Human A1-Antitrypsin, Soybean Kunitz-Type Trypsin Inhibitor, and Barley Chitinase' 
'Thesis, Seoul National University' ?   ?   ?   1997 ?      KO ?         2172 'Seoul : Seoul National University (Thesis)' ?       
?                      
2       'Crystallization of Kunitz-Type Soybean Trypsin Inhibitor' Mol.Cells                           3   335 ?   1993 MOCEEK KO 
1016-8478 2166 ?                                            ?       ?                      
3       'Crystallization and Preliminary X-Ray Crystallographic Study of Kunitz-Type Soybean Trypsin Inhibitor' 
'Thesis, Seoul National University' ?   ?   ?   1993 ?      KO ?         2173 'Seoul : Seoul National University (Thesis)' ?       
?                      
# 
loop_
_citation_author.citation_id 
_citation_author.name 
_citation_author.ordinal 
_citation_author.identifier_ORCID 
primary 'Song, H.K.'  1 ? 
primary 'Suh, S.W.'   2 ? 
1       'Song, H.K.'  3 ? 
2       'Lee, J.K.'   4 ? 
2       'Song, H.K.'  5 ? 
2       'Hwang, K.Y.' 6 ? 
2       'Kim, K.K.'   7 ? 
2       'Suh, S.W.'   8 ? 
3       'Lee, J.K.'   9 ? 
# 
loop_
_entity.id 
_entity.type 
_entity.src_method 
_entity.pdbx_description 
_entity.formula_weight 
_entity.pdbx_number_of_molecules 
_entity.pdbx_ec 
_entity.pdbx_mutation 
_entity.pdbx_fragment 
_entity.details 
1 polymer nat 'TRYPSIN INHIBITOR' 20115.641 1  ? ? ? ? 
2 water   nat water               18.015    44 ? ? ? ? 
# 
_entity_name_com.entity_id   1 
_entity_name_com.name        STI 
# 
_entity_poly.entity_id                      1 
_entity_poly.type                           'polypeptide(L)' 
_entity_poly.nstd_linkage                   no 
_entity_poly.nstd_monomer                   no 
_entity_poly.pdbx_seq_one_letter_code       
;DFVLDNEGNPLENGGTYYILSDITAFGGIRAAPTGNERCPLTVVQSRNELDKGIGTIISSPYRIRFIAEGHPLSLKFDSF
AVIMLCVGIPTEWSVVEDLPEGPAVKIGENKDAMDGWFRLERVSDDEFNNYKLVFCPQQAEDDKCGDIGISIDHDDGTRR
LVVSKNKPLVVQFQKLDKESL
;
_entity_poly.pdbx_seq_one_letter_code_can   
;DFVLDNEGNPLENGGTYYILSDITAFGGIRAAPTGNERCPLTVVQSRNELDKGIGTIISSPYRIRFIAEGHPLSLKFDSF
AVIMLCVGIPTEWSVVEDLPEGPAVKIGENKDAMDGWFRLERVSDDEFNNYKLVFCPQQAEDDKCGDIGISIDHDDGTRR
LVVSKNKPLVVQFQKLDKESL
;
_entity_poly.pdbx_strand_id                 A 
_entity_poly.pdbx_target_identifier         ? 
# 
_pdbx_entity_nonpoly.entity_id   2 
_pdbx_entity_nonpoly.name        water 
_pdbx_entity_nonpoly.comp_id     HOH 
# 
loop_
_entity_poly_seq.entity_id 
_entity_poly_seq.num 
_entity_poly_seq.mon_id 
_entity_poly_seq.hetero 
1 1   ASP n 
1 2   PHE n 
1 3   VAL n 
1 4   LEU n 
1 5   ASP n 
1 6   ASN n 
1 7   GLU n 
1 8   GLY n 
1 9   ASN n 
1 10  PRO n 
1 11  LEU n 
1 12  GLU n 
1 13  ASN n 
1 14  GLY n 
1 15  GLY n 
1 16  THR n 
1 17  TYR n 
1 18  TYR n 
1 19  ILE n 
1 20  LEU n 
1 21  SER n 
1 22  ASP n 
1 23  ILE n 
1 24  THR n 
1 25  ALA n 
1 26  PHE n 
1 27  GLY n 
1 28  GLY n 
1 29  ILE n 
1 30  ARG n 
1 31  ALA n 
1 32  ALA n 
1 33  PRO n 
1 34  THR n 
1 35  GLY n 
1 36  ASN n 
1 37  GLU n 
1 38  ARG n 
1 39  CYS n 
1 40  PRO n 
1 41  LEU n 
1 42  THR n 
1 43  VAL n 
1 44  VAL n 
1 45  GLN n 
1 46  SER n 
1 47  ARG n 
1 48  ASN n 
1 49  GLU n 
1 50  LEU n 
1 51  ASP n 
1 52  LYS n 
1 53  GLY n 
1 54  ILE n 
1 55  GLY n 
1 56  THR n 
1 57  ILE n 
1 58  ILE n 
1 59  SER n 
1 60  SER n 
1 61  PRO n 
1 62  TYR n 
1 63  ARG n 
1 64  ILE n 
1 65  ARG n 
1 66  PHE n 
1 67  ILE n 
1 68  ALA n 
1 69  GLU n 
1 70  GLY n 
1 71  HIS n 
1 72  PRO n 
1 73  LEU n 
1 74  SER n 
1 75  LEU n 
1 76  LYS n 
1 77  PHE n 
1 78  ASP n 
1 79  SER n 
1 80  PHE n 
1 81  ALA n 
1 82  VAL n 
1 83  ILE n 
1 84  MET n 
1 85  LEU n 
1 86  CYS n 
1 87  VAL n 
1 88  GLY n 
1 89  ILE n 
1 90  PRO n 
1 91  THR n 
1 92  GLU n 
1 93  TRP n 
1 94  SER n 
1 95  VAL n 
1 96  VAL n 
1 97  GLU n 
1 98  ASP n 
1 99  LEU n 
1 100 PRO n 
1 101 GLU n 
1 102 GLY n 
1 103 PRO n 
1 104 ALA n 
1 105 VAL n 
1 106 LYS n 
1 107 ILE n 
1 108 GLY n 
1 109 GLU n 
1 110 ASN n 
1 111 LYS n 
1 112 ASP n 
1 113 ALA n 
1 114 MET n 
1 115 ASP n 
1 116 GLY n 
1 117 TRP n 
1 118 PHE n 
1 119 ARG n 
1 120 LEU n 
1 121 GLU n 
1 122 ARG n 
1 123 VAL n 
1 124 SER n 
1 125 ASP n 
1 126 ASP n 
1 127 GLU n 
1 128 PHE n 
1 129 ASN n 
1 130 ASN n 
1 131 TYR n 
1 132 LYS n 
1 133 LEU n 
1 134 VAL n 
1 135 PHE n 
1 136 CYS n 
1 137 PRO n 
1 138 GLN n 
1 139 GLN n 
1 140 ALA n 
1 141 GLU n 
1 142 ASP n 
1 143 ASP n 
1 144 LYS n 
1 145 CYS n 
1 146 GLY n 
1 147 ASP n 
1 148 ILE n 
1 149 GLY n 
1 150 ILE n 
1 151 SER n 
1 152 ILE n 
1 153 ASP n 
1 154 HIS n 
1 155 ASP n 
1 156 ASP n 
1 157 GLY n 
1 158 THR n 
1 159 ARG n 
1 160 ARG n 
1 161 LEU n 
1 162 VAL n 
1 163 VAL n 
1 164 SER n 
1 165 LYS n 
1 166 ASN n 
1 167 LYS n 
1 168 PRO n 
1 169 LEU n 
1 170 VAL n 
1 171 VAL n 
1 172 GLN n 
1 173 PHE n 
1 174 GLN n 
1 175 LYS n 
1 176 LEU n 
1 177 ASP n 
1 178 LYS n 
1 179 GLU n 
1 180 SER n 
1 181 LEU n 
# 
_entity_src_nat.entity_id                  1 
_entity_src_nat.pdbx_src_id                1 
_entity_src_nat.pdbx_alt_source_flag       sample 
_entity_src_nat.pdbx_beg_seq_num           ? 
_entity_src_nat.pdbx_end_seq_num           ? 
_entity_src_nat.common_name                soybean 
_entity_src_nat.pdbx_organism_scientific   'Glycine max' 
_entity_src_nat.pdbx_ncbi_taxonomy_id      3847 
_entity_src_nat.genus                      Glycine 
_entity_src_nat.species                    ? 
_entity_src_nat.strain                     ? 
_entity_src_nat.tissue                     ? 
_entity_src_nat.tissue_fraction            ? 
_entity_src_nat.pdbx_secretion             ? 
_entity_src_nat.pdbx_fragment              ? 
_entity_src_nat.pdbx_variant               ? 
_entity_src_nat.pdbx_cell_line             ? 
_entity_src_nat.pdbx_atcc                  ? 
_entity_src_nat.pdbx_cellular_location     ? 
_entity_src_nat.pdbx_organ                 SEED 
_entity_src_nat.pdbx_organelle             ? 
_entity_src_nat.pdbx_cell                  ? 
_entity_src_nat.pdbx_plasmid_name          ? 
_entity_src_nat.pdbx_plasmid_details       ? 
_entity_src_nat.details                    ? 
# 
loop_
_chem_comp.id 
_chem_comp.type 
_chem_comp.mon_nstd_flag 
_chem_comp.name 
_chem_comp.pdbx_synonyms 
_chem_comp.formula 
_chem_comp.formula_weight 
ALA 'L-peptide linking' y ALANINE         ? 'C3 H7 N O2'     89.093  
ARG 'L-peptide linking' y ARGININE        ? 'C6 H15 N4 O2 1' 175.209 
ASN 'L-peptide linking' y ASPARAGINE      ? 'C4 H8 N2 O3'    132.118 
ASP 'L-peptide linking' y 'ASPARTIC ACID' ? 'C4 H7 N O4'     133.103 
CYS 'L-peptide linking' y CYSTEINE        ? 'C3 H7 N O2 S'   121.158 
GLN 'L-peptide linking' y GLUTAMINE       ? 'C5 H10 N2 O3'   146.144 
GLU 'L-peptide linking' y 'GLUTAMIC ACID' ? 'C5 H9 N O4'     147.129 
GLY 'peptide linking'   y GLYCINE         ? 'C2 H5 N O2'     75.067  
HIS 'L-peptide linking' y HISTIDINE       ? 'C6 H10 N3 O2 1' 156.162 
HOH non-polymer         . WATER           ? 'H2 O'           18.015  
ILE 'L-peptide linking' y ISOLEUCINE      ? 'C6 H13 N O2'    131.173 
LEU 'L-peptide linking' y LEUCINE         ? 'C6 H13 N O2'    131.173 
LYS 'L-peptide linking' y LYSINE          ? 'C6 H15 N2 O2 1' 147.195 
MET 'L-peptide linking' y METHIONINE      ? 'C5 H11 N O2 S'  149.211 
PHE 'L-peptide linking' y PHENYLALANINE   ? 'C9 H11 N O2'    165.189 
PRO 'L-peptide linking' y PROLINE         ? 'C5 H9 N O2'     115.130 
SER 'L-peptide linking' y SERINE          ? 'C3 H7 N O3'     105.093 
THR 'L-peptide linking' y THREONINE       ? 'C4 H9 N O3'     119.119 
TRP 'L-peptide linking' y TRYPTOPHAN      ? 'C11 H12 N2 O2'  204.225 
TYR 'L-peptide linking' y TYROSINE        ? 'C9 H11 N O3'    181.189 
VAL 'L-peptide linking' y VALINE          ? 'C5 H11 N O2'    117.146 
# 
loop_
_pdbx_poly_seq_scheme.asym_id 
_pdbx_poly_seq_scheme.entity_id 
_pdbx_poly_seq_scheme.seq_id 
_pdbx_poly_seq_scheme.mon_id 
_pdbx_poly_seq_scheme.ndb_seq_num 
_pdbx_poly_seq_scheme.pdb_seq_num 
_pdbx_poly_seq_scheme.auth_seq_num 
_pdbx_poly_seq_scheme.pdb_mon_id 
_pdbx_poly_seq_scheme.auth_mon_id 
_pdbx_poly_seq_scheme.pdb_strand_id 
_pdbx_poly_seq_scheme.pdb_ins_code 
_pdbx_poly_seq_scheme.hetero 
A 1 1   ASP 1   1   1   ASP ASP A . n 
A 1 2   PHE 2   2   2   PHE PHE A . n 
A 1 3   VAL 3   3   3   VAL VAL A . n 
A 1 4   LEU 4   4   4   LEU LEU A . n 
A 1 5   ASP 5   5   5   ASP ASP A . n 
A 1 6   ASN 6   6   6   ASN ASN A . n 
A 1 7   GLU 7   7   7   GLU GLU A . n 
A 1 8   GLY 8   8   8   GLY GLY A . n 
A 1 9   ASN 9   9   9   ASN ASN A . n 
A 1 10  PRO 10  10  10  PRO PRO A . n 
A 1 11  LEU 11  11  11  LEU LEU A . n 
A 1 12  GLU 12  12  12  GLU GLU A . n 
A 1 13  ASN 13  13  13  ASN ASN A . n 
A 1 14  GLY 14  14  14  GLY GLY A . n 
A 1 15  GLY 15  15  15  GLY GLY A . n 
A 1 16  THR 16  16  16  THR THR A . n 
A 1 17  TYR 17  17  17  TYR TYR A . n 
A 1 18  TYR 18  18  18  TYR TYR A . n 
A 1 19  ILE 19  19  19  ILE ILE A . n 
A 1 20  LEU 20  20  20  LEU LEU A . n 
A 1 21  SER 21  21  21  SER SER A . n 
A 1 22  ASP 22  22  22  ASP ASP A . n 
A 1 23  ILE 23  23  23  ILE ILE A . n 
A 1 24  THR 24  24  24  THR THR A . n 
A 1 25  ALA 25  25  25  ALA ALA A . n 
A 1 26  PHE 26  26  26  PHE PHE A . n 
A 1 27  GLY 27  27  27  GLY GLY A . n 
A 1 28  GLY 28  28  28  GLY GLY A . n 
A 1 29  ILE 29  29  29  ILE ILE A . n 
A 1 30  ARG 30  30  30  ARG ARG A . n 
A 1 31  ALA 31  31  31  ALA ALA A . n 
A 1 32  ALA 32  32  32  ALA ALA A . n 
A 1 33  PRO 33  33  33  PRO PRO A . n 
A 1 34  THR 34  34  34  THR THR A . n 
A 1 35  GLY 35  35  35  GLY GLY A . n 
A 1 36  ASN 36  36  36  ASN ASN A . n 
A 1 37  GLU 37  37  37  GLU GLU A . n 
A 1 38  ARG 38  38  38  ARG ARG A . n 
A 1 39  CYS 39  39  39  CYS CYS A . n 
A 1 40  PRO 40  40  40  PRO PRO A . n 
A 1 41  LEU 41  41  41  LEU LEU A . n 
A 1 42  THR 42  42  42  THR THR A . n 
A 1 43  VAL 43  43  43  VAL VAL A . n 
A 1 44  VAL 44  44  44  VAL VAL A . n 
A 1 45  GLN 45  45  45  GLN GLN A . n 
A 1 46  SER 46  46  46  SER SER A . n 
A 1 47  ARG 47  47  47  ARG ARG A . n 
A 1 48  ASN 48  48  48  ASN ASN A . n 
A 1 49  GLU 49  49  49  GLU GLU A . n 
A 1 50  LEU 50  50  50  LEU LEU A . n 
A 1 51  ASP 51  51  51  ASP ASP A . n 
A 1 52  LYS 52  52  52  LYS LYS A . n 
A 1 53  GLY 53  53  53  GLY GLY A . n 
A 1 54  ILE 54  54  54  ILE ILE A . n 
A 1 55  GLY 55  55  55  GLY GLY A . n 
A 1 56  THR 56  56  56  THR THR A . n 
A 1 57  ILE 57  57  57  ILE ILE A . n 
A 1 58  ILE 58  58  58  ILE ILE A . n 
A 1 59  SER 59  59  59  SER SER A . n 
A 1 60  SER 60  60  60  SER SER A . n 
A 1 61  PRO 61  61  61  PRO PRO A . n 
A 1 62  TYR 62  62  62  TYR TYR A . n 
A 1 63  ARG 63  63  63  ARG ARG A . n 
A 1 64  ILE 64  64  64  ILE ILE A . n 
A 1 65  ARG 65  65  65  ARG ARG A . n 
A 1 66  PHE 66  66  66  PHE PHE A . n 
A 1 67  ILE 67  67  67  ILE ILE A . n 
A 1 68  ALA 68  68  68  ALA ALA A . n 
A 1 69  GLU 69  69  69  GLU GLU A . n 
A 1 70  GLY 70  70  70  GLY GLY A . n 
A 1 71  HIS 71  71  71  HIS HIS A . n 
A 1 72  PRO 72  72  72  PRO PRO A . n 
A 1 73  LEU 73  73  73  LEU LEU A . n 
A 1 74  SER 74  74  74  SER SER A . n 
A 1 75  LEU 75  75  75  LEU LEU A . n 
A 1 76  LYS 76  76  76  LYS LYS A . n 
A 1 77  PHE 77  77  77  PHE PHE A . n 
A 1 78  ASP 78  78  78  ASP ASP A . n 
A 1 79  SER 79  79  79  SER SER A . n 
A 1 80  PHE 80  80  80  PHE PHE A . n 
A 1 81  ALA 81  81  81  ALA ALA A . n 
A 1 82  VAL 82  82  82  VAL VAL A . n 
A 1 83  ILE 83  83  83  ILE ILE A . n 
A 1 84  MET 84  84  84  MET MET A . n 
A 1 85  LEU 85  85  85  LEU LEU A . n 
A 1 86  CYS 86  86  86  CYS CYS A . n 
A 1 87  VAL 87  87  87  VAL VAL A . n 
A 1 88  GLY 88  88  88  GLY GLY A . n 
A 1 89  ILE 89  89  89  ILE ILE A . n 
A 1 90  PRO 90  90  90  PRO PRO A . n 
A 1 91  THR 91  91  91  THR THR A . n 
A 1 92  GLU 92  92  92  GLU GLU A . n 
A 1 93  TRP 93  93  93  TRP TRP A . n 
A 1 94  SER 94  94  94  SER SER A . n 
A 1 95  VAL 95  95  95  VAL VAL A . n 
A 1 96  VAL 96  96  96  VAL VAL A . n 
A 1 97  GLU 97  97  97  GLU GLU A . n 
A 1 98  ASP 98  98  98  ASP ASP A . n 
A 1 99  LEU 99  99  99  LEU LEU A . n 
A 1 100 PRO 100 100 100 PRO PRO A . n 
A 1 101 GLU 101 101 101 GLU GLU A . n 
A 1 102 GLY 102 102 102 GLY GLY A . n 
A 1 103 PRO 103 103 103 PRO PRO A . n 
A 1 104 ALA 104 104 104 ALA ALA A . n 
A 1 105 VAL 105 105 105 VAL VAL A . n 
A 1 106 LYS 106 106 106 LYS LYS A . n 
A 1 107 ILE 107 107 107 ILE ILE A . n 
A 1 108 GLY 108 108 108 GLY GLY A . n 
A 1 109 GLU 109 109 109 GLU GLU A . n 
A 1 110 ASN 110 110 110 ASN ASN A . n 
A 1 111 LYS 111 111 111 LYS LYS A . n 
A 1 112 ASP 112 112 112 ASP ASP A . n 
A 1 113 ALA 113 113 113 ALA ALA A . n 
A 1 114 MET 114 114 114 MET MET A . n 
A 1 115 ASP 115 115 115 ASP ASP A . n 
A 1 116 GLY 116 116 116 GLY GLY A . n 
A 1 117 TRP 117 117 117 TRP TRP A . n 
A 1 118 PHE 118 118 118 PHE PHE A . n 
A 1 119 ARG 119 119 119 ARG ARG A . n 
A 1 120 LEU 120 120 120 LEU LEU A . n 
A 1 121 GLU 121 121 121 GLU GLU A . n 
A 1 122 ARG 122 122 122 ARG ARG A . n 
A 1 123 VAL 123 123 123 VAL VAL A . n 
A 1 124 SER 124 124 124 SER SER A . n 
A 1 125 ASP 125 125 ?   ?   ?   A . n 
A 1 126 ASP 126 126 ?   ?   ?   A . n 
A 1 127 GLU 127 127 127 GLU GLU A . n 
A 1 128 PHE 128 128 128 PHE PHE A . n 
A 1 129 ASN 129 129 129 ASN ASN A . n 
A 1 130 ASN 130 130 130 ASN ASN A . n 
A 1 131 TYR 131 131 131 TYR TYR A . n 
A 1 132 LYS 132 132 132 LYS LYS A . n 
A 1 133 LEU 133 133 133 LEU LEU A . n 
A 1 134 VAL 134 134 134 VAL VAL A . n 
A 1 135 PHE 135 135 135 PHE PHE A . n 
A 1 136 CYS 136 136 136 CYS CYS A . n 
A 1 137 PRO 137 137 137 PRO PRO A . n 
A 1 138 GLN 138 138 138 GLN GLN A . n 
A 1 139 GLN 139 139 139 GLN GLN A . n 
A 1 140 ALA 140 140 ?   ?   ?   A . n 
A 1 141 GLU 141 141 ?   ?   ?   A . n 
A 1 142 ASP 142 142 ?   ?   ?   A . n 
A 1 143 ASP 143 143 143 ASP ASP A . n 
A 1 144 LYS 144 144 144 LYS LYS A . n 
A 1 145 CYS 145 145 145 CYS CYS A . n 
A 1 146 GLY 146 146 146 GLY GLY A . n 
A 1 147 ASP 147 147 147 ASP ASP A . n 
A 1 148 ILE 148 148 148 ILE ILE A . n 
A 1 149 GLY 149 149 149 GLY GLY A . n 
A 1 150 ILE 150 150 150 ILE ILE A . n 
A 1 151 SER 151 151 151 SER SER A . n 
A 1 152 ILE 152 152 152 ILE ILE A . n 
A 1 153 ASP 153 153 153 ASP ASP A . n 
A 1 154 HIS 154 154 154 HIS HIS A . n 
A 1 155 ASP 155 155 155 ASP ASP A . n 
A 1 156 ASP 156 156 156 ASP ASP A . n 
A 1 157 GLY 157 157 157 GLY GLY A . n 
A 1 158 THR 158 158 158 THR THR A . n 
A 1 159 ARG 159 159 159 ARG ARG A . n 
A 1 160 ARG 160 160 160 ARG ARG A . n 
A 1 161 LEU 161 161 161 LEU LEU A . n 
A 1 162 VAL 162 162 162 VAL VAL A . n 
A 1 163 VAL 163 163 163 VAL VAL A . n 
A 1 164 SER 164 164 164 SER SER A . n 
A 1 165 LYS 165 165 165 LYS LYS A . n 
A 1 166 ASN 166 166 166 ASN ASN A . n 
A 1 167 LYS 167 167 167 LYS LYS A . n 
A 1 168 PRO 168 168 168 PRO PRO A . n 
A 1 169 LEU 169 169 169 LEU LEU A . n 
A 1 170 VAL 170 170 170 VAL VAL A . n 
A 1 171 VAL 171 171 171 VAL VAL A . n 
A 1 172 GLN 172 172 172 GLN GLN A . n 
A 1 173 PHE 173 173 173 PHE PHE A . n 
A 1 174 GLN 174 174 174 GLN GLN A . n 
A 1 175 LYS 175 175 175 LYS LYS A . n 
A 1 176 LEU 176 176 176 LEU LEU A . n 
A 1 177 ASP 177 177 177 ASP ASP A . n 
A 1 178 LYS 178 178 ?   ?   ?   A . n 
A 1 179 GLU 179 179 ?   ?   ?   A . n 
A 1 180 SER 180 180 ?   ?   ?   A . n 
A 1 181 LEU 181 181 ?   ?   ?   A . n 
# 
loop_
_pdbx_nonpoly_scheme.asym_id 
_pdbx_nonpoly_scheme.entity_id 
_pdbx_nonpoly_scheme.mon_id 
_pdbx_nonpoly_scheme.ndb_seq_num 
_pdbx_nonpoly_scheme.pdb_seq_num 
_pdbx_nonpoly_scheme.auth_seq_num 
_pdbx_nonpoly_scheme.pdb_mon_id 
_pdbx_nonpoly_scheme.auth_mon_id 
_pdbx_nonpoly_scheme.pdb_strand_id 
_pdbx_nonpoly_scheme.pdb_ins_code 
B 2 HOH 1  182 178 HOH HOH A . 
B 2 HOH 2  183 179 HOH HOH A . 
B 2 HOH 3  184 180 HOH HOH A . 
B 2 HOH 4  185 181 HOH HOH A . 
B 2 HOH 5  186 182 HOH HOH A . 
B 2 HOH 6  187 183 HOH HOH A . 
B 2 HOH 7  188 184 HOH HOH A . 
B 2 HOH 8  189 185 HOH HOH A . 
B 2 HOH 9  190 186 HOH HOH A . 
B 2 HOH 10 191 187 HOH HOH A . 
B 2 HOH 11 192 188 HOH HOH A . 
B 2 HOH 12 193 189 HOH HOH A . 
B 2 HOH 13 194 190 HOH HOH A . 
B 2 HOH 14 195 191 HOH HOH A . 
B 2 HOH 15 196 192 HOH HOH A . 
B 2 HOH 16 197 193 HOH HOH A . 
B 2 HOH 17 198 194 HOH HOH A . 
B 2 HOH 18 199 195 HOH HOH A . 
B 2 HOH 19 200 196 HOH HOH A . 
B 2 HOH 20 201 197 HOH HOH A . 
B 2 HOH 21 202 198 HOH HOH A . 
B 2 HOH 22 203 199 HOH HOH A . 
B 2 HOH 23 204 200 HOH HOH A . 
B 2 HOH 24 205 201 HOH HOH A . 
B 2 HOH 25 206 202 HOH HOH A . 
B 2 HOH 26 207 203 HOH HOH A . 
B 2 HOH 27 208 204 HOH HOH A . 
B 2 HOH 28 209 205 HOH HOH A . 
B 2 HOH 29 210 206 HOH HOH A . 
B 2 HOH 30 211 207 HOH HOH A . 
B 2 HOH 31 212 208 HOH HOH A . 
B 2 HOH 32 213 209 HOH HOH A . 
B 2 HOH 33 214 210 HOH HOH A . 
B 2 HOH 34 215 211 HOH HOH A . 
B 2 HOH 35 216 212 HOH HOH A . 
B 2 HOH 36 217 213 HOH HOH A . 
B 2 HOH 37 218 214 HOH HOH A . 
B 2 HOH 38 219 215 HOH HOH A . 
B 2 HOH 39 220 216 HOH HOH A . 
B 2 HOH 40 221 217 HOH HOH A . 
B 2 HOH 41 222 218 HOH HOH A . 
B 2 HOH 42 223 219 HOH HOH A . 
B 2 HOH 43 224 220 HOH HOH A . 
B 2 HOH 44 225 221 HOH HOH A . 
# 
loop_
_pdbx_unobs_or_zero_occ_atoms.id 
_pdbx_unobs_or_zero_occ_atoms.PDB_model_num 
_pdbx_unobs_or_zero_occ_atoms.polymer_flag 
_pdbx_unobs_or_zero_occ_atoms.occupancy_flag 
_pdbx_unobs_or_zero_occ_atoms.auth_asym_id 
_pdbx_unobs_or_zero_occ_atoms.auth_comp_id 
_pdbx_unobs_or_zero_occ_atoms.auth_seq_id 
_pdbx_unobs_or_zero_occ_atoms.PDB_ins_code 
_pdbx_unobs_or_zero_occ_atoms.auth_atom_id 
_pdbx_unobs_or_zero_occ_atoms.label_alt_id 
_pdbx_unobs_or_zero_occ_atoms.label_asym_id 
_pdbx_unobs_or_zero_occ_atoms.label_comp_id 
_pdbx_unobs_or_zero_occ_atoms.label_seq_id 
_pdbx_unobs_or_zero_occ_atoms.label_atom_id 
1  1 Y 1 A ARG 38  ? CG  ? A ARG 38  CG  
2  1 Y 1 A ARG 38  ? CD  ? A ARG 38  CD  
3  1 Y 1 A ARG 38  ? NE  ? A ARG 38  NE  
4  1 Y 1 A ARG 38  ? CZ  ? A ARG 38  CZ  
5  1 Y 1 A ARG 38  ? NH1 ? A ARG 38  NH1 
6  1 Y 1 A ARG 38  ? NH2 ? A ARG 38  NH2 
7  1 Y 1 A ASP 98  ? CG  ? A ASP 98  CG  
8  1 Y 1 A ASP 98  ? OD1 ? A ASP 98  OD1 
9  1 Y 1 A ASP 98  ? OD2 ? A ASP 98  OD2 
10 1 Y 1 A LYS 111 ? CB  ? A LYS 111 CB  
11 1 Y 1 A LYS 111 ? CG  ? A LYS 111 CG  
12 1 Y 1 A LYS 111 ? CD  ? A LYS 111 CD  
13 1 Y 1 A LYS 111 ? CE  ? A LYS 111 CE  
14 1 Y 1 A LYS 111 ? NZ  ? A LYS 111 NZ  
15 1 Y 1 A ASP 112 ? CB  ? A ASP 112 CB  
16 1 Y 1 A ASP 112 ? CG  ? A ASP 112 CG  
17 1 Y 1 A ASP 112 ? OD1 ? A ASP 112 OD1 
18 1 Y 1 A ASP 112 ? OD2 ? A ASP 112 OD2 
19 1 Y 1 A SER 124 ? CB  ? A SER 124 CB  
20 1 Y 1 A SER 124 ? OG  ? A SER 124 OG  
21 1 Y 1 A GLU 127 ? CB  ? A GLU 127 CB  
22 1 Y 1 A GLU 127 ? CG  ? A GLU 127 CG  
23 1 Y 1 A GLU 127 ? CD  ? A GLU 127 CD  
24 1 Y 1 A GLU 127 ? OE1 ? A GLU 127 OE1 
25 1 Y 1 A GLU 127 ? OE2 ? A GLU 127 OE2 
26 1 Y 1 A GLN 138 ? CG  ? A GLN 138 CG  
27 1 Y 1 A GLN 138 ? CD  ? A GLN 138 CD  
28 1 Y 1 A GLN 138 ? OE1 ? A GLN 138 OE1 
29 1 Y 1 A GLN 138 ? NE2 ? A GLN 138 NE2 
30 1 Y 1 A ASP 143 ? CB  ? A ASP 143 CB  
31 1 Y 1 A ASP 143 ? CG  ? A ASP 143 CG  
32 1 Y 1 A ASP 143 ? OD1 ? A ASP 143 OD1 
33 1 Y 1 A ASP 143 ? OD2 ? A ASP 143 OD2 
34 1 Y 1 A LYS 144 ? CG  ? A LYS 144 CG  
35 1 Y 1 A LYS 144 ? CD  ? A LYS 144 CD  
36 1 Y 1 A LYS 144 ? CE  ? A LYS 144 CE  
37 1 Y 1 A LYS 144 ? NZ  ? A LYS 144 NZ  
38 1 Y 1 A HIS 154 ? CB  ? A HIS 154 CB  
39 1 Y 1 A HIS 154 ? CG  ? A HIS 154 CG  
40 1 Y 1 A HIS 154 ? ND1 ? A HIS 154 ND1 
41 1 Y 1 A HIS 154 ? CD2 ? A HIS 154 CD2 
42 1 Y 1 A HIS 154 ? CE1 ? A HIS 154 CE1 
43 1 Y 1 A HIS 154 ? NE2 ? A HIS 154 NE2 
44 1 Y 1 A LYS 165 ? CB  ? A LYS 165 CB  
45 1 Y 1 A LYS 165 ? CG  ? A LYS 165 CG  
46 1 Y 1 A LYS 165 ? CD  ? A LYS 165 CD  
47 1 Y 1 A LYS 165 ? CE  ? A LYS 165 CE  
48 1 Y 1 A LYS 165 ? NZ  ? A LYS 165 NZ  
49 1 Y 1 A ASN 166 ? CB  ? A ASN 166 CB  
50 1 Y 1 A ASN 166 ? CG  ? A ASN 166 CG  
51 1 Y 1 A ASN 166 ? OD1 ? A ASN 166 OD1 
52 1 Y 1 A ASN 166 ? ND2 ? A ASN 166 ND2 
53 1 Y 1 A LYS 167 ? CB  ? A LYS 167 CB  
54 1 Y 1 A LYS 167 ? CG  ? A LYS 167 CG  
55 1 Y 1 A LYS 167 ? CD  ? A LYS 167 CD  
56 1 Y 1 A LYS 167 ? CE  ? A LYS 167 CE  
57 1 Y 1 A LYS 167 ? NZ  ? A LYS 167 NZ  
58 1 Y 1 A ASP 177 ? CB  ? A ASP 177 CB  
59 1 Y 1 A ASP 177 ? CG  ? A ASP 177 CG  
60 1 Y 1 A ASP 177 ? OD1 ? A ASP 177 OD1 
61 1 Y 1 A ASP 177 ? OD2 ? A ASP 177 OD2 
# 
loop_
_software.name 
_software.classification 
_software.version 
_software.citation_id 
_software.pdbx_ordinal 
PROCOR  'data collection' .       ? 1 
FS      'data reduction'  SCALING ? 2 
X-PLOR  'model building'  3.1     ? 3 
X-PLOR  refinement        3.1     ? 4 
PROCOR  'data reduction'  .       ? 5 
FSSCALE 'data scaling'    .       ? 6 
X-PLOR  phasing           3.1     ? 7 
# 
_cell.entry_id           1AVU 
_cell.length_a           39.420 
_cell.length_b           58.080 
_cell.length_c           96.350 
_cell.angle_alpha        90.00 
_cell.angle_beta         90.00 
_cell.angle_gamma        90.00 
_cell.Z_PDB              4 
_cell.pdbx_unique_axis   ? 
# 
_symmetry.entry_id                         1AVU 
_symmetry.space_group_name_H-M             'P 21 21 21' 
_symmetry.pdbx_full_space_group_name_H-M   ? 
_symmetry.cell_setting                     ? 
_symmetry.Int_Tables_number                19 
# 
_exptl.entry_id          1AVU 
_exptl.method            'X-RAY DIFFRACTION' 
_exptl.crystals_number   1 
# 
_exptl_crystal.id                    1 
_exptl_crystal.density_meas          ? 
_exptl_crystal.density_Matthews      2.75 
_exptl_crystal.density_percent_sol   55 
_exptl_crystal.description           ? 
# 
_exptl_crystal_grow.crystal_id      1 
_exptl_crystal_grow.method          ? 
_exptl_crystal_grow.temp            ? 
_exptl_crystal_grow.temp_details    ? 
_exptl_crystal_grow.pH              7.5 
_exptl_crystal_grow.pdbx_pH_range   ? 
_exptl_crystal_grow.pdbx_details    'pH 7.5' 
# 
_diffrn.id                     1 
_diffrn.ambient_temp           293 
_diffrn.ambient_temp_details   ? 
_diffrn.crystal_id             1 
# 
_diffrn_detector.diffrn_id              1 
_diffrn_detector.detector               DIFFRACTOMETER 
_diffrn_detector.type                   'ENRAF-NONIUS FAST' 
_diffrn_detector.pdbx_collection_date   1993-03 
_diffrn_detector.details                ? 
# 
_diffrn_radiation.diffrn_id                        1 
_diffrn_radiation.wavelength_id                    1 
_diffrn_radiation.pdbx_monochromatic_or_laue_m_l   M 
_diffrn_radiation.monochromator                    'GRAPHITE(002)' 
_diffrn_radiation.pdbx_diffrn_protocol             ? 
_diffrn_radiation.pdbx_scattering_type             x-ray 
# 
_diffrn_radiation_wavelength.id           1 
_diffrn_radiation_wavelength.wavelength   1.5418 
_diffrn_radiation_wavelength.wt           1.0 
# 
_diffrn_source.diffrn_id                   1 
_diffrn_source.source                      'ROTATING ANODE' 
_diffrn_source.type                        'RIGAKU RUH2R' 
_diffrn_source.pdbx_synchrotron_site       ? 
_diffrn_source.pdbx_synchrotron_beamline   ? 
_diffrn_source.pdbx_wavelength             1.5418 
_diffrn_source.pdbx_wavelength_list        ? 
# 
_reflns.entry_id                     1AVU 
_reflns.observed_criterion_sigma_I   0.5 
_reflns.observed_criterion_sigma_F   ? 
_reflns.d_resolution_low             99.0 
_reflns.d_resolution_high            2.10 
_reflns.number_obs                   10234 
_reflns.number_all                   ? 
_reflns.percent_possible_obs         76 
_reflns.pdbx_Rmerge_I_obs            0.045 
_reflns.pdbx_Rsym_value              ? 
_reflns.pdbx_netI_over_sigmaI        ? 
_reflns.B_iso_Wilson_estimate        ? 
_reflns.pdbx_redundancy              2.7 
_reflns.pdbx_diffrn_id               1 
_reflns.pdbx_ordinal                 1 
# 
_reflns_shell.d_res_high             2.1 
_reflns_shell.d_res_low              2.3 
_reflns_shell.percent_possible_all   26.7 
_reflns_shell.Rmerge_I_obs           ? 
_reflns_shell.pdbx_Rsym_value        ? 
_reflns_shell.meanI_over_sigI_obs    ? 
_reflns_shell.pdbx_redundancy        ? 
_reflns_shell.pdbx_diffrn_id         ? 
_reflns_shell.pdbx_ordinal           1 
# 
_refine.entry_id                                 1AVU 
_refine.ls_number_reflns_obs                     9079 
_refine.ls_number_reflns_all                     ? 
_refine.pdbx_ls_sigma_I                          ? 
_refine.pdbx_ls_sigma_F                          2.0 
_refine.pdbx_data_cutoff_high_absF               0.0 
_refine.pdbx_data_cutoff_low_absF                0.0 
_refine.pdbx_data_cutoff_high_rms_absF           ? 
_refine.ls_d_res_low                             8.00 
_refine.ls_d_res_high                            2.30 
_refine.ls_percent_reflns_obs                    ? 
_refine.ls_R_factor_obs                          0.198 
_refine.ls_R_factor_all                          ? 
_refine.ls_R_factor_R_work                       0.198 
_refine.ls_R_factor_R_free                       0.269 
_refine.ls_R_factor_R_free_error                 ? 
_refine.ls_R_factor_R_free_error_details         ? 
_refine.ls_percent_reflns_R_free                 10.0 
_refine.ls_number_reflns_R_free                  ? 
_refine.ls_number_parameters                     ? 
_refine.ls_number_restraints                     ? 
_refine.occupancy_min                            ? 
_refine.occupancy_max                            ? 
_refine.B_iso_mean                               38.3 
_refine.aniso_B[1][1]                            ? 
_refine.aniso_B[2][2]                            ? 
_refine.aniso_B[3][3]                            ? 
_refine.aniso_B[1][2]                            ? 
_refine.aniso_B[1][3]                            ? 
_refine.aniso_B[2][3]                            ? 
_refine.solvent_model_details                    ? 
_refine.solvent_model_param_ksol                 ? 
_refine.solvent_model_param_bsol                 ? 
_refine.pdbx_ls_cross_valid_method               ? 
_refine.details                                  ? 
_refine.pdbx_starting_model                      1TIE 
_refine.pdbx_method_to_determine_struct          'MOLECULAR REPLACEMENT' 
_refine.pdbx_isotropic_thermal_model             ? 
_refine.pdbx_stereochemistry_target_values       ? 
_refine.pdbx_stereochem_target_val_spec_case     ? 
_refine.pdbx_R_Free_selection_details            RANDOM 
_refine.pdbx_overall_ESU_R                       ? 
_refine.pdbx_overall_ESU_R_Free                  ? 
_refine.overall_SU_ML                            ? 
_refine.overall_SU_B                             ? 
_refine.pdbx_refine_id                           'X-RAY DIFFRACTION' 
_refine.pdbx_diffrn_id                           1 
_refine.pdbx_TLS_residual_ADP_flag               ? 
_refine.correlation_coeff_Fo_to_Fc               ? 
_refine.correlation_coeff_Fo_to_Fc_free          ? 
_refine.pdbx_solvent_vdw_probe_radii             ? 
_refine.pdbx_solvent_ion_probe_radii             ? 
_refine.pdbx_solvent_shrinkage_radii             ? 
_refine.pdbx_overall_phase_error                 ? 
_refine.overall_SU_R_Cruickshank_DPI             ? 
_refine.pdbx_overall_SU_R_free_Cruickshank_DPI   ? 
_refine.pdbx_overall_SU_R_Blow_DPI               ? 
_refine.pdbx_overall_SU_R_free_Blow_DPI          ? 
# 
_refine_analyze.entry_id                        1AVU 
_refine_analyze.Luzzati_coordinate_error_obs    ? 
_refine_analyze.Luzzati_sigma_a_obs             ? 
_refine_analyze.Luzzati_d_res_low_obs           0.0 
_refine_analyze.Luzzati_coordinate_error_free   ? 
_refine_analyze.Luzzati_sigma_a_free            ? 
_refine_analyze.Luzzati_d_res_low_free          ? 
_refine_analyze.number_disordered_residues      ? 
_refine_analyze.occupancy_sum_hydrogen          ? 
_refine_analyze.occupancy_sum_non_hydrogen      ? 
_refine_analyze.pdbx_refine_id                  'X-RAY DIFFRACTION' 
# 
_refine_hist.pdbx_refine_id                   'X-RAY DIFFRACTION' 
_refine_hist.cycle_id                         LAST 
_refine_hist.pdbx_number_atoms_protein        1281 
_refine_hist.pdbx_number_atoms_nucleic_acid   0 
_refine_hist.pdbx_number_atoms_ligand         0 
_refine_hist.number_atoms_solvent             44 
_refine_hist.number_atoms_total               1325 
_refine_hist.d_res_high                       2.30 
_refine_hist.d_res_low                        8.00 
# 
loop_
_refine_ls_restr.type 
_refine_ls_restr.dev_ideal 
_refine_ls_restr.dev_ideal_target 
_refine_ls_restr.weight 
_refine_ls_restr.number 
_refine_ls_restr.pdbx_refine_id 
_refine_ls_restr.pdbx_restraint_function 
x_bond_d                0.012 ? ? ? 'X-RAY DIFFRACTION' ? 
x_bond_d_na             ?     ? ? ? 'X-RAY DIFFRACTION' ? 
x_bond_d_prot           ?     ? ? ? 'X-RAY DIFFRACTION' ? 
x_angle_d               ?     ? ? ? 'X-RAY DIFFRACTION' ? 
x_angle_d_na            ?     ? ? ? 'X-RAY DIFFRACTION' ? 
x_angle_d_prot          ?     ? ? ? 'X-RAY DIFFRACTION' ? 
x_angle_deg             1.40  ? ? ? 'X-RAY DIFFRACTION' ? 
x_angle_deg_na          ?     ? ? ? 'X-RAY DIFFRACTION' ? 
x_angle_deg_prot        ?     ? ? ? 'X-RAY DIFFRACTION' ? 
x_dihedral_angle_d      ?     ? ? ? 'X-RAY DIFFRACTION' ? 
x_dihedral_angle_d_na   ?     ? ? ? 'X-RAY DIFFRACTION' ? 
x_dihedral_angle_d_prot ?     ? ? ? 'X-RAY DIFFRACTION' ? 
x_improper_angle_d      ?     ? ? ? 'X-RAY DIFFRACTION' ? 
x_improper_angle_d_na   ?     ? ? ? 'X-RAY DIFFRACTION' ? 
x_improper_angle_d_prot ?     ? ? ? 'X-RAY DIFFRACTION' ? 
x_mcbond_it             ?     ? ? ? 'X-RAY DIFFRACTION' ? 
x_mcangle_it            ?     ? ? ? 'X-RAY DIFFRACTION' ? 
x_scbond_it             ?     ? ? ? 'X-RAY DIFFRACTION' ? 
x_scangle_it            ?     ? ? ? 'X-RAY DIFFRACTION' ? 
# 
loop_
_pdbx_xplor_file.serial_no 
_pdbx_xplor_file.param_file 
_pdbx_xplor_file.topol_file 
_pdbx_xplor_file.pdbx_refine_id 
1 PARHCSDX.PRO TOPH19X.PRO 'X-RAY DIFFRACTION' 
2 ?            ?           'X-RAY DIFFRACTION' 
3 ?            ?           'X-RAY DIFFRACTION' 
4 ?            ?           'X-RAY DIFFRACTION' 
# 
_struct.entry_id                  1AVU 
_struct.title                     'TRYPSIN INHIBITOR FROM SOYBEAN (STI)' 
_struct.pdbx_model_details        ? 
_struct.pdbx_CASP_flag            ? 
_struct.pdbx_model_type_details   ? 
# 
_struct_keywords.entry_id        1AVU 
_struct_keywords.pdbx_keywords   'SERINE PROTEASE INHIBITOR' 
_struct_keywords.text            'SERINE PROTEASE INHIBITOR, TRYPSIN INHIBITOR, KUNITZ-TYPE, BETA-TREFOIL FOLD' 
# 
loop_
_struct_asym.id 
_struct_asym.pdbx_blank_PDB_chainid_flag 
_struct_asym.pdbx_modified 
_struct_asym.entity_id 
_struct_asym.details 
A N N 1 ? 
B N N 2 ? 
# 
_struct_ref.id                         1 
_struct_ref.db_name                    UNP 
_struct_ref.db_code                    ITRA_SOYBN 
_struct_ref.entity_id                  1 
_struct_ref.pdbx_db_accession          P01070 
_struct_ref.pdbx_align_begin           1 
_struct_ref.pdbx_seq_one_letter_code   
;MKSTIFFLFLFCAFTTSYLPSAIADFVLDNEGNPLENGGTYYILSDITAFGGIRAAPTGNERCPLTVVQSRNELDKGIGT
IISSPYRIRFIAEGHPLSLKFDSFAVIMLCVGIPTEWSVVEDLPEGPAVKIGENKDAMDGWFRLERVSDDEFNNYKLVFC
PQQAEDDKCGDIGISIDHDDGTRRLVVSKNKPLVVQFQKLDKESLAKKNHGLSRSE
;
_struct_ref.pdbx_db_isoform            ? 
# 
_struct_ref_seq.align_id                      1 
_struct_ref_seq.ref_id                        1 
_struct_ref_seq.pdbx_PDB_id_code              1AVU 
_struct_ref_seq.pdbx_strand_id                A 
_struct_ref_seq.seq_align_beg                 1 
_struct_ref_seq.pdbx_seq_align_beg_ins_code   ? 
_struct_ref_seq.seq_align_end                 181 
_struct_ref_seq.pdbx_seq_align_end_ins_code   ? 
_struct_ref_seq.pdbx_db_accession             P01070 
_struct_ref_seq.db_align_beg                  25 
_struct_ref_seq.pdbx_db_align_beg_ins_code    ? 
_struct_ref_seq.db_align_end                  205 
_struct_ref_seq.pdbx_db_align_end_ins_code    ? 
_struct_ref_seq.pdbx_auth_seq_align_beg       1 
_struct_ref_seq.pdbx_auth_seq_align_end       181 
# 
_pdbx_struct_assembly.id                   1 
_pdbx_struct_assembly.details              author_defined_assembly 
_pdbx_struct_assembly.method_details       ? 
_pdbx_struct_assembly.oligomeric_details   monomeric 
_pdbx_struct_assembly.oligomeric_count     1 
# 
_pdbx_struct_assembly_gen.assembly_id       1 
_pdbx_struct_assembly_gen.oper_expression   1 
_pdbx_struct_assembly_gen.asym_id_list      A,B 
# 
_pdbx_struct_oper_list.id                   1 
_pdbx_struct_oper_list.type                 'identity operation' 
_pdbx_struct_oper_list.name                 1_555 
_pdbx_struct_oper_list.symmetry_operation   x,y,z 
_pdbx_struct_oper_list.matrix[1][1]         1.0000000000 
_pdbx_struct_oper_list.matrix[1][2]         0.0000000000 
_pdbx_struct_oper_list.matrix[1][3]         0.0000000000 
_pdbx_struct_oper_list.vector[1]            0.0000000000 
_pdbx_struct_oper_list.matrix[2][1]         0.0000000000 
_pdbx_struct_oper_list.matrix[2][2]         1.0000000000 
_pdbx_struct_oper_list.matrix[2][3]         0.0000000000 
_pdbx_struct_oper_list.vector[2]            0.0000000000 
_pdbx_struct_oper_list.matrix[3][1]         0.0000000000 
_pdbx_struct_oper_list.matrix[3][2]         0.0000000000 
_pdbx_struct_oper_list.matrix[3][3]         1.0000000000 
_pdbx_struct_oper_list.vector[3]            0.0000000000 
# 
_struct_biol.id   1 
# 
_struct_conf.conf_type_id            HELX_P 
_struct_conf.id                      HELX_P1 
_struct_conf.pdbx_PDB_helix_id       1 
_struct_conf.beg_label_comp_id       MET 
_struct_conf.beg_label_asym_id       A 
_struct_conf.beg_label_seq_id        84 
_struct_conf.pdbx_beg_PDB_ins_code   ? 
_struct_conf.end_label_comp_id       CYS 
_struct_conf.end_label_asym_id       A 
_struct_conf.end_label_seq_id        86 
_struct_conf.pdbx_end_PDB_ins_code   ? 
_struct_conf.beg_auth_comp_id        MET 
_struct_conf.beg_auth_asym_id        A 
_struct_conf.beg_auth_seq_id         84 
_struct_conf.end_auth_comp_id        CYS 
_struct_conf.end_auth_asym_id        A 
_struct_conf.end_auth_seq_id         86 
_struct_conf.pdbx_PDB_helix_class    5 
_struct_conf.details                 ? 
_struct_conf.pdbx_PDB_helix_length   3 
# 
_struct_conf_type.id          HELX_P 
_struct_conf_type.criteria    ? 
_struct_conf_type.reference   ? 
# 
loop_
_struct_conn.id 
_struct_conn.conn_type_id 
_struct_conn.pdbx_leaving_atom_flag 
_struct_conn.pdbx_PDB_id 
_struct_conn.ptnr1_label_asym_id 
_struct_conn.ptnr1_label_comp_id 
_struct_conn.ptnr1_label_seq_id 
_struct_conn.ptnr1_label_atom_id 
_struct_conn.pdbx_ptnr1_label_alt_id 
_struct_conn.pdbx_ptnr1_PDB_ins_code 
_struct_conn.pdbx_ptnr1_standard_comp_id 
_struct_conn.ptnr1_symmetry 
_struct_conn.ptnr2_label_asym_id 
_struct_conn.ptnr2_label_comp_id 
_struct_conn.ptnr2_label_seq_id 
_struct_conn.ptnr2_label_atom_id 
_struct_conn.pdbx_ptnr2_label_alt_id 
_struct_conn.pdbx_ptnr2_PDB_ins_code 
_struct_conn.ptnr1_auth_asym_id 
_struct_conn.ptnr1_auth_comp_id 
_struct_conn.ptnr1_auth_seq_id 
_struct_conn.ptnr2_auth_asym_id 
_struct_conn.ptnr2_auth_comp_id 
_struct_conn.ptnr2_auth_seq_id 
_struct_conn.ptnr2_symmetry 
_struct_conn.pdbx_ptnr3_label_atom_id 
_struct_conn.pdbx_ptnr3_label_seq_id 
_struct_conn.pdbx_ptnr3_label_comp_id 
_struct_conn.pdbx_ptnr3_label_asym_id 
_struct_conn.pdbx_ptnr3_label_alt_id 
_struct_conn.pdbx_ptnr3_PDB_ins_code 
_struct_conn.details 
_struct_conn.pdbx_dist_value 
_struct_conn.pdbx_value_order 
_struct_conn.pdbx_role 
disulf1 disulf ? ? A CYS 39  SG ? ? ? 1_555 A CYS 86  SG ? ? A CYS 39  A CYS 86  1_555 ? ? ? ? ? ? ? 2.027 ? ? 
disulf2 disulf ? ? A CYS 136 SG ? ? ? 1_555 A CYS 145 SG ? ? A CYS 136 A CYS 145 1_555 ? ? ? ? ? ? ? 2.026 ? ? 
# 
_struct_conn_type.id          disulf 
_struct_conn_type.criteria    ? 
_struct_conn_type.reference   ? 
# 
loop_
_pdbx_modification_feature.ordinal 
_pdbx_modification_feature.label_comp_id 
_pdbx_modification_feature.label_asym_id 
_pdbx_modification_feature.label_seq_id 
_pdbx_modification_feature.label_alt_id 
_pdbx_modification_feature.modified_residue_label_comp_id 
_pdbx_modification_feature.modified_residue_label_asym_id 
_pdbx_modification_feature.modified_residue_label_seq_id 
_pdbx_modification_feature.modified_residue_label_alt_id 
_pdbx_modification_feature.auth_comp_id 
_pdbx_modification_feature.auth_asym_id 
_pdbx_modification_feature.auth_seq_id 
_pdbx_modification_feature.PDB_ins_code 
_pdbx_modification_feature.symmetry 
_pdbx_modification_feature.modified_residue_auth_comp_id 
_pdbx_modification_feature.modified_residue_auth_asym_id 
_pdbx_modification_feature.modified_residue_auth_seq_id 
_pdbx_modification_feature.modified_residue_PDB_ins_code 
_pdbx_modification_feature.modified_residue_symmetry 
_pdbx_modification_feature.comp_id_linking_atom 
_pdbx_modification_feature.modified_residue_id_linking_atom 
_pdbx_modification_feature.modified_residue_id 
_pdbx_modification_feature.ref_pcm_id 
_pdbx_modification_feature.ref_comp_id 
_pdbx_modification_feature.type 
_pdbx_modification_feature.category 
1 CYS A 39  ? CYS A 86  ? CYS A 39  ? 1_555 CYS A 86  ? 1_555 SG SG . . . None 'Disulfide bridge' 
2 CYS A 136 ? CYS A 145 ? CYS A 136 ? 1_555 CYS A 145 ? 1_555 SG SG . . . None 'Disulfide bridge' 
# 
loop_
_struct_sheet.id 
_struct_sheet.type 
_struct_sheet.number_strands 
_struct_sheet.details 
A ? 4 ? 
B ? 2 ? 
C ? 2 ? 
D ? 3 ? 
E ? 2 ? 
# 
loop_
_struct_sheet_order.sheet_id 
_struct_sheet_order.range_id_1 
_struct_sheet_order.range_id_2 
_struct_sheet_order.offset 
_struct_sheet_order.sense 
A 1 2 ? anti-parallel 
A 2 3 ? anti-parallel 
A 3 4 ? anti-parallel 
B 1 2 ? anti-parallel 
C 1 2 ? anti-parallel 
D 1 2 ? anti-parallel 
D 2 3 ? anti-parallel 
E 1 2 ? anti-parallel 
# 
loop_
_struct_sheet_range.sheet_id 
_struct_sheet_range.id 
_struct_sheet_range.beg_label_comp_id 
_struct_sheet_range.beg_label_asym_id 
_struct_sheet_range.beg_label_seq_id 
_struct_sheet_range.pdbx_beg_PDB_ins_code 
_struct_sheet_range.end_label_comp_id 
_struct_sheet_range.end_label_asym_id 
_struct_sheet_range.end_label_seq_id 
_struct_sheet_range.pdbx_end_PDB_ins_code 
_struct_sheet_range.beg_auth_comp_id 
_struct_sheet_range.beg_auth_asym_id 
_struct_sheet_range.beg_auth_seq_id 
_struct_sheet_range.end_auth_comp_id 
_struct_sheet_range.end_auth_asym_id 
_struct_sheet_range.end_auth_seq_id 
A 1 VAL A 171 ? LYS A 175 ? VAL A 171 LYS A 175 
A 2 GLY A 15  ? SER A 21  ? GLY A 15  SER A 21  
A 3 THR A 56  ? SER A 60  ? THR A 56  SER A 60  
A 4 LEU A 73  ? PHE A 77  ? LEU A 73  PHE A 77  
B 1 ILE A 29  ? ALA A 32  ? ILE A 29  ALA A 32  
B 2 THR A 42  ? GLN A 45  ? THR A 42  GLN A 45  
C 1 SER A 94  ? VAL A 96  ? SER A 94  VAL A 96  
C 2 ALA A 104 ? LYS A 106 ? ALA A 104 LYS A 106 
D 1 GLY A 116 ? ARG A 122 ? GLY A 116 ARG A 122 
D 2 TYR A 131 ? PRO A 137 ? TYR A 131 PRO A 137 
D 3 CYS A 145 ? ASP A 147 ? CYS A 145 ASP A 147 
E 1 ILE A 148 ? ILE A 152 ? ILE A 148 ILE A 152 
E 2 ARG A 159 ? VAL A 163 ? ARG A 159 VAL A 163 
# 
loop_
_pdbx_struct_sheet_hbond.sheet_id 
_pdbx_struct_sheet_hbond.range_id_1 
_pdbx_struct_sheet_hbond.range_id_2 
_pdbx_struct_sheet_hbond.range_1_label_atom_id 
_pdbx_struct_sheet_hbond.range_1_label_comp_id 
_pdbx_struct_sheet_hbond.range_1_label_asym_id 
_pdbx_struct_sheet_hbond.range_1_label_seq_id 
_pdbx_struct_sheet_hbond.range_1_PDB_ins_code 
_pdbx_struct_sheet_hbond.range_1_auth_atom_id 
_pdbx_struct_sheet_hbond.range_1_auth_comp_id 
_pdbx_struct_sheet_hbond.range_1_auth_asym_id 
_pdbx_struct_sheet_hbond.range_1_auth_seq_id 
_pdbx_struct_sheet_hbond.range_2_label_atom_id 
_pdbx_struct_sheet_hbond.range_2_label_comp_id 
_pdbx_struct_sheet_hbond.range_2_label_asym_id 
_pdbx_struct_sheet_hbond.range_2_label_seq_id 
_pdbx_struct_sheet_hbond.range_2_PDB_ins_code 
_pdbx_struct_sheet_hbond.range_2_auth_atom_id 
_pdbx_struct_sheet_hbond.range_2_auth_comp_id 
_pdbx_struct_sheet_hbond.range_2_auth_asym_id 
_pdbx_struct_sheet_hbond.range_2_auth_seq_id 
A 1 2 O GLN A 172 ? O GLN A 172 N LEU A 20  ? N LEU A 20  
A 2 3 O GLY A 15  ? O GLY A 15  N ILE A 58  ? N ILE A 58  
A 3 4 O ILE A 57  ? O ILE A 57  N LYS A 76  ? N LYS A 76  
B 1 2 O ARG A 30  ? O ARG A 30  N VAL A 44  ? N VAL A 44  
C 1 2 O SER A 94  ? O SER A 94  N LYS A 106 ? N LYS A 106 
D 1 2 O TRP A 117 ? O TRP A 117 N CYS A 136 ? N CYS A 136 
D 2 3 O PHE A 135 ? O PHE A 135 N GLY A 146 ? N GLY A 146 
E 1 2 O GLY A 149 ? O GLY A 149 N VAL A 162 ? N VAL A 162 
# 
_struct_site.id                   ACT 
_struct_site.pdbx_evidence_code   Unknown 
_struct_site.pdbx_auth_asym_id    ? 
_struct_site.pdbx_auth_comp_id    ? 
_struct_site.pdbx_auth_seq_id     ? 
_struct_site.pdbx_auth_ins_code   ? 
_struct_site.pdbx_num_residues    1 
_struct_site.details              'P1 SITE.' 
# 
_struct_site_gen.id                   1 
_struct_site_gen.site_id              ACT 
_struct_site_gen.pdbx_num_res         1 
_struct_site_gen.label_comp_id        ARG 
_struct_site_gen.label_asym_id        A 
_struct_site_gen.label_seq_id         63 
_struct_site_gen.pdbx_auth_ins_code   ? 
_struct_site_gen.auth_comp_id         ARG 
_struct_site_gen.auth_asym_id         A 
_struct_site_gen.auth_seq_id          63 
_struct_site_gen.label_atom_id        . 
_struct_site_gen.label_alt_id         ? 
_struct_site_gen.symmetry             1_555 
_struct_site_gen.details              ? 
# 
_pdbx_entry_details.entry_id                   1AVU 
_pdbx_entry_details.compound_details           ? 
_pdbx_entry_details.source_details             ? 
_pdbx_entry_details.nonpolymer_details         ? 
_pdbx_entry_details.sequence_details           ? 
_pdbx_entry_details.has_ligand_of_interest     ? 
_pdbx_entry_details.has_protein_modification   Y 
# 
loop_
_pdbx_validate_torsion.id 
_pdbx_validate_torsion.PDB_model_num 
_pdbx_validate_torsion.auth_comp_id 
_pdbx_validate_torsion.auth_asym_id 
_pdbx_validate_torsion.auth_seq_id 
_pdbx_validate_torsion.PDB_ins_code 
_pdbx_validate_torsion.label_alt_id 
_pdbx_validate_torsion.phi 
_pdbx_validate_torsion.psi 
1  1 ASN A 6   ? ? -58.03  22.08   
2  1 ILE A 23  ? ? -51.93  104.29  
3  1 VAL A 87  ? ? -38.14  134.35  
4  1 PRO A 103 ? ? -51.57  105.98  
5  1 ILE A 107 ? ? -118.36 -167.12 
6  1 PHE A 128 ? ? -162.32 23.35   
7  1 ASN A 129 ? ? -104.09 60.03   
8  1 GLN A 138 ? ? 101.92  80.13   
9  1 HIS A 154 ? ? -102.67 -95.06  
10 1 ASP A 156 ? ? -71.61  -79.46  
11 1 ASN A 166 ? ? -94.68  50.48   
12 1 LYS A 167 ? ? -72.27  -76.99  
# 
loop_
_pdbx_validate_peptide_omega.id 
_pdbx_validate_peptide_omega.PDB_model_num 
_pdbx_validate_peptide_omega.auth_comp_id_1 
_pdbx_validate_peptide_omega.auth_asym_id_1 
_pdbx_validate_peptide_omega.auth_seq_id_1 
_pdbx_validate_peptide_omega.PDB_ins_code_1 
_pdbx_validate_peptide_omega.label_alt_id_1 
_pdbx_validate_peptide_omega.auth_comp_id_2 
_pdbx_validate_peptide_omega.auth_asym_id_2 
_pdbx_validate_peptide_omega.auth_seq_id_2 
_pdbx_validate_peptide_omega.PDB_ins_code_2 
_pdbx_validate_peptide_omega.label_alt_id_2 
_pdbx_validate_peptide_omega.omega 
1 1 PRO A 137 ? ? GLN A 138 ? ? 127.85 
2 1 LYS A 167 ? ? PRO A 168 ? ? -83.83 
# 
loop_
_pdbx_validate_planes.id 
_pdbx_validate_planes.PDB_model_num 
_pdbx_validate_planes.auth_comp_id 
_pdbx_validate_planes.auth_asym_id 
_pdbx_validate_planes.auth_seq_id 
_pdbx_validate_planes.PDB_ins_code 
_pdbx_validate_planes.label_alt_id 
_pdbx_validate_planes.rmsd 
_pdbx_validate_planes.type 
1 1 TYR A 17  ? ? 0.093 'SIDE CHAIN' 
2 1 ARG A 30  ? ? 0.101 'SIDE CHAIN' 
3 1 ARG A 160 ? ? 0.096 'SIDE CHAIN' 
# 
_pdbx_validate_main_chain_plane.id                       1 
_pdbx_validate_main_chain_plane.PDB_model_num            1 
_pdbx_validate_main_chain_plane.auth_comp_id             PRO 
_pdbx_validate_main_chain_plane.auth_asym_id             A 
_pdbx_validate_main_chain_plane.auth_seq_id              137 
_pdbx_validate_main_chain_plane.PDB_ins_code             ? 
_pdbx_validate_main_chain_plane.label_alt_id             ? 
_pdbx_validate_main_chain_plane.improper_torsion_angle   10.85 
# 
loop_
_pdbx_unobs_or_zero_occ_residues.id 
_pdbx_unobs_or_zero_occ_residues.PDB_model_num 
_pdbx_unobs_or_zero_occ_residues.polymer_flag 
_pdbx_unobs_or_zero_occ_residues.occupancy_flag 
_pdbx_unobs_or_zero_occ_residues.auth_asym_id 
_pdbx_unobs_or_zero_occ_residues.auth_comp_id 
_pdbx_unobs_or_zero_occ_residues.auth_seq_id 
_pdbx_unobs_or_zero_occ_residues.PDB_ins_code 
_pdbx_unobs_or_zero_occ_residues.label_asym_id 
_pdbx_unobs_or_zero_occ_residues.label_comp_id 
_pdbx_unobs_or_zero_occ_residues.label_seq_id 
1 1 Y 1 A ASP 125 ? A ASP 125 
2 1 Y 1 A ASP 126 ? A ASP 126 
3 1 Y 1 A ALA 140 ? A ALA 140 
4 1 Y 1 A GLU 141 ? A GLU 141 
5 1 Y 1 A ASP 142 ? A ASP 142 
6 1 Y 1 A LYS 178 ? A LYS 178 
7 1 Y 1 A GLU 179 ? A GLU 179 
8 1 Y 1 A SER 180 ? A SER 180 
9 1 Y 1 A LEU 181 ? A LEU 181 
# 
loop_
_chem_comp_atom.comp_id 
_chem_comp_atom.atom_id 
_chem_comp_atom.type_symbol 
_chem_comp_atom.pdbx_aromatic_flag 
_chem_comp_atom.pdbx_stereo_config 
_chem_comp_atom.pdbx_ordinal 
ALA N    N N N 1   
ALA CA   C N S 2   
ALA C    C N N 3   
ALA O    O N N 4   
ALA CB   C N N 5   
ALA OXT  O N N 6   
ALA H    H N N 7   
ALA H2   H N N 8   
ALA HA   H N N 9   
ALA HB1  H N N 10  
ALA HB2  H N N 11  
ALA HB3  H N N 12  
ALA HXT  H N N 13  
ARG N    N N N 14  
ARG CA   C N S 15  
ARG C    C N N 16  
ARG O    O N N 17  
ARG CB   C N N 18  
ARG CG   C N N 19  
ARG CD   C N N 20  
ARG NE   N N N 21  
ARG CZ   C N N 22  
ARG NH1  N N N 23  
ARG NH2  N N N 24  
ARG OXT  O N N 25  
ARG H    H N N 26  
ARG H2   H N N 27  
ARG HA   H N N 28  
ARG HB2  H N N 29  
ARG HB3  H N N 30  
ARG HG2  H N N 31  
ARG HG3  H N N 32  
ARG HD2  H N N 33  
ARG HD3  H N N 34  
ARG HE   H N N 35  
ARG HH11 H N N 36  
ARG HH12 H N N 37  
ARG HH21 H N N 38  
ARG HH22 H N N 39  
ARG HXT  H N N 40  
ASN N    N N N 41  
ASN CA   C N S 42  
ASN C    C N N 43  
ASN O    O N N 44  
ASN CB   C N N 45  
ASN CG   C N N 46  
ASN OD1  O N N 47  
ASN ND2  N N N 48  
ASN OXT  O N N 49  
ASN H    H N N 50  
ASN H2   H N N 51  
ASN HA   H N N 52  
ASN HB2  H N N 53  
ASN HB3  H N N 54  
ASN HD21 H N N 55  
ASN HD22 H N N 56  
ASN HXT  H N N 57  
ASP N    N N N 58  
ASP CA   C N S 59  
ASP C    C N N 60  
ASP O    O N N 61  
ASP CB   C N N 62  
ASP CG   C N N 63  
ASP OD1  O N N 64  
ASP OD2  O N N 65  
ASP OXT  O N N 66  
ASP H    H N N 67  
ASP H2   H N N 68  
ASP HA   H N N 69  
ASP HB2  H N N 70  
ASP HB3  H N N 71  
ASP HD2  H N N 72  
ASP HXT  H N N 73  
CYS N    N N N 74  
CYS CA   C N R 75  
CYS C    C N N 76  
CYS O    O N N 77  
CYS CB   C N N 78  
CYS SG   S N N 79  
CYS OXT  O N N 80  
CYS H    H N N 81  
CYS H2   H N N 82  
CYS HA   H N N 83  
CYS HB2  H N N 84  
CYS HB3  H N N 85  
CYS HG   H N N 86  
CYS HXT  H N N 87  
GLN N    N N N 88  
GLN CA   C N S 89  
GLN C    C N N 90  
GLN O    O N N 91  
GLN CB   C N N 92  
GLN CG   C N N 93  
GLN CD   C N N 94  
GLN OE1  O N N 95  
GLN NE2  N N N 96  
GLN OXT  O N N 97  
GLN H    H N N 98  
GLN H2   H N N 99  
GLN HA   H N N 100 
GLN HB2  H N N 101 
GLN HB3  H N N 102 
GLN HG2  H N N 103 
GLN HG3  H N N 104 
GLN HE21 H N N 105 
GLN HE22 H N N 106 
GLN HXT  H N N 107 
GLU N    N N N 108 
GLU CA   C N S 109 
GLU C    C N N 110 
GLU O    O N N 111 
GLU CB   C N N 112 
GLU CG   C N N 113 
GLU CD   C N N 114 
GLU OE1  O N N 115 
GLU OE2  O N N 116 
GLU OXT  O N N 117 
GLU H    H N N 118 
GLU H2   H N N 119 
GLU HA   H N N 120 
GLU HB2  H N N 121 
GLU HB3  H N N 122 
GLU HG2  H N N 123 
GLU HG3  H N N 124 
GLU HE2  H N N 125 
GLU HXT  H N N 126 
GLY N    N N N 127 
GLY CA   C N N 128 
GLY C    C N N 129 
GLY O    O N N 130 
GLY OXT  O N N 131 
GLY H    H N N 132 
GLY H2   H N N 133 
GLY HA2  H N N 134 
GLY HA3  H N N 135 
GLY HXT  H N N 136 
HIS N    N N N 137 
HIS CA   C N S 138 
HIS C    C N N 139 
HIS O    O N N 140 
HIS CB   C N N 141 
HIS CG   C Y N 142 
HIS ND1  N Y N 143 
HIS CD2  C Y N 144 
HIS CE1  C Y N 145 
HIS NE2  N Y N 146 
HIS OXT  O N N 147 
HIS H    H N N 148 
HIS H2   H N N 149 
HIS HA   H N N 150 
HIS HB2  H N N 151 
HIS HB3  H N N 152 
HIS HD1  H N N 153 
HIS HD2  H N N 154 
HIS HE1  H N N 155 
HIS HE2  H N N 156 
HIS HXT  H N N 157 
HOH O    O N N 158 
HOH H1   H N N 159 
HOH H2   H N N 160 
ILE N    N N N 161 
ILE CA   C N S 162 
ILE C    C N N 163 
ILE O    O N N 164 
ILE CB   C N S 165 
ILE CG1  C N N 166 
ILE CG2  C N N 167 
ILE CD1  C N N 168 
ILE OXT  O N N 169 
ILE H    H N N 170 
ILE H2   H N N 171 
ILE HA   H N N 172 
ILE HB   H N N 173 
ILE HG12 H N N 174 
ILE HG13 H N N 175 
ILE HG21 H N N 176 
ILE HG22 H N N 177 
ILE HG23 H N N 178 
ILE HD11 H N N 179 
ILE HD12 H N N 180 
ILE HD13 H N N 181 
ILE HXT  H N N 182 
LEU N    N N N 183 
LEU CA   C N S 184 
LEU C    C N N 185 
LEU O    O N N 186 
LEU CB   C N N 187 
LEU CG   C N N 188 
LEU CD1  C N N 189 
LEU CD2  C N N 190 
LEU OXT  O N N 191 
LEU H    H N N 192 
LEU H2   H N N 193 
LEU HA   H N N 194 
LEU HB2  H N N 195 
LEU HB3  H N N 196 
LEU HG   H N N 197 
LEU HD11 H N N 198 
LEU HD12 H N N 199 
LEU HD13 H N N 200 
LEU HD21 H N N 201 
LEU HD22 H N N 202 
LEU HD23 H N N 203 
LEU HXT  H N N 204 
LYS N    N N N 205 
LYS CA   C N S 206 
LYS C    C N N 207 
LYS O    O N N 208 
LYS CB   C N N 209 
LYS CG   C N N 210 
LYS CD   C N N 211 
LYS CE   C N N 212 
LYS NZ   N N N 213 
LYS OXT  O N N 214 
LYS H    H N N 215 
LYS H2   H N N 216 
LYS HA   H N N 217 
LYS HB2  H N N 218 
LYS HB3  H N N 219 
LYS HG2  H N N 220 
LYS HG3  H N N 221 
LYS HD2  H N N 222 
LYS HD3  H N N 223 
LYS HE2  H N N 224 
LYS HE3  H N N 225 
LYS HZ1  H N N 226 
LYS HZ2  H N N 227 
LYS HZ3  H N N 228 
LYS HXT  H N N 229 
MET N    N N N 230 
MET CA   C N S 231 
MET C    C N N 232 
MET O    O N N 233 
MET CB   C N N 234 
MET CG   C N N 235 
MET SD   S N N 236 
MET CE   C N N 237 
MET OXT  O N N 238 
MET H    H N N 239 
MET H2   H N N 240 
MET HA   H N N 241 
MET HB2  H N N 242 
MET HB3  H N N 243 
MET HG2  H N N 244 
MET HG3  H N N 245 
MET HE1  H N N 246 
MET HE2  H N N 247 
MET HE3  H N N 248 
MET HXT  H N N 249 
PHE N    N N N 250 
PHE CA   C N S 251 
PHE C    C N N 252 
PHE O    O N N 253 
PHE CB   C N N 254 
PHE CG   C Y N 255 
PHE CD1  C Y N 256 
PHE CD2  C Y N 257 
PHE CE1  C Y N 258 
PHE CE2  C Y N 259 
PHE CZ   C Y N 260 
PHE OXT  O N N 261 
PHE H    H N N 262 
PHE H2   H N N 263 
PHE HA   H N N 264 
PHE HB2  H N N 265 
PHE HB3  H N N 266 
PHE HD1  H N N 267 
PHE HD2  H N N 268 
PHE HE1  H N N 269 
PHE HE2  H N N 270 
PHE HZ   H N N 271 
PHE HXT  H N N 272 
PRO N    N N N 273 
PRO CA   C N S 274 
PRO C    C N N 275 
PRO O    O N N 276 
PRO CB   C N N 277 
PRO CG   C N N 278 
PRO CD   C N N 279 
PRO OXT  O N N 280 
PRO H    H N N 281 
PRO HA   H N N 282 
PRO HB2  H N N 283 
PRO HB3  H N N 284 
PRO HG2  H N N 285 
PRO HG3  H N N 286 
PRO HD2  H N N 287 
PRO HD3  H N N 288 
PRO HXT  H N N 289 
SER N    N N N 290 
SER CA   C N S 291 
SER C    C N N 292 
SER O    O N N 293 
SER CB   C N N 294 
SER OG   O N N 295 
SER OXT  O N N 296 
SER H    H N N 297 
SER H2   H N N 298 
SER HA   H N N 299 
SER HB2  H N N 300 
SER HB3  H N N 301 
SER HG   H N N 302 
SER HXT  H N N 303 
THR N    N N N 304 
THR CA   C N S 305 
THR C    C N N 306 
THR O    O N N 307 
THR CB   C N R 308 
THR OG1  O N N 309 
THR CG2  C N N 310 
THR OXT  O N N 311 
THR H    H N N 312 
THR H2   H N N 313 
THR HA   H N N 314 
THR HB   H N N 315 
THR HG1  H N N 316 
THR HG21 H N N 317 
THR HG22 H N N 318 
THR HG23 H N N 319 
THR HXT  H N N 320 
TRP N    N N N 321 
TRP CA   C N S 322 
TRP C    C N N 323 
TRP O    O N N 324 
TRP CB   C N N 325 
TRP CG   C Y N 326 
TRP CD1  C Y N 327 
TRP CD2  C Y N 328 
TRP NE1  N Y N 329 
TRP CE2  C Y N 330 
TRP CE3  C Y N 331 
TRP CZ2  C Y N 332 
TRP CZ3  C Y N 333 
TRP CH2  C Y N 334 
TRP OXT  O N N 335 
TRP H    H N N 336 
TRP H2   H N N 337 
TRP HA   H N N 338 
TRP HB2  H N N 339 
TRP HB3  H N N 340 
TRP HD1  H N N 341 
TRP HE1  H N N 342 
TRP HE3  H N N 343 
TRP HZ2  H N N 344 
TRP HZ3  H N N 345 
TRP HH2  H N N 346 
TRP HXT  H N N 347 
TYR N    N N N 348 
TYR CA   C N S 349 
TYR C    C N N 350 
TYR O    O N N 351 
TYR CB   C N N 352 
TYR CG   C Y N 353 
TYR CD1  C Y N 354 
TYR CD2  C Y N 355 
TYR CE1  C Y N 356 
TYR CE2  C Y N 357 
TYR CZ   C Y N 358 
TYR OH   O N N 359 
TYR OXT  O N N 360 
TYR H    H N N 361 
TYR H2   H N N 362 
TYR HA   H N N 363 
TYR HB2  H N N 364 
TYR HB3  H N N 365 
TYR HD1  H N N 366 
TYR HD2  H N N 367 
TYR HE1  H N N 368 
TYR HE2  H N N 369 
TYR HH   H N N 370 
TYR HXT  H N N 371 
VAL N    N N N 372 
VAL CA   C N S 373 
VAL C    C N N 374 
VAL O    O N N 375 
VAL CB   C N N 376 
VAL CG1  C N N 377 
VAL CG2  C N N 378 
VAL OXT  O N N 379 
VAL H    H N N 380 
VAL H2   H N N 381 
VAL HA   H N N 382 
VAL HB   H N N 383 
VAL HG11 H N N 384 
VAL HG12 H N N 385 
VAL HG13 H N N 386 
VAL HG21 H N N 387 
VAL HG22 H N N 388 
VAL HG23 H N N 389 
VAL HXT  H N N 390 
# 
loop_
_chem_comp_bond.comp_id 
_chem_comp_bond.atom_id_1 
_chem_comp_bond.atom_id_2 
_chem_comp_bond.value_order 
_chem_comp_bond.pdbx_aromatic_flag 
_chem_comp_bond.pdbx_stereo_config 
_chem_comp_bond.pdbx_ordinal 
ALA N   CA   sing N N 1   
ALA N   H    sing N N 2   
ALA N   H2   sing N N 3   
ALA CA  C    sing N N 4   
ALA CA  CB   sing N N 5   
ALA CA  HA   sing N N 6   
ALA C   O    doub N N 7   
ALA C   OXT  sing N N 8   
ALA CB  HB1  sing N N 9   
ALA CB  HB2  sing N N 10  
ALA CB  HB3  sing N N 11  
ALA OXT HXT  sing N N 12  
ARG N   CA   sing N N 13  
ARG N   H    sing N N 14  
ARG N   H2   sing N N 15  
ARG CA  C    sing N N 16  
ARG CA  CB   sing N N 17  
ARG CA  HA   sing N N 18  
ARG C   O    doub N N 19  
ARG C   OXT  sing N N 20  
ARG CB  CG   sing N N 21  
ARG CB  HB2  sing N N 22  
ARG CB  HB3  sing N N 23  
ARG CG  CD   sing N N 24  
ARG CG  HG2  sing N N 25  
ARG CG  HG3  sing N N 26  
ARG CD  NE   sing N N 27  
ARG CD  HD2  sing N N 28  
ARG CD  HD3  sing N N 29  
ARG NE  CZ   sing N N 30  
ARG NE  HE   sing N N 31  
ARG CZ  NH1  sing N N 32  
ARG CZ  NH2  doub N N 33  
ARG NH1 HH11 sing N N 34  
ARG NH1 HH12 sing N N 35  
ARG NH2 HH21 sing N N 36  
ARG NH2 HH22 sing N N 37  
ARG OXT HXT  sing N N 38  
ASN N   CA   sing N N 39  
ASN N   H    sing N N 40  
ASN N   H2   sing N N 41  
ASN CA  C    sing N N 42  
ASN CA  CB   sing N N 43  
ASN CA  HA   sing N N 44  
ASN C   O    doub N N 45  
ASN C   OXT  sing N N 46  
ASN CB  CG   sing N N 47  
ASN CB  HB2  sing N N 48  
ASN CB  HB3  sing N N 49  
ASN CG  OD1  doub N N 50  
ASN CG  ND2  sing N N 51  
ASN ND2 HD21 sing N N 52  
ASN ND2 HD22 sing N N 53  
ASN OXT HXT  sing N N 54  
ASP N   CA   sing N N 55  
ASP N   H    sing N N 56  
ASP N   H2   sing N N 57  
ASP CA  C    sing N N 58  
ASP CA  CB   sing N N 59  
ASP CA  HA   sing N N 60  
ASP C   O    doub N N 61  
ASP C   OXT  sing N N 62  
ASP CB  CG   sing N N 63  
ASP CB  HB2  sing N N 64  
ASP CB  HB3  sing N N 65  
ASP CG  OD1  doub N N 66  
ASP CG  OD2  sing N N 67  
ASP OD2 HD2  sing N N 68  
ASP OXT HXT  sing N N 69  
CYS N   CA   sing N N 70  
CYS N   H    sing N N 71  
CYS N   H2   sing N N 72  
CYS CA  C    sing N N 73  
CYS CA  CB   sing N N 74  
CYS CA  HA   sing N N 75  
CYS C   O    doub N N 76  
CYS C   OXT  sing N N 77  
CYS CB  SG   sing N N 78  
CYS CB  HB2  sing N N 79  
CYS CB  HB3  sing N N 80  
CYS SG  HG   sing N N 81  
CYS OXT HXT  sing N N 82  
GLN N   CA   sing N N 83  
GLN N   H    sing N N 84  
GLN N   H2   sing N N 85  
GLN CA  C    sing N N 86  
GLN CA  CB   sing N N 87  
GLN CA  HA   sing N N 88  
GLN C   O    doub N N 89  
GLN C   OXT  sing N N 90  
GLN CB  CG   sing N N 91  
GLN CB  HB2  sing N N 92  
GLN CB  HB3  sing N N 93  
GLN CG  CD   sing N N 94  
GLN CG  HG2  sing N N 95  
GLN CG  HG3  sing N N 96  
GLN CD  OE1  doub N N 97  
GLN CD  NE2  sing N N 98  
GLN NE2 HE21 sing N N 99  
GLN NE2 HE22 sing N N 100 
GLN OXT HXT  sing N N 101 
GLU N   CA   sing N N 102 
GLU N   H    sing N N 103 
GLU N   H2   sing N N 104 
GLU CA  C    sing N N 105 
GLU CA  CB   sing N N 106 
GLU CA  HA   sing N N 107 
GLU C   O    doub N N 108 
GLU C   OXT  sing N N 109 
GLU CB  CG   sing N N 110 
GLU CB  HB2  sing N N 111 
GLU CB  HB3  sing N N 112 
GLU CG  CD   sing N N 113 
GLU CG  HG2  sing N N 114 
GLU CG  HG3  sing N N 115 
GLU CD  OE1  doub N N 116 
GLU CD  OE2  sing N N 117 
GLU OE2 HE2  sing N N 118 
GLU OXT HXT  sing N N 119 
GLY N   CA   sing N N 120 
GLY N   H    sing N N 121 
GLY N   H2   sing N N 122 
GLY CA  C    sing N N 123 
GLY CA  HA2  sing N N 124 
GLY CA  HA3  sing N N 125 
GLY C   O    doub N N 126 
GLY C   OXT  sing N N 127 
GLY OXT HXT  sing N N 128 
HIS N   CA   sing N N 129 
HIS N   H    sing N N 130 
HIS N   H2   sing N N 131 
HIS CA  C    sing N N 132 
HIS CA  CB   sing N N 133 
HIS CA  HA   sing N N 134 
HIS C   O    doub N N 135 
HIS C   OXT  sing N N 136 
HIS CB  CG   sing N N 137 
HIS CB  HB2  sing N N 138 
HIS CB  HB3  sing N N 139 
HIS CG  ND1  sing Y N 140 
HIS CG  CD2  doub Y N 141 
HIS ND1 CE1  doub Y N 142 
HIS ND1 HD1  sing N N 143 
HIS CD2 NE2  sing Y N 144 
HIS CD2 HD2  sing N N 145 
HIS CE1 NE2  sing Y N 146 
HIS CE1 HE1  sing N N 147 
HIS NE2 HE2  sing N N 148 
HIS OXT HXT  sing N N 149 
HOH O   H1   sing N N 150 
HOH O   H2   sing N N 151 
ILE N   CA   sing N N 152 
ILE N   H    sing N N 153 
ILE N   H2   sing N N 154 
ILE CA  C    sing N N 155 
ILE CA  CB   sing N N 156 
ILE CA  HA   sing N N 157 
ILE C   O    doub N N 158 
ILE C   OXT  sing N N 159 
ILE CB  CG1  sing N N 160 
ILE CB  CG2  sing N N 161 
ILE CB  HB   sing N N 162 
ILE CG1 CD1  sing N N 163 
ILE CG1 HG12 sing N N 164 
ILE CG1 HG13 sing N N 165 
ILE CG2 HG21 sing N N 166 
ILE CG2 HG22 sing N N 167 
ILE CG2 HG23 sing N N 168 
ILE CD1 HD11 sing N N 169 
ILE CD1 HD12 sing N N 170 
ILE CD1 HD13 sing N N 171 
ILE OXT HXT  sing N N 172 
LEU N   CA   sing N N 173 
LEU N   H    sing N N 174 
LEU N   H2   sing N N 175 
LEU CA  C    sing N N 176 
LEU CA  CB   sing N N 177 
LEU CA  HA   sing N N 178 
LEU C   O    doub N N 179 
LEU C   OXT  sing N N 180 
LEU CB  CG   sing N N 181 
LEU CB  HB2  sing N N 182 
LEU CB  HB3  sing N N 183 
LEU CG  CD1  sing N N 184 
LEU CG  CD2  sing N N 185 
LEU CG  HG   sing N N 186 
LEU CD1 HD11 sing N N 187 
LEU CD1 HD12 sing N N 188 
LEU CD1 HD13 sing N N 189 
LEU CD2 HD21 sing N N 190 
LEU CD2 HD22 sing N N 191 
LEU CD2 HD23 sing N N 192 
LEU OXT HXT  sing N N 193 
LYS N   CA   sing N N 194 
LYS N   H    sing N N 195 
LYS N   H2   sing N N 196 
LYS CA  C    sing N N 197 
LYS CA  CB   sing N N 198 
LYS CA  HA   sing N N 199 
LYS C   O    doub N N 200 
LYS C   OXT  sing N N 201 
LYS CB  CG   sing N N 202 
LYS CB  HB2  sing N N 203 
LYS CB  HB3  sing N N 204 
LYS CG  CD   sing N N 205 
LYS CG  HG2  sing N N 206 
LYS CG  HG3  sing N N 207 
LYS CD  CE   sing N N 208 
LYS CD  HD2  sing N N 209 
LYS CD  HD3  sing N N 210 
LYS CE  NZ   sing N N 211 
LYS CE  HE2  sing N N 212 
LYS CE  HE3  sing N N 213 
LYS NZ  HZ1  sing N N 214 
LYS NZ  HZ2  sing N N 215 
LYS NZ  HZ3  sing N N 216 
LYS OXT HXT  sing N N 217 
MET N   CA   sing N N 218 
MET N   H    sing N N 219 
MET N   H2   sing N N 220 
MET CA  C    sing N N 221 
MET CA  CB   sing N N 222 
MET CA  HA   sing N N 223 
MET C   O    doub N N 224 
MET C   OXT  sing N N 225 
MET CB  CG   sing N N 226 
MET CB  HB2  sing N N 227 
MET CB  HB3  sing N N 228 
MET CG  SD   sing N N 229 
MET CG  HG2  sing N N 230 
MET CG  HG3  sing N N 231 
MET SD  CE   sing N N 232 
MET CE  HE1  sing N N 233 
MET CE  HE2  sing N N 234 
MET CE  HE3  sing N N 235 
MET OXT HXT  sing N N 236 
PHE N   CA   sing N N 237 
PHE N   H    sing N N 238 
PHE N   H2   sing N N 239 
PHE CA  C    sing N N 240 
PHE CA  CB   sing N N 241 
PHE CA  HA   sing N N 242 
PHE C   O    doub N N 243 
PHE C   OXT  sing N N 244 
PHE CB  CG   sing N N 245 
PHE CB  HB2  sing N N 246 
PHE CB  HB3  sing N N 247 
PHE CG  CD1  doub Y N 248 
PHE CG  CD2  sing Y N 249 
PHE CD1 CE1  sing Y N 250 
PHE CD1 HD1  sing N N 251 
PHE CD2 CE2  doub Y N 252 
PHE CD2 HD2  sing N N 253 
PHE CE1 CZ   doub Y N 254 
PHE CE1 HE1  sing N N 255 
PHE CE2 CZ   sing Y N 256 
PHE CE2 HE2  sing N N 257 
PHE CZ  HZ   sing N N 258 
PHE OXT HXT  sing N N 259 
PRO N   CA   sing N N 260 
PRO N   CD   sing N N 261 
PRO N   H    sing N N 262 
PRO CA  C    sing N N 263 
PRO CA  CB   sing N N 264 
PRO CA  HA   sing N N 265 
PRO C   O    doub N N 266 
PRO C   OXT  sing N N 267 
PRO CB  CG   sing N N 268 
PRO CB  HB2  sing N N 269 
PRO CB  HB3  sing N N 270 
PRO CG  CD   sing N N 271 
PRO CG  HG2  sing N N 272 
PRO CG  HG3  sing N N 273 
PRO CD  HD2  sing N N 274 
PRO CD  HD3  sing N N 275 
PRO OXT HXT  sing N N 276 
SER N   CA   sing N N 277 
SER N   H    sing N N 278 
SER N   H2   sing N N 279 
SER CA  C    sing N N 280 
SER CA  CB   sing N N 281 
SER CA  HA   sing N N 282 
SER C   O    doub N N 283 
SER C   OXT  sing N N 284 
SER CB  OG   sing N N 285 
SER CB  HB2  sing N N 286 
SER CB  HB3  sing N N 287 
SER OG  HG   sing N N 288 
SER OXT HXT  sing N N 289 
THR N   CA   sing N N 290 
THR N   H    sing N N 291 
THR N   H2   sing N N 292 
THR CA  C    sing N N 293 
THR CA  CB   sing N N 294 
THR CA  HA   sing N N 295 
THR C   O    doub N N 296 
THR C   OXT  sing N N 297 
THR CB  OG1  sing N N 298 
THR CB  CG2  sing N N 299 
THR CB  HB   sing N N 300 
THR OG1 HG1  sing N N 301 
THR CG2 HG21 sing N N 302 
THR CG2 HG22 sing N N 303 
THR CG2 HG23 sing N N 304 
THR OXT HXT  sing N N 305 
TRP N   CA   sing N N 306 
TRP N   H    sing N N 307 
TRP N   H2   sing N N 308 
TRP CA  C    sing N N 309 
TRP CA  CB   sing N N 310 
TRP CA  HA   sing N N 311 
TRP C   O    doub N N 312 
TRP C   OXT  sing N N 313 
TRP CB  CG   sing N N 314 
TRP CB  HB2  sing N N 315 
TRP CB  HB3  sing N N 316 
TRP CG  CD1  doub Y N 317 
TRP CG  CD2  sing Y N 318 
TRP CD1 NE1  sing Y N 319 
TRP CD1 HD1  sing N N 320 
TRP CD2 CE2  doub Y N 321 
TRP CD2 CE3  sing Y N 322 
TRP NE1 CE2  sing Y N 323 
TRP NE1 HE1  sing N N 324 
TRP CE2 CZ2  sing Y N 325 
TRP CE3 CZ3  doub Y N 326 
TRP CE3 HE3  sing N N 327 
TRP CZ2 CH2  doub Y N 328 
TRP CZ2 HZ2  sing N N 329 
TRP CZ3 CH2  sing Y N 330 
TRP CZ3 HZ3  sing N N 331 
TRP CH2 HH2  sing N N 332 
TRP OXT HXT  sing N N 333 
TYR N   CA   sing N N 334 
TYR N   H    sing N N 335 
TYR N   H2   sing N N 336 
TYR CA  C    sing N N 337 
TYR CA  CB   sing N N 338 
TYR CA  HA   sing N N 339 
TYR C   O    doub N N 340 
TYR C   OXT  sing N N 341 
TYR CB  CG   sing N N 342 
TYR CB  HB2  sing N N 343 
TYR CB  HB3  sing N N 344 
TYR CG  CD1  doub Y N 345 
TYR CG  CD2  sing Y N 346 
TYR CD1 CE1  sing Y N 347 
TYR CD1 HD1  sing N N 348 
TYR CD2 CE2  doub Y N 349 
TYR CD2 HD2  sing N N 350 
TYR CE1 CZ   doub Y N 351 
TYR CE1 HE1  sing N N 352 
TYR CE2 CZ   sing Y N 353 
TYR CE2 HE2  sing N N 354 
TYR CZ  OH   sing N N 355 
TYR OH  HH   sing N N 356 
TYR OXT HXT  sing N N 357 
VAL N   CA   sing N N 358 
VAL N   H    sing N N 359 
VAL N   H2   sing N N 360 
VAL CA  C    sing N N 361 
VAL CA  CB   sing N N 362 
VAL CA  HA   sing N N 363 
VAL C   O    doub N N 364 
VAL C   OXT  sing N N 365 
VAL CB  CG1  sing N N 366 
VAL CB  CG2  sing N N 367 
VAL CB  HB   sing N N 368 
VAL CG1 HG11 sing N N 369 
VAL CG1 HG12 sing N N 370 
VAL CG1 HG13 sing N N 371 
VAL CG2 HG21 sing N N 372 
VAL CG2 HG22 sing N N 373 
VAL CG2 HG23 sing N N 374 
VAL OXT HXT  sing N N 375 
# 
_pdbx_initial_refinement_model.id               1 
_pdbx_initial_refinement_model.entity_id_list   ? 
_pdbx_initial_refinement_model.type             'experimental model' 
_pdbx_initial_refinement_model.source_name      PDB 
_pdbx_initial_refinement_model.accession_code   1TIE 
_pdbx_initial_refinement_model.details          ? 
# 
_atom_sites.entry_id                    1AVU 
_atom_sites.fract_transf_matrix[1][1]   0.00881773 
_atom_sites.fract_transf_matrix[1][2]   0.02373452 
_atom_sites.fract_transf_matrix[1][3]   -0.00156699 
_atom_sites.fract_transf_matrix[2][1]   0.01053955 
_atom_sites.fract_transf_matrix[2][2]   -0.00475784 
_atom_sites.fract_transf_matrix[2][3]   -0.01275697 
_atom_sites.fract_transf_matrix[3][1]   -0.00737189 
_atom_sites.fract_transf_matrix[3][2]   0.00228051 
_atom_sites.fract_transf_matrix[3][3]   -0.00694105 
_atom_sites.fract_transf_vector[1]      0.268622 
_atom_sites.fract_transf_vector[2]      0.279084 
_atom_sites.fract_transf_vector[3]      0.333105 
# 
loop_
_atom_type.symbol 
C 
N 
O 
S 
# 
loop_
_atom_site.group_PDB 
_atom_site.id 
_atom_site.type_symbol 
_atom_site.label_atom_id 
_atom_site.label_alt_id 
_atom_site.label_comp_id 
_atom_site.label_asym_id 
_atom_site.label_entity_id 
_atom_site.label_seq_id 
_atom_site.pdbx_PDB_ins_code 
_atom_site.Cartn_x 
_atom_site.Cartn_y 
_atom_site.Cartn_z 
_atom_site.occupancy 
_atom_site.B_iso_or_equiv 
_atom_site.pdbx_formal_charge 
_atom_site.auth_seq_id 
_atom_site.auth_comp_id 
_atom_site.auth_asym_id 
_atom_site.auth_atom_id 
_atom_site.pdbx_PDB_model_num 
ATOM   1    N N   . ASP A 1 1   ? 14.776  -13.626 -8.222  1.00 73.20  ? 1   ASP A N   1 
ATOM   2    C CA  . ASP A 1 1   ? 13.875  -12.445 -8.432  1.00 71.35  ? 1   ASP A CA  1 
ATOM   3    C C   . ASP A 1 1   ? 13.396  -11.792 -7.122  1.00 66.47  ? 1   ASP A C   1 
ATOM   4    O O   . ASP A 1 1   ? 12.220  -11.426 -6.986  1.00 70.13  ? 1   ASP A O   1 
ATOM   5    C CB  . ASP A 1 1   ? 12.669  -12.841 -9.305  1.00 76.61  ? 1   ASP A CB  1 
ATOM   6    C CG  . ASP A 1 1   ? 12.168  -14.262 -9.024  1.00 79.16  ? 1   ASP A CG  1 
ATOM   7    O OD1 . ASP A 1 1   ? 12.693  -15.218 -9.647  1.00 81.22  ? 1   ASP A OD1 1 
ATOM   8    O OD2 . ASP A 1 1   ? 11.222  -14.413 -8.216  1.00 74.98  ? 1   ASP A OD2 1 
ATOM   9    N N   . PHE A 1 2   ? 14.329  -11.628 -6.182  1.00 58.85  ? 2   PHE A N   1 
ATOM   10   C CA  . PHE A 1 2   ? 14.116  -10.898 -4.931  1.00 45.69  ? 2   PHE A CA  1 
ATOM   11   C C   . PHE A 1 2   ? 13.822  -9.421  -5.062  1.00 44.85  ? 2   PHE A C   1 
ATOM   12   O O   . PHE A 1 2   ? 14.351  -8.748  -5.958  1.00 39.43  ? 2   PHE A O   1 
ATOM   13   C CB  . PHE A 1 2   ? 15.312  -11.061 -4.033  1.00 31.49  ? 2   PHE A CB  1 
ATOM   14   C CG  . PHE A 1 2   ? 15.337  -12.365 -3.336  1.00 42.95  ? 2   PHE A CG  1 
ATOM   15   C CD1 . PHE A 1 2   ? 14.164  -13.080 -3.164  1.00 45.14  ? 2   PHE A CD1 1 
ATOM   16   C CD2 . PHE A 1 2   ? 16.518  -12.880 -2.838  1.00 44.86  ? 2   PHE A CD2 1 
ATOM   17   C CE1 . PHE A 1 2   ? 14.169  -14.289 -2.499  1.00 59.84  ? 2   PHE A CE1 1 
ATOM   18   C CE2 . PHE A 1 2   ? 16.539  -14.089 -2.172  1.00 47.59  ? 2   PHE A CE2 1 
ATOM   19   C CZ  . PHE A 1 2   ? 15.364  -14.798 -1.998  1.00 54.75  ? 2   PHE A CZ  1 
ATOM   20   N N   . VAL A 1 3   ? 12.906  -8.952  -4.210  1.00 36.05  ? 3   VAL A N   1 
ATOM   21   C CA  . VAL A 1 3   ? 12.552  -7.541  -4.157  1.00 29.36  ? 3   VAL A CA  1 
ATOM   22   C C   . VAL A 1 3   ? 13.569  -6.829  -3.263  1.00 21.94  ? 3   VAL A C   1 
ATOM   23   O O   . VAL A 1 3   ? 14.017  -7.388  -2.265  1.00 22.91  ? 3   VAL A O   1 
ATOM   24   C CB  . VAL A 1 3   ? 11.106  -7.344  -3.632  1.00 30.12  ? 3   VAL A CB  1 
ATOM   25   C CG1 . VAL A 1 3   ? 10.734  -5.875  -3.677  1.00 19.41  ? 3   VAL A CG1 1 
ATOM   26   C CG2 . VAL A 1 3   ? 10.103  -8.161  -4.474  1.00 15.47  ? 3   VAL A CG2 1 
ATOM   27   N N   . LEU A 1 4   ? 14.052  -5.677  -3.728  1.00 25.24  ? 4   LEU A N   1 
ATOM   28   C CA  . LEU A 1 4   ? 15.202  -4.997  -3.121  1.00 27.42  ? 4   LEU A CA  1 
ATOM   29   C C   . LEU A 1 4   ? 14.893  -3.605  -2.531  1.00 26.86  ? 4   LEU A C   1 
ATOM   30   O O   . LEU A 1 4   ? 14.162  -2.822  -3.128  1.00 20.34  ? 4   LEU A O   1 
ATOM   31   C CB  . LEU A 1 4   ? 16.329  -4.881  -4.157  1.00 26.82  ? 4   LEU A CB  1 
ATOM   32   C CG  . LEU A 1 4   ? 16.868  -6.218  -4.672  1.00 22.57  ? 4   LEU A CG  1 
ATOM   33   C CD1 . LEU A 1 4   ? 17.788  -5.975  -5.811  1.00 31.67  ? 4   LEU A CD1 1 
ATOM   34   C CD2 . LEU A 1 4   ? 17.596  -6.960  -3.566  1.00 32.79  ? 4   LEU A CD2 1 
ATOM   35   N N   . ASP A 1 5   ? 15.377  -3.334  -1.318  1.00 28.85  ? 5   ASP A N   1 
ATOM   36   C CA  . ASP A 1 5   ? 15.192  -2.004  -0.749  1.00 28.31  ? 5   ASP A CA  1 
ATOM   37   C C   . ASP A 1 5   ? 16.158  -1.054  -1.466  1.00 30.52  ? 5   ASP A C   1 
ATOM   38   O O   . ASP A 1 5   ? 17.167  -1.508  -1.995  1.00 39.94  ? 5   ASP A O   1 
ATOM   39   C CB  . ASP A 1 5   ? 15.371  -2.025  0.794   1.00 13.86  ? 5   ASP A CB  1 
ATOM   40   C CG  . ASP A 1 5   ? 16.794  -2.296  1.250   1.00 24.35  ? 5   ASP A CG  1 
ATOM   41   O OD1 . ASP A 1 5   ? 17.736  -2.211  0.450   1.00 30.45  ? 5   ASP A OD1 1 
ATOM   42   O OD2 . ASP A 1 5   ? 17.008  -2.437  2.473   1.00 14.48  ? 5   ASP A OD2 1 
ATOM   43   N N   . ASN A 1 6   ? 15.813  0.222   -1.594  1.00 26.92  ? 6   ASN A N   1 
ATOM   44   C CA  . ASN A 1 6   ? 16.709  1.168   -2.235  1.00 27.52  ? 6   ASN A CA  1 
ATOM   45   C C   . ASN A 1 6   ? 18.084  1.276   -1.572  1.00 25.94  ? 6   ASN A C   1 
ATOM   46   O O   . ASN A 1 6   ? 18.812  2.219   -1.825  1.00 29.00  ? 6   ASN A O   1 
ATOM   47   C CB  . ASN A 1 6   ? 16.058  2.565   -2.385  1.00 32.24  ? 6   ASN A CB  1 
ATOM   48   C CG  . ASN A 1 6   ? 15.776  3.278   -1.041  1.00 31.33  ? 6   ASN A CG  1 
ATOM   49   O OD1 . ASN A 1 6   ? 16.282  2.907   0.019   1.00 26.72  ? 6   ASN A OD1 1 
ATOM   50   N ND2 . ASN A 1 6   ? 14.996  4.354   -1.111  1.00 28.65  ? 6   ASN A ND2 1 
ATOM   51   N N   . GLU A 1 7   ? 18.491  0.253   -0.829  1.00 26.31  ? 7   GLU A N   1 
ATOM   52   C CA  . GLU A 1 7   ? 19.913  0.040   -0.557  1.00 29.22  ? 7   GLU A CA  1 
ATOM   53   C C   . GLU A 1 7   ? 20.412  -1.261  -1.207  1.00 34.64  ? 7   GLU A C   1 
ATOM   54   O O   . GLU A 1 7   ? 21.544  -1.693  -0.964  1.00 36.21  ? 7   GLU A O   1 
ATOM   55   C CB  . GLU A 1 7   ? 20.175  0.025   0.948   1.00 29.90  ? 7   GLU A CB  1 
ATOM   56   C CG  . GLU A 1 7   ? 19.652  1.279   1.653   1.00 51.87  ? 7   GLU A CG  1 
ATOM   57   C CD  . GLU A 1 7   ? 19.901  1.274   3.151   1.00 59.18  ? 7   GLU A CD  1 
ATOM   58   O OE1 . GLU A 1 7   ? 21.086  1.247   3.549   1.00 73.36  ? 7   GLU A OE1 1 
ATOM   59   O OE2 . GLU A 1 7   ? 18.923  1.331   3.929   1.00 53.68  ? 7   GLU A OE2 1 
ATOM   60   N N   . GLY A 1 8   ? 19.617  -1.795  -2.134  1.00 36.71  ? 8   GLY A N   1 
ATOM   61   C CA  . GLY A 1 8   ? 19.962  -3.021  -2.824  1.00 31.60  ? 8   GLY A CA  1 
ATOM   62   C C   . GLY A 1 8   ? 20.018  -4.217  -1.893  1.00 37.05  ? 8   GLY A C   1 
ATOM   63   O O   . GLY A 1 8   ? 20.771  -5.155  -2.127  1.00 43.77  ? 8   GLY A O   1 
ATOM   64   N N   . ASN A 1 9   ? 19.289  -4.155  -0.789  1.00 32.31  ? 9   ASN A N   1 
ATOM   65   C CA  . ASN A 1 9   ? 19.151  -5.302  0.095   1.00 29.26  ? 9   ASN A CA  1 
ATOM   66   C C   . ASN A 1 9   ? 17.747  -5.849  -0.053  1.00 29.49  ? 9   ASN A C   1 
ATOM   67   O O   . ASN A 1 9   ? 16.787  -5.081  -0.052  1.00 35.12  ? 9   ASN A O   1 
ATOM   68   C CB  . ASN A 1 9   ? 19.361  -4.876  1.539   1.00 42.64  ? 9   ASN A CB  1 
ATOM   69   C CG  . ASN A 1 9   ? 20.803  -4.813  1.905   1.00 55.34  ? 9   ASN A CG  1 
ATOM   70   O OD1 . ASN A 1 9   ? 21.635  -5.491  1.288   1.00 68.87  ? 9   ASN A OD1 1 
ATOM   71   N ND2 . ASN A 1 9   ? 21.129  -4.026  2.926   1.00 59.74  ? 9   ASN A ND2 1 
ATOM   72   N N   . PRO A 1 10  ? 17.598  -7.183  -0.127  1.00 30.16  ? 10  PRO A N   1 
ATOM   73   C CA  . PRO A 1 10  ? 16.272  -7.775  -0.348  1.00 32.32  ? 10  PRO A CA  1 
ATOM   74   C C   . PRO A 1 10  ? 15.353  -7.545  0.859   1.00 30.95  ? 10  PRO A C   1 
ATOM   75   O O   . PRO A 1 10  ? 15.826  -7.531  2.011   1.00 23.10  ? 10  PRO A O   1 
ATOM   76   C CB  . PRO A 1 10  ? 16.593  -9.252  -0.538  1.00 27.82  ? 10  PRO A CB  1 
ATOM   77   C CG  . PRO A 1 10  ? 17.719  -9.463  0.408   1.00 25.72  ? 10  PRO A CG  1 
ATOM   78   C CD  . PRO A 1 10  ? 18.572  -8.211  0.277   1.00 21.97  ? 10  PRO A CD  1 
ATOM   79   N N   . LEU A 1 11  ? 14.065  -7.315  0.585   1.00 33.37  ? 11  LEU A N   1 
ATOM   80   C CA  . LEU A 1 11  ? 13.044  -7.164  1.642   1.00 31.74  ? 11  LEU A CA  1 
ATOM   81   C C   . LEU A 1 11  ? 13.006  -8.385  2.574   1.00 29.29  ? 11  LEU A C   1 
ATOM   82   O O   . LEU A 1 11  ? 12.770  -9.511  2.135   1.00 35.45  ? 11  LEU A O   1 
ATOM   83   C CB  . LEU A 1 11  ? 11.640  -6.956  1.037   1.00 7.73   ? 11  LEU A CB  1 
ATOM   84   C CG  . LEU A 1 11  ? 11.121  -5.554  0.753   1.00 11.26  ? 11  LEU A CG  1 
ATOM   85   C CD1 . LEU A 1 11  ? 12.191  -4.763  0.107   1.00 13.28  ? 11  LEU A CD1 1 
ATOM   86   C CD2 . LEU A 1 11  ? 9.951   -5.601  -0.156  1.00 2.00   ? 11  LEU A CD2 1 
ATOM   87   N N   . GLU A 1 12  ? 13.213  -8.146  3.864   1.00 29.16  ? 12  GLU A N   1 
ATOM   88   C CA  . GLU A 1 12  ? 12.918  -9.135  4.897   1.00 28.84  ? 12  GLU A CA  1 
ATOM   89   C C   . GLU A 1 12  ? 11.418  -9.378  5.019   1.00 26.95  ? 12  GLU A C   1 
ATOM   90   O O   . GLU A 1 12  ? 10.628  -8.433  5.100   1.00 29.95  ? 12  GLU A O   1 
ATOM   91   C CB  . GLU A 1 12  ? 13.436  -8.653  6.246   1.00 33.41  ? 12  GLU A CB  1 
ATOM   92   C CG  . GLU A 1 12  ? 14.531  -9.497  6.805   1.00 37.40  ? 12  GLU A CG  1 
ATOM   93   C CD  . GLU A 1 12  ? 15.831  -8.778  6.783   1.00 39.62  ? 12  GLU A CD  1 
ATOM   94   O OE1 . GLU A 1 12  ? 16.381  -8.559  5.682   1.00 47.52  ? 12  GLU A OE1 1 
ATOM   95   O OE2 . GLU A 1 12  ? 16.271  -8.370  7.872   1.00 57.69  ? 12  GLU A OE2 1 
ATOM   96   N N   . ASN A 1 13  ? 11.036  -10.650 5.044   1.00 28.74  ? 13  ASN A N   1 
ATOM   97   C CA  . ASN A 1 13  ? 9.654   -11.044 5.319   1.00 24.88  ? 13  ASN A CA  1 
ATOM   98   C C   . ASN A 1 13  ? 9.252   -10.673 6.734   1.00 19.71  ? 13  ASN A C   1 
ATOM   99   O O   . ASN A 1 13  ? 9.770   -11.236 7.684   1.00 24.17  ? 13  ASN A O   1 
ATOM   100  C CB  . ASN A 1 13  ? 9.485   -12.555 5.134   1.00 26.61  ? 13  ASN A CB  1 
ATOM   101  C CG  . ASN A 1 13  ? 8.063   -13.015 5.385   1.00 33.46  ? 13  ASN A CG  1 
ATOM   102  O OD1 . ASN A 1 13  ? 7.106   -12.371 4.979   1.00 39.17  ? 13  ASN A OD1 1 
ATOM   103  N ND2 . ASN A 1 13  ? 7.924   -14.152 6.014   1.00 34.18  ? 13  ASN A ND2 1 
ATOM   104  N N   . GLY A 1 14  ? 8.388   -9.677  6.881   1.00 26.43  ? 14  GLY A N   1 
ATOM   105  C CA  . GLY A 1 14  ? 7.929   -9.300  8.206   1.00 19.66  ? 14  GLY A CA  1 
ATOM   106  C C   . GLY A 1 14  ? 8.652   -8.079  8.735   1.00 26.18  ? 14  GLY A C   1 
ATOM   107  O O   . GLY A 1 14  ? 8.614   -7.765  9.940   1.00 33.97  ? 14  GLY A O   1 
ATOM   108  N N   . GLY A 1 15  ? 9.197   -7.312  7.796   1.00 27.14  ? 15  GLY A N   1 
ATOM   109  C CA  . GLY A 1 15  ? 9.992   -6.154  8.133   1.00 10.30  ? 15  GLY A CA  1 
ATOM   110  C C   . GLY A 1 15  ? 9.244   -4.918  7.750   1.00 8.09   ? 15  GLY A C   1 
ATOM   111  O O   . GLY A 1 15  ? 8.322   -4.990  6.938   1.00 9.89   ? 15  GLY A O   1 
ATOM   112  N N   . THR A 1 16  ? 9.686   -3.777  8.291   1.00 24.59  ? 16  THR A N   1 
ATOM   113  C CA  . THR A 1 16  ? 9.022   -2.488  8.096   1.00 16.68  ? 16  THR A CA  1 
ATOM   114  C C   . THR A 1 16  ? 9.822   -1.578  7.171   1.00 12.19  ? 16  THR A C   1 
ATOM   115  O O   . THR A 1 16  ? 10.981  -1.240  7.433   1.00 14.16  ? 16  THR A O   1 
ATOM   116  C CB  . THR A 1 16  ? 8.763   -1.730  9.434   1.00 14.07  ? 16  THR A CB  1 
ATOM   117  O OG1 . THR A 1 16  ? 8.578   -2.655  10.512  1.00 17.82  ? 16  THR A OG1 1 
ATOM   118  C CG2 . THR A 1 16  ? 7.496   -0.898  9.317   1.00 18.34  ? 16  THR A CG2 1 
ATOM   119  N N   . TYR A 1 17  ? 9.118   -1.105  6.157   1.00 10.40  ? 17  TYR A N   1 
ATOM   120  C CA  . TYR A 1 17  ? 9.654   -0.319  5.081   1.00 11.21  ? 17  TYR A CA  1 
ATOM   121  C C   . TYR A 1 17  ? 8.729   0.864   4.889   1.00 18.97  ? 17  TYR A C   1 
ATOM   122  O O   . TYR A 1 17  ? 7.526   0.735   5.085   1.00 15.03  ? 17  TYR A O   1 
ATOM   123  C CB  . TYR A 1 17  ? 9.687   -1.152  3.779   1.00 15.35  ? 17  TYR A CB  1 
ATOM   124  C CG  . TYR A 1 17  ? 10.597  -2.371  3.853   1.00 23.81  ? 17  TYR A CG  1 
ATOM   125  C CD1 . TYR A 1 17  ? 11.973  -2.255  3.642   1.00 26.32  ? 17  TYR A CD1 1 
ATOM   126  C CD2 . TYR A 1 17  ? 10.105  -3.600  4.318   1.00 33.24  ? 17  TYR A CD2 1 
ATOM   127  C CE1 . TYR A 1 17  ? 12.826  -3.308  3.913   1.00 26.78  ? 17  TYR A CE1 1 
ATOM   128  C CE2 . TYR A 1 17  ? 10.949  -4.651  4.605   1.00 21.83  ? 17  TYR A CE2 1 
ATOM   129  C CZ  . TYR A 1 17  ? 12.309  -4.492  4.413   1.00 32.36  ? 17  TYR A CZ  1 
ATOM   130  O OH  . TYR A 1 17  ? 13.157  -5.473  4.841   1.00 36.75  ? 17  TYR A OH  1 
ATOM   131  N N   . TYR A 1 18  ? 9.291   2.016   4.511   1.00 20.80  ? 18  TYR A N   1 
ATOM   132  C CA  . TYR A 1 18  ? 8.509   3.062   3.867   1.00 17.06  ? 18  TYR A CA  1 
ATOM   133  C C   . TYR A 1 18  ? 8.423   2.730   2.373   1.00 20.31  ? 18  TYR A C   1 
ATOM   134  O O   . TYR A 1 18  ? 9.391   2.243   1.773   1.00 27.66  ? 18  TYR A O   1 
ATOM   135  C CB  . TYR A 1 18  ? 9.167   4.442   4.041   1.00 21.89  ? 18  TYR A CB  1 
ATOM   136  C CG  . TYR A 1 18  ? 9.486   4.839   5.460   1.00 8.27   ? 18  TYR A CG  1 
ATOM   137  C CD1 . TYR A 1 18  ? 8.506   5.316   6.300   1.00 5.18   ? 18  TYR A CD1 1 
ATOM   138  C CD2 . TYR A 1 18  ? 10.789  4.809   5.928   1.00 14.34  ? 18  TYR A CD2 1 
ATOM   139  C CE1 . TYR A 1 18  ? 8.802   5.761   7.595   1.00 10.48  ? 18  TYR A CE1 1 
ATOM   140  C CE2 . TYR A 1 18  ? 11.097  5.231   7.205   1.00 24.45  ? 18  TYR A CE2 1 
ATOM   141  C CZ  . TYR A 1 18  ? 10.089  5.700   8.045   1.00 23.00  ? 18  TYR A CZ  1 
ATOM   142  O OH  . TYR A 1 18  ? 10.374  5.986   9.371   1.00 37.50  ? 18  TYR A OH  1 
ATOM   143  N N   . ILE A 1 19  ? 7.254   2.954   1.790   1.00 14.92  ? 19  ILE A N   1 
ATOM   144  C CA  . ILE A 1 19  ? 7.019   2.673   0.383   1.00 14.48  ? 19  ILE A CA  1 
ATOM   145  C C   . ILE A 1 19  ? 7.093   4.047   -0.246  1.00 27.63  ? 19  ILE A C   1 
ATOM   146  O O   . ILE A 1 19  ? 6.108   4.789   -0.208  1.00 32.53  ? 19  ILE A O   1 
ATOM   147  C CB  . ILE A 1 19  ? 5.588   2.112   0.139   1.00 15.45  ? 19  ILE A CB  1 
ATOM   148  C CG1 . ILE A 1 19  ? 5.355   0.858   1.012   1.00 17.19  ? 19  ILE A CG1 1 
ATOM   149  C CG2 . ILE A 1 19  ? 5.349   1.932   -1.367  1.00 2.00   ? 19  ILE A CG2 1 
ATOM   150  C CD1 . ILE A 1 19  ? 3.983   0.175   0.829   1.00 2.29   ? 19  ILE A CD1 1 
ATOM   151  N N   . LEU A 1 20  ? 8.304   4.473   -0.592  1.00 27.99  ? 20  LEU A N   1 
ATOM   152  C CA  . LEU A 1 20  ? 8.483   5.759   -1.245  1.00 24.93  ? 20  LEU A CA  1 
ATOM   153  C C   . LEU A 1 20  ? 8.040   5.685   -2.716  1.00 23.44  ? 20  LEU A C   1 
ATOM   154  O O   . LEU A 1 20  ? 7.687   4.622   -3.179  1.00 32.80  ? 20  LEU A O   1 
ATOM   155  C CB  . LEU A 1 20  ? 9.938   6.198   -1.097  1.00 17.15  ? 20  LEU A CB  1 
ATOM   156  C CG  . LEU A 1 20  ? 10.522  6.157   0.323   1.00 23.38  ? 20  LEU A CG  1 
ATOM   157  C CD1 . LEU A 1 20  ? 11.849  6.814   0.255   1.00 31.93  ? 20  LEU A CD1 1 
ATOM   158  C CD2 . LEU A 1 20  ? 9.663   6.894   1.369   1.00 20.27  ? 20  LEU A CD2 1 
ATOM   159  N N   . SER A 1 21  ? 7.767   6.828   -3.325  1.00 33.27  ? 21  SER A N   1 
ATOM   160  C CA  . SER A 1 21  ? 7.373   6.871   -4.732  1.00 48.54  ? 21  SER A CA  1 
ATOM   161  C C   . SER A 1 21  ? 8.581   7.167   -5.652  1.00 63.45  ? 21  SER A C   1 
ATOM   162  O O   . SER A 1 21  ? 9.722   7.244   -5.180  1.00 67.86  ? 21  SER A O   1 
ATOM   163  C CB  . SER A 1 21  ? 6.284   7.926   -4.917  1.00 39.87  ? 21  SER A CB  1 
ATOM   164  O OG  . SER A 1 21  ? 5.921   8.049   -6.277  1.00 48.39  ? 21  SER A OG  1 
ATOM   165  N N   . ASP A 1 22  ? 8.347   7.213   -6.969  1.00 80.92  ? 22  ASP A N   1 
ATOM   166  C CA  . ASP A 1 22  ? 9.356   7.661   -7.940  1.00 88.44  ? 22  ASP A CA  1 
ATOM   167  C C   . ASP A 1 22  ? 9.214   9.154   -8.300  1.00 90.17  ? 22  ASP A C   1 
ATOM   168  O O   . ASP A 1 22  ? 10.211  9.874   -8.384  1.00 90.69  ? 22  ASP A O   1 
ATOM   169  C CB  . ASP A 1 22  ? 9.302   6.795   -9.215  1.00 97.67  ? 22  ASP A CB  1 
ATOM   170  C CG  . ASP A 1 22  ? 8.035   7.025   -10.049 1.00 103.04 ? 22  ASP A CG  1 
ATOM   171  O OD1 . ASP A 1 22  ? 6.914   6.919   -9.500  1.00 106.56 ? 22  ASP A OD1 1 
ATOM   172  O OD2 . ASP A 1 22  ? 8.160   7.266   -11.269 1.00 105.56 ? 22  ASP A OD2 1 
ATOM   173  N N   . ILE A 1 23  ? 7.984   9.585   -8.584  1.00 92.50  ? 23  ILE A N   1 
ATOM   174  C CA  . ILE A 1 23  ? 7.628   11.008  -8.685  1.00 93.82  ? 23  ILE A CA  1 
ATOM   175  C C   . ILE A 1 23  ? 8.071   11.802  -7.449  1.00 94.92  ? 23  ILE A C   1 
ATOM   176  O O   . ILE A 1 23  ? 7.361   11.814  -6.436  1.00 94.23  ? 23  ILE A O   1 
ATOM   177  C CB  . ILE A 1 23  ? 6.087   11.222  -8.790  1.00 86.09  ? 23  ILE A CB  1 
ATOM   178  C CG1 . ILE A 1 23  ? 5.371   9.917   -9.154  1.00 83.97  ? 23  ILE A CG1 1 
ATOM   179  C CG2 . ILE A 1 23  ? 5.787   12.346  -9.772  1.00 88.07  ? 23  ILE A CG2 1 
ATOM   180  C CD1 . ILE A 1 23  ? 4.221   9.563   -8.217  1.00 78.55  ? 23  ILE A CD1 1 
ATOM   181  N N   . THR A 1 24  ? 9.148   12.575  -7.587  1.00 91.56  ? 24  THR A N   1 
ATOM   182  C CA  . THR A 1 24  ? 9.653   13.407  -6.488  1.00 83.52  ? 24  THR A CA  1 
ATOM   183  C C   . THR A 1 24  ? 8.699   14.533  -6.090  1.00 73.78  ? 24  THR A C   1 
ATOM   184  O O   . THR A 1 24  ? 8.864   15.142  -5.036  1.00 67.89  ? 24  THR A O   1 
ATOM   185  C CB  . THR A 1 24  ? 11.020  14.029  -6.823  1.00 88.13  ? 24  THR A CB  1 
ATOM   186  O OG1 . THR A 1 24  ? 11.054  14.401  -8.211  1.00 91.73  ? 24  THR A OG1 1 
ATOM   187  C CG2 . THR A 1 24  ? 12.152  13.042  -6.498  1.00 86.61  ? 24  THR A CG2 1 
ATOM   188  N N   . ALA A 1 25  ? 7.675   14.774  -6.904  1.00 59.73  ? 25  ALA A N   1 
ATOM   189  C CA  . ALA A 1 25  ? 6.591   15.659  -6.498  1.00 53.15  ? 25  ALA A CA  1 
ATOM   190  C C   . ALA A 1 25  ? 5.866   15.087  -5.278  1.00 46.81  ? 25  ALA A C   1 
ATOM   191  O O   . ALA A 1 25  ? 5.069   15.781  -4.652  1.00 42.91  ? 25  ALA A O   1 
ATOM   192  C CB  . ALA A 1 25  ? 5.611   15.848  -7.648  1.00 43.64  ? 25  ALA A CB  1 
ATOM   193  N N   . PHE A 1 26  ? 6.166   13.829  -4.939  1.00 47.40  ? 26  PHE A N   1 
ATOM   194  C CA  . PHE A 1 26  ? 5.321   13.032  -4.042  1.00 31.43  ? 26  PHE A CA  1 
ATOM   195  C C   . PHE A 1 26  ? 5.985   12.237  -2.921  1.00 26.87  ? 26  PHE A C   1 
ATOM   196  O O   . PHE A 1 26  ? 7.203   12.032  -2.892  1.00 23.22  ? 26  PHE A O   1 
ATOM   197  C CB  . PHE A 1 26  ? 4.429   12.134  -4.877  1.00 30.15  ? 26  PHE A CB  1 
ATOM   198  C CG  . PHE A 1 26  ? 3.502   12.900  -5.745  1.00 27.59  ? 26  PHE A CG  1 
ATOM   199  C CD1 . PHE A 1 26  ? 2.598   13.784  -5.184  1.00 34.98  ? 26  PHE A CD1 1 
ATOM   200  C CD2 . PHE A 1 26  ? 3.623   12.858  -7.120  1.00 38.89  ? 26  PHE A CD2 1 
ATOM   201  C CE1 . PHE A 1 26  ? 1.820   14.626  -5.984  1.00 34.09  ? 26  PHE A CE1 1 
ATOM   202  C CE2 . PHE A 1 26  ? 2.853   13.695  -7.934  1.00 39.17  ? 26  PHE A CE2 1 
ATOM   203  C CZ  . PHE A 1 26  ? 1.947   14.577  -7.361  1.00 26.39  ? 26  PHE A CZ  1 
ATOM   204  N N   . GLY A 1 27  ? 5.193   11.971  -1.887  1.00 26.17  ? 27  GLY A N   1 
ATOM   205  C CA  . GLY A 1 27  ? 5.751   11.424  -0.669  1.00 28.35  ? 27  GLY A CA  1 
ATOM   206  C C   . GLY A 1 27  ? 5.323   9.998   -0.444  1.00 27.94  ? 27  GLY A C   1 
ATOM   207  O O   . GLY A 1 27  ? 4.817   9.335   -1.354  1.00 33.52  ? 27  GLY A O   1 
ATOM   208  N N   . GLY A 1 28  ? 5.436   9.563   0.805   1.00 26.00  ? 28  GLY A N   1 
ATOM   209  C CA  . GLY A 1 28  ? 5.144   8.184   1.154   1.00 21.21  ? 28  GLY A CA  1 
ATOM   210  C C   . GLY A 1 28  ? 3.677   7.854   1.272   1.00 20.98  ? 28  GLY A C   1 
ATOM   211  O O   . GLY A 1 28  ? 2.800   8.706   1.044   1.00 21.22  ? 28  GLY A O   1 
ATOM   212  N N   . ILE A 1 29  ? 3.415   6.575   1.524   1.00 23.01  ? 29  ILE A N   1 
ATOM   213  C CA  . ILE A 1 29  ? 2.045   6.065   1.654   1.00 19.96  ? 29  ILE A CA  1 
ATOM   214  C C   . ILE A 1 29  ? 1.633   6.213   3.111   1.00 22.13  ? 29  ILE A C   1 
ATOM   215  O O   . ILE A 1 29  ? 2.419   5.949   4.031   1.00 17.48  ? 29  ILE A O   1 
ATOM   216  C CB  . ILE A 1 29  ? 1.948   4.550   1.252   1.00 12.13  ? 29  ILE A CB  1 
ATOM   217  C CG1 . ILE A 1 29  ? 2.422   4.346   -0.213  1.00 24.93  ? 29  ILE A CG1 1 
ATOM   218  C CG2 . ILE A 1 29  ? 0.538   4.026   1.480   1.00 12.33  ? 29  ILE A CG2 1 
ATOM   219  C CD1 . ILE A 1 29  ? 1.671   5.132   -1.322  1.00 6.98   ? 29  ILE A CD1 1 
ATOM   220  N N   . ARG A 1 30  ? 0.429   6.706   3.321   1.00 21.85  ? 30  ARG A N   1 
ATOM   221  C CA  . ARG A 1 30  ? -0.114  6.772   4.667   1.00 28.95  ? 30  ARG A CA  1 
ATOM   222  C C   . ARG A 1 30  ? -1.637  6.630   4.668   1.00 21.75  ? 30  ARG A C   1 
ATOM   223  O O   . ARG A 1 30  ? -2.211  6.147   3.687   1.00 20.46  ? 30  ARG A O   1 
ATOM   224  C CB  . ARG A 1 30  ? 0.343   8.073   5.341   1.00 21.65  ? 30  ARG A CB  1 
ATOM   225  C CG  . ARG A 1 30  ? 0.206   9.325   4.531   1.00 15.84  ? 30  ARG A CG  1 
ATOM   226  C CD  . ARG A 1 30  ? 1.136   10.393  5.099   1.00 26.57  ? 30  ARG A CD  1 
ATOM   227  N NE  . ARG A 1 30  ? 0.883   10.670  6.524   1.00 14.85  ? 30  ARG A NE  1 
ATOM   228  C CZ  . ARG A 1 30  ? 1.786   10.512  7.495   1.00 20.84  ? 30  ARG A CZ  1 
ATOM   229  N NH1 . ARG A 1 30  ? 3.092   10.553  7.249   1.00 19.38  ? 30  ARG A NH1 1 
ATOM   230  N NH2 . ARG A 1 30  ? 1.384   10.411  8.745   1.00 33.25  ? 30  ARG A NH2 1 
ATOM   231  N N   . ALA A 1 31  ? -2.262  6.862   5.820   1.00 30.51  ? 31  ALA A N   1 
ATOM   232  C CA  . ALA A 1 31  ? -3.727  6.763   5.940   1.00 32.67  ? 31  ALA A CA  1 
ATOM   233  C C   . ALA A 1 31  ? -4.390  8.137   6.155   1.00 30.56  ? 31  ALA A C   1 
ATOM   234  O O   . ALA A 1 31  ? -3.812  9.025   6.788   1.00 24.30  ? 31  ALA A O   1 
ATOM   235  C CB  . ALA A 1 31  ? -4.105  5.782   7.081   1.00 28.93  ? 31  ALA A CB  1 
ATOM   236  N N   . ALA A 1 32  ? -5.533  8.362   5.507   1.00 18.37  ? 32  ALA A N   1 
ATOM   237  C CA  . ALA A 1 32  ? -6.275  9.606   5.692   1.00 24.00  ? 32  ALA A CA  1 
ATOM   238  C C   . ALA A 1 32  ? -7.776  9.327   5.632   1.00 24.47  ? 32  ALA A C   1 
ATOM   239  O O   . ALA A 1 32  ? -8.184  8.288   5.105   1.00 21.89  ? 32  ALA A O   1 
ATOM   240  C CB  . ALA A 1 32  ? -5.884  10.630  4.617   1.00 28.71  ? 32  ALA A CB  1 
ATOM   241  N N   . PRO A 1 33  ? -8.581  10.125  6.362   1.00 23.48  ? 33  PRO A N   1 
ATOM   242  C CA  . PRO A 1 33  ? -10.044 10.095  6.259   1.00 22.58  ? 33  PRO A CA  1 
ATOM   243  C C   . PRO A 1 33  ? -10.457 10.611  4.910   1.00 28.04  ? 33  PRO A C   1 
ATOM   244  O O   . PRO A 1 33  ? -9.887  11.586  4.445   1.00 46.00  ? 33  PRO A O   1 
ATOM   245  C CB  . PRO A 1 33  ? -10.494 11.038  7.364   1.00 27.96  ? 33  PRO A CB  1 
ATOM   246  C CG  . PRO A 1 33  ? -9.352  11.057  8.340   1.00 25.30  ? 33  PRO A CG  1 
ATOM   247  C CD  . PRO A 1 33  ? -8.139  10.977  7.479   1.00 27.18  ? 33  PRO A CD  1 
ATOM   248  N N   . THR A 1 34  ? -11.560 10.094  4.381   1.00 27.07  ? 34  THR A N   1 
ATOM   249  C CA  . THR A 1 34  ? -11.957 10.381  3.005   1.00 24.38  ? 34  THR A CA  1 
ATOM   250  C C   . THR A 1 34  ? -13.467 10.262  2.840   1.00 37.22  ? 34  THR A C   1 
ATOM   251  O O   . THR A 1 34  ? -14.073 9.199   3.019   1.00 44.35  ? 34  THR A O   1 
ATOM   252  C CB  . THR A 1 34  ? -11.209 9.449   2.044   1.00 22.31  ? 34  THR A CB  1 
ATOM   253  O OG1 . THR A 1 34  ? -10.223 10.208  1.342   1.00 28.91  ? 34  THR A OG1 1 
ATOM   254  C CG2 . THR A 1 34  ? -12.146 8.752   1.050   1.00 19.91  ? 34  THR A CG2 1 
ATOM   255  N N   . GLY A 1 35  ? -14.088 11.381  2.509   1.00 56.27  ? 35  GLY A N   1 
ATOM   256  C CA  . GLY A 1 35  ? -15.512 11.501  2.731   1.00 59.30  ? 35  GLY A CA  1 
ATOM   257  C C   . GLY A 1 35  ? -15.890 11.247  4.179   1.00 62.29  ? 35  GLY A C   1 
ATOM   258  O O   . GLY A 1 35  ? -15.258 11.735  5.129   1.00 62.09  ? 35  GLY A O   1 
ATOM   259  N N   . ASN A 1 36  ? -16.878 10.385  4.338   1.00 50.10  ? 36  ASN A N   1 
ATOM   260  C CA  . ASN A 1 36  ? -17.661 10.366  5.549   1.00 51.59  ? 36  ASN A CA  1 
ATOM   261  C C   . ASN A 1 36  ? -17.087 9.421   6.577   1.00 43.05  ? 36  ASN A C   1 
ATOM   262  O O   . ASN A 1 36  ? -17.825 8.907   7.412   1.00 41.50  ? 36  ASN A O   1 
ATOM   263  C CB  . ASN A 1 36  ? -19.112 9.983   5.218   1.00 86.34  ? 36  ASN A CB  1 
ATOM   264  C CG  . ASN A 1 36  ? -19.801 11.008  4.306   1.00 100.45 ? 36  ASN A CG  1 
ATOM   265  O OD1 . ASN A 1 36  ? -20.256 12.066  4.764   1.00 106.23 ? 36  ASN A OD1 1 
ATOM   266  N ND2 . ASN A 1 36  ? -19.873 10.698  3.011   1.00 106.34 ? 36  ASN A ND2 1 
ATOM   267  N N   . GLU A 1 37  ? -15.802 9.097   6.448   1.00 43.05  ? 37  GLU A N   1 
ATOM   268  C CA  . GLU A 1 37  ? -15.115 8.359   7.506   1.00 40.76  ? 37  GLU A CA  1 
ATOM   269  C C   . GLU A 1 37  ? -14.410 9.305   8.485   1.00 33.39  ? 37  GLU A C   1 
ATOM   270  O O   . GLU A 1 37  ? -13.967 10.391  8.092   1.00 34.93  ? 37  GLU A O   1 
ATOM   271  C CB  . GLU A 1 37  ? -14.134 7.314   6.927   1.00 38.20  ? 37  GLU A CB  1 
ATOM   272  C CG  . GLU A 1 37  ? -13.358 7.695   5.661   1.00 44.07  ? 37  GLU A CG  1 
ATOM   273  C CD  . GLU A 1 37  ? -12.461 6.550   5.121   1.00 46.46  ? 37  GLU A CD  1 
ATOM   274  O OE1 . GLU A 1 37  ? -13.001 5.556   4.577   1.00 51.70  ? 37  GLU A OE1 1 
ATOM   275  O OE2 . GLU A 1 37  ? -11.217 6.647   5.223   1.00 31.71  ? 37  GLU A OE2 1 
ATOM   276  N N   . ARG A 1 38  ? -14.448 8.961   9.774   1.00 26.53  ? 38  ARG A N   1 
ATOM   277  C CA  . ARG A 1 38  ? -13.867 9.790   10.840  1.00 26.90  ? 38  ARG A CA  1 
ATOM   278  C C   . ARG A 1 38  ? -12.497 9.277   11.273  1.00 29.19  ? 38  ARG A C   1 
ATOM   279  O O   . ARG A 1 38  ? -11.628 10.015  11.780  1.00 31.67  ? 38  ARG A O   1 
ATOM   280  C CB  . ARG A 1 38  ? -14.807 9.817   12.050  1.00 32.25  ? 38  ARG A CB  1 
ATOM   281  N N   . CYS A 1 39  ? -12.345 7.974   11.150  1.00 34.86  ? 39  CYS A N   1 
ATOM   282  C CA  . CYS A 1 39  ? -11.049 7.368   11.311  1.00 32.10  ? 39  CYS A CA  1 
ATOM   283  C C   . CYS A 1 39  ? -10.280 7.420   9.998   1.00 22.83  ? 39  CYS A C   1 
ATOM   284  O O   . CYS A 1 39  ? -10.863 7.525   8.923   1.00 29.86  ? 39  CYS A O   1 
ATOM   285  C CB  . CYS A 1 39  ? -11.245 5.941   11.785  1.00 34.00  ? 39  CYS A CB  1 
ATOM   286  S SG  . CYS A 1 39  ? -12.036 5.932   13.418  1.00 29.53  ? 39  CYS A SG  1 
ATOM   287  N N   . PRO A 1 40  ? -8.953  7.448   10.072  1.00 15.61  ? 40  PRO A N   1 
ATOM   288  C CA  . PRO A 1 40  ? -8.141  7.477   8.854   1.00 17.22  ? 40  PRO A CA  1 
ATOM   289  C C   . PRO A 1 40  ? -7.998  6.098   8.203   1.00 18.47  ? 40  PRO A C   1 
ATOM   290  O O   . PRO A 1 40  ? -7.063  5.349   8.495   1.00 14.66  ? 40  PRO A O   1 
ATOM   291  C CB  . PRO A 1 40  ? -6.816  8.013   9.349   1.00 20.04  ? 40  PRO A CB  1 
ATOM   292  C CG  . PRO A 1 40  ? -6.764  7.546   10.751  1.00 19.25  ? 40  PRO A CG  1 
ATOM   293  C CD  . PRO A 1 40  ? -8.152  7.754   11.258  1.00 11.36  ? 40  PRO A CD  1 
ATOM   294  N N   . LEU A 1 41  ? -8.954  5.771   7.345   1.00 8.46   ? 41  LEU A N   1 
ATOM   295  C CA  . LEU A 1 41  ? -9.065  4.432   6.801   1.00 20.70  ? 41  LEU A CA  1 
ATOM   296  C C   . LEU A 1 41  ? -8.652  4.297   5.340   1.00 23.70  ? 41  LEU A C   1 
ATOM   297  O O   . LEU A 1 41  ? -8.680  3.190   4.816   1.00 26.14  ? 41  LEU A O   1 
ATOM   298  C CB  . LEU A 1 41  ? -10.493 3.950   6.915   1.00 22.56  ? 41  LEU A CB  1 
ATOM   299  C CG  . LEU A 1 41  ? -11.134 3.900   8.284   1.00 17.13  ? 41  LEU A CG  1 
ATOM   300  C CD1 . LEU A 1 41  ? -12.541 3.442   8.042   1.00 29.19  ? 41  LEU A CD1 1 
ATOM   301  C CD2 . LEU A 1 41  ? -10.400 2.989   9.227   1.00 9.80   ? 41  LEU A CD2 1 
ATOM   302  N N   . THR A 1 42  ? -8.480  5.414   4.636   1.00 20.68  ? 42  THR A N   1 
ATOM   303  C CA  . THR A 1 42  ? -8.064  5.349   3.239   1.00 16.98  ? 42  THR A CA  1 
ATOM   304  C C   . THR A 1 42  ? -6.547  5.340   3.136   1.00 18.82  ? 42  THR A C   1 
ATOM   305  O O   . THR A 1 42  ? -5.848  5.915   3.983   1.00 16.28  ? 42  THR A O   1 
ATOM   306  C CB  . THR A 1 42  ? -8.619  6.504   2.412   1.00 18.83  ? 42  THR A CB  1 
ATOM   307  O OG1 . THR A 1 42  ? -10.043 6.557   2.537   1.00 27.40  ? 42  THR A OG1 1 
ATOM   308  C CG2 . THR A 1 42  ? -8.313  6.291   0.966   1.00 35.62  ? 42  THR A CG2 1 
ATOM   309  N N   . VAL A 1 43  ? -6.041  4.456   2.283   1.00 25.67  ? 43  VAL A N   1 
ATOM   310  C CA  . VAL A 1 43  ? -4.608  4.407   2.041   1.00 24.37  ? 43  VAL A CA  1 
ATOM   311  C C   . VAL A 1 43  ? -4.270  5.416   0.948   1.00 26.09  ? 43  VAL A C   1 
ATOM   312  O O   . VAL A 1 43  ? -4.904  5.396   -0.121  1.00 25.98  ? 43  VAL A O   1 
ATOM   313  C CB  . VAL A 1 43  ? -4.145  2.973   1.683   1.00 13.11  ? 43  VAL A CB  1 
ATOM   314  C CG1 . VAL A 1 43  ? -2.643  2.952   1.391   1.00 9.40   ? 43  VAL A CG1 1 
ATOM   315  C CG2 . VAL A 1 43  ? -4.486  2.023   2.849   1.00 12.00  ? 43  VAL A CG2 1 
ATOM   316  N N   . VAL A 1 44  ? -3.538  6.469   1.347   1.00 16.71  ? 44  VAL A N   1 
ATOM   317  C CA  . VAL A 1 44  ? -3.185  7.561   0.433   1.00 15.00  ? 44  VAL A CA  1 
ATOM   318  C C   . VAL A 1 44  ? -1.668  7.660   0.260   1.00 17.47  ? 44  VAL A C   1 
ATOM   319  O O   . VAL A 1 44  ? -0.918  7.076   1.040   1.00 21.73  ? 44  VAL A O   1 
ATOM   320  C CB  . VAL A 1 44  ? -3.714  8.951   0.921   1.00 6.70   ? 44  VAL A CB  1 
ATOM   321  C CG1 . VAL A 1 44  ? -5.255  8.962   1.058   1.00 5.47   ? 44  VAL A CG1 1 
ATOM   322  C CG2 . VAL A 1 44  ? -3.052  9.331   2.216   1.00 4.11   ? 44  VAL A CG2 1 
ATOM   323  N N   . GLN A 1 45  ? -1.252  8.204   -0.888  1.00 26.74  ? 45  GLN A N   1 
ATOM   324  C CA  . GLN A 1 45  ? 0.104   8.720   -1.105  1.00 27.81  ? 45  GLN A CA  1 
ATOM   325  C C   . GLN A 1 45  ? 0.217   10.208  -0.699  1.00 27.89  ? 45  GLN A C   1 
ATOM   326  O O   . GLN A 1 45  ? -0.581  11.061  -1.118  1.00 24.21  ? 45  GLN A O   1 
ATOM   327  C CB  . GLN A 1 45  ? 0.494   8.518   -2.583  1.00 25.47  ? 45  GLN A CB  1 
ATOM   328  C CG  . GLN A 1 45  ? 1.480   9.547   -3.183  1.00 29.72  ? 45  GLN A CG  1 
ATOM   329  C CD  . GLN A 1 45  ? 2.102   9.093   -4.520  1.00 28.92  ? 45  GLN A CD  1 
ATOM   330  O OE1 . GLN A 1 45  ? 3.207   8.561   -4.542  1.00 24.48  ? 45  GLN A OE1 1 
ATOM   331  N NE2 . GLN A 1 45  ? 1.383   9.287   -5.624  1.00 11.49  ? 45  GLN A NE2 1 
ATOM   332  N N   . SER A 1 46  ? 1.178   10.509  0.164   1.00 25.08  ? 46  SER A N   1 
ATOM   333  C CA  . SER A 1 46  ? 1.437   11.902  0.536   1.00 29.75  ? 46  SER A CA  1 
ATOM   334  C C   . SER A 1 46  ? 1.736   12.822  -0.665  1.00 32.97  ? 46  SER A C   1 
ATOM   335  O O   . SER A 1 46  ? 2.285   12.382  -1.683  1.00 33.99  ? 46  SER A O   1 
ATOM   336  C CB  . SER A 1 46  ? 2.594   11.952  1.516   1.00 33.07  ? 46  SER A CB  1 
ATOM   337  O OG  . SER A 1 46  ? 2.288   12.828  2.574   1.00 33.98  ? 46  SER A OG  1 
ATOM   338  N N   . ARG A 1 47  ? 1.281   14.074  -0.585  1.00 40.10  ? 47  ARG A N   1 
ATOM   339  C CA  . ARG A 1 47  ? 1.625   15.087  -1.592  1.00 37.63  ? 47  ARG A CA  1 
ATOM   340  C C   . ARG A 1 47  ? 2.944   15.745  -1.216  1.00 34.31  ? 47  ARG A C   1 
ATOM   341  O O   . ARG A 1 47  ? 3.763   16.043  -2.081  1.00 39.18  ? 47  ARG A O   1 
ATOM   342  C CB  . ARG A 1 47  ? 0.537   16.163  -1.707  1.00 52.71  ? 47  ARG A CB  1 
ATOM   343  C CG  . ARG A 1 47  ? -0.896  15.646  -1.898  1.00 71.76  ? 47  ARG A CG  1 
ATOM   344  C CD  . ARG A 1 47  ? -1.723  15.721  -0.592  1.00 91.53  ? 47  ARG A CD  1 
ATOM   345  N NE  . ARG A 1 47  ? -0.936  15.414  0.614   1.00 106.13 ? 47  ARG A NE  1 
ATOM   346  C CZ  . ARG A 1 47  ? -1.262  14.510  1.543   1.00 107.79 ? 47  ARG A CZ  1 
ATOM   347  N NH1 . ARG A 1 47  ? -2.381  13.796  1.444   1.00 108.72 ? 47  ARG A NH1 1 
ATOM   348  N NH2 . ARG A 1 47  ? -0.459  14.322  2.584   1.00 103.66 ? 47  ARG A NH2 1 
ATOM   349  N N   . ASN A 1 48  ? 3.213   15.791  0.085   1.00 23.58  ? 48  ASN A N   1 
ATOM   350  C CA  . ASN A 1 48  ? 4.423   16.398  0.607   1.00 21.66  ? 48  ASN A CA  1 
ATOM   351  C C   . ASN A 1 48  ? 5.640   15.516  0.426   1.00 23.11  ? 48  ASN A C   1 
ATOM   352  O O   . ASN A 1 48  ? 5.900   14.600  1.207   1.00 14.56  ? 48  ASN A O   1 
ATOM   353  C CB  . ASN A 1 48  ? 4.263   16.752  2.079   1.00 32.60  ? 48  ASN A CB  1 
ATOM   354  C CG  . ASN A 1 48  ? 5.331   17.711  2.553   1.00 39.26  ? 48  ASN A CG  1 
ATOM   355  O OD1 . ASN A 1 48  ? 5.480   18.811  2.013   1.00 62.20  ? 48  ASN A OD1 1 
ATOM   356  N ND2 . ASN A 1 48  ? 6.120   17.283  3.519   1.00 44.42  ? 48  ASN A ND2 1 
ATOM   357  N N   . GLU A 1 49  ? 6.444   15.897  -0.555  1.00 30.78  ? 49  GLU A N   1 
ATOM   358  C CA  . GLU A 1 49  ? 7.571   15.101  -1.019  1.00 30.47  ? 49  GLU A CA  1 
ATOM   359  C C   . GLU A 1 49  ? 8.588   14.852  0.093   1.00 23.13  ? 49  GLU A C   1 
ATOM   360  O O   . GLU A 1 49  ? 9.352   13.902  0.030   1.00 28.70  ? 49  GLU A O   1 
ATOM   361  C CB  . GLU A 1 49  ? 8.216   15.781  -2.236  1.00 30.60  ? 49  GLU A CB  1 
ATOM   362  C CG  . GLU A 1 49  ? 8.588   17.282  -2.051  1.00 57.72  ? 49  GLU A CG  1 
ATOM   363  C CD  . GLU A 1 49  ? 7.383   18.233  -2.019  1.00 64.60  ? 49  GLU A CD  1 
ATOM   364  O OE1 . GLU A 1 49  ? 6.292   17.844  -2.490  1.00 79.03  ? 49  GLU A OE1 1 
ATOM   365  O OE2 . GLU A 1 49  ? 7.524   19.374  -1.523  1.00 66.80  ? 49  GLU A OE2 1 
ATOM   366  N N   . LEU A 1 50  ? 8.450   15.590  1.188   1.00 29.86  ? 50  LEU A N   1 
ATOM   367  C CA  . LEU A 1 50  ? 9.343   15.449  2.342   1.00 27.39  ? 50  LEU A CA  1 
ATOM   368  C C   . LEU A 1 50  ? 8.831   14.424  3.353   1.00 25.67  ? 50  LEU A C   1 
ATOM   369  O O   . LEU A 1 50  ? 9.459   14.195  4.398   1.00 22.24  ? 50  LEU A O   1 
ATOM   370  C CB  . LEU A 1 50  ? 9.526   16.811  3.039   1.00 32.24  ? 50  LEU A CB  1 
ATOM   371  C CG  . LEU A 1 50  ? 10.768  17.644  2.712   1.00 32.16  ? 50  LEU A CG  1 
ATOM   372  C CD1 . LEU A 1 50  ? 10.998  17.714  1.201   1.00 29.50  ? 50  LEU A CD1 1 
ATOM   373  C CD2 . LEU A 1 50  ? 10.581  19.029  3.296   1.00 32.17  ? 50  LEU A CD2 1 
ATOM   374  N N   . ASP A 1 51  ? 7.655   13.872  3.058   1.00 23.95  ? 51  ASP A N   1 
ATOM   375  C CA  . ASP A 1 51  ? 6.964   12.921  3.925   1.00 20.15  ? 51  ASP A CA  1 
ATOM   376  C C   . ASP A 1 51  ? 7.232   11.440  3.602   1.00 15.64  ? 51  ASP A C   1 
ATOM   377  O O   . ASP A 1 51  ? 6.646   10.898  2.672   1.00 24.76  ? 51  ASP A O   1 
ATOM   378  C CB  . ASP A 1 51  ? 5.483   13.186  3.782   1.00 24.63  ? 51  ASP A CB  1 
ATOM   379  C CG  . ASP A 1 51  ? 4.665   12.454  4.786   1.00 23.66  ? 51  ASP A CG  1 
ATOM   380  O OD1 . ASP A 1 51  ? 5.219   12.028  5.833   1.00 17.18  ? 51  ASP A OD1 1 
ATOM   381  O OD2 . ASP A 1 51  ? 3.463   12.312  4.498   1.00 13.80  ? 51  ASP A OD2 1 
ATOM   382  N N   . LYS A 1 52  ? 7.914   10.733  4.491   1.00 19.32  ? 52  LYS A N   1 
ATOM   383  C CA  . LYS A 1 52  ? 8.197   9.310   4.266   1.00 20.75  ? 52  LYS A CA  1 
ATOM   384  C C   . LYS A 1 52  ? 7.003   8.385   4.514   1.00 26.35  ? 52  LYS A C   1 
ATOM   385  O O   . LYS A 1 52  ? 7.076   7.182   4.239   1.00 31.43  ? 52  LYS A O   1 
ATOM   386  C CB  . LYS A 1 52  ? 9.387   8.857   5.120   1.00 18.54  ? 52  LYS A CB  1 
ATOM   387  C CG  . LYS A 1 52  ? 10.724  9.366   4.604   1.00 18.84  ? 52  LYS A CG  1 
ATOM   388  C CD  . LYS A 1 52  ? 11.888  8.519   5.088   1.00 26.70  ? 52  LYS A CD  1 
ATOM   389  C CE  . LYS A 1 52  ? 11.997  8.550   6.604   1.00 23.63  ? 52  LYS A CE  1 
ATOM   390  N NZ  . LYS A 1 52  ? 11.663  9.908   7.142   1.00 40.41  ? 52  LYS A NZ  1 
ATOM   391  N N   . GLY A 1 53  ? 5.925   8.943   5.064   1.00 24.98  ? 53  GLY A N   1 
ATOM   392  C CA  . GLY A 1 53  ? 4.728   8.179   5.355   1.00 13.72  ? 53  GLY A CA  1 
ATOM   393  C C   . GLY A 1 53  ? 4.774   7.341   6.612   1.00 17.64  ? 53  GLY A C   1 
ATOM   394  O O   . GLY A 1 53  ? 5.497   7.696   7.550   1.00 18.59  ? 53  GLY A O   1 
ATOM   395  N N   . ILE A 1 54  ? 3.906   6.317   6.666   1.00 17.45  ? 54  ILE A N   1 
ATOM   396  C CA  . ILE A 1 54  ? 3.863   5.304   7.743   1.00 17.60  ? 54  ILE A CA  1 
ATOM   397  C C   . ILE A 1 54  ? 4.590   4.010   7.297   1.00 16.03  ? 54  ILE A C   1 
ATOM   398  O O   . ILE A 1 54  ? 4.508   3.604   6.149   1.00 11.62  ? 54  ILE A O   1 
ATOM   399  C CB  . ILE A 1 54  ? 2.372   4.972   8.155   1.00 14.76  ? 54  ILE A CB  1 
ATOM   400  C CG1 . ILE A 1 54  ? 1.582   6.253   8.364   1.00 15.99  ? 54  ILE A CG1 1 
ATOM   401  C CG2 . ILE A 1 54  ? 2.321   4.222   9.478   1.00 8.05   ? 54  ILE A CG2 1 
ATOM   402  C CD1 . ILE A 1 54  ? 0.144   6.020   8.678   1.00 26.34  ? 54  ILE A CD1 1 
ATOM   403  N N   . GLY A 1 55  ? 5.469   3.508   8.154   1.00 18.19  ? 55  GLY A N   1 
ATOM   404  C CA  . GLY A 1 55  ? 6.231   2.325   7.829   1.00 11.71  ? 55  GLY A CA  1 
ATOM   405  C C   . GLY A 1 55  ? 5.275   1.155   7.834   1.00 21.54  ? 55  GLY A C   1 
ATOM   406  O O   . GLY A 1 55  ? 4.519   0.978   8.787   1.00 23.77  ? 55  GLY A O   1 
ATOM   407  N N   . THR A 1 56  ? 5.353   0.338   6.791   1.00 24.76  ? 56  THR A N   1 
ATOM   408  C CA  . THR A 1 56  ? 4.432   -0.765  6.521   1.00 18.14  ? 56  THR A CA  1 
ATOM   409  C C   . THR A 1 56  ? 5.131   -2.129  6.699   1.00 20.28  ? 56  THR A C   1 
ATOM   410  O O   . THR A 1 56  ? 6.277   -2.288  6.317   1.00 24.76  ? 56  THR A O   1 
ATOM   411  C CB  . THR A 1 56  ? 3.908   -0.617  5.096   1.00 11.29  ? 56  THR A CB  1 
ATOM   412  O OG1 . THR A 1 56  ? 3.212   0.620   5.004   1.00 10.81  ? 56  THR A OG1 1 
ATOM   413  C CG2 . THR A 1 56  ? 2.979   -1.702  4.725   1.00 8.23   ? 56  THR A CG2 1 
ATOM   414  N N   . ILE A 1 57  ? 4.521   -3.027  7.472   1.00 26.51  ? 57  ILE A N   1 
ATOM   415  C CA  . ILE A 1 57  ? 5.085   -4.363  7.662   1.00 22.45  ? 57  ILE A CA  1 
ATOM   416  C C   . ILE A 1 57  ? 4.714   -5.284  6.493   1.00 20.83  ? 57  ILE A C   1 
ATOM   417  O O   . ILE A 1 57  ? 3.586   -5.239  5.996   1.00 16.47  ? 57  ILE A O   1 
ATOM   418  C CB  . ILE A 1 57  ? 4.622   -4.973  8.986   1.00 25.03  ? 57  ILE A CB  1 
ATOM   419  C CG1 . ILE A 1 57  ? 5.115   -4.108  10.163  1.00 28.91  ? 57  ILE A CG1 1 
ATOM   420  C CG2 . ILE A 1 57  ? 5.178   -6.370  9.126   1.00 23.83  ? 57  ILE A CG2 1 
ATOM   421  C CD1 . ILE A 1 57  ? 4.002   -3.450  11.024  1.00 23.65  ? 57  ILE A CD1 1 
ATOM   422  N N   . ILE A 1 58  ? 5.740   -5.809  5.835   1.00 18.52  ? 58  ILE A N   1 
ATOM   423  C CA  . ILE A 1 58  ? 5.503   -6.584  4.638   1.00 18.16  ? 58  ILE A CA  1 
ATOM   424  C C   . ILE A 1 58  ? 5.785   -8.042  4.928   1.00 13.70  ? 58  ILE A C   1 
ATOM   425  O O   . ILE A 1 58  ? 6.864   -8.397  5.412   1.00 15.19  ? 58  ILE A O   1 
ATOM   426  C CB  . ILE A 1 58  ? 6.339   -6.050  3.436   1.00 26.09  ? 58  ILE A CB  1 
ATOM   427  C CG1 . ILE A 1 58  ? 5.808   -4.672  3.024   1.00 17.65  ? 58  ILE A CG1 1 
ATOM   428  C CG2 . ILE A 1 58  ? 6.220   -6.984  2.230   1.00 29.43  ? 58  ILE A CG2 1 
ATOM   429  C CD1 . ILE A 1 58  ? 6.451   -4.082  1.785   1.00 31.21  ? 58  ILE A CD1 1 
ATOM   430  N N   . SER A 1 59  ? 4.775   -8.862  4.648   1.00 17.86  ? 59  SER A N   1 
ATOM   431  C CA  . SER A 1 59  ? 4.704   -10.258 5.071   1.00 17.88  ? 59  SER A CA  1 
ATOM   432  C C   . SER A 1 59  ? 4.164   -11.141 3.953   1.00 20.85  ? 59  SER A C   1 
ATOM   433  O O   . SER A 1 59  ? 3.326   -10.702 3.122   1.00 18.43  ? 59  SER A O   1 
ATOM   434  C CB  . SER A 1 59  ? 3.796   -10.386 6.297   1.00 25.37  ? 59  SER A CB  1 
ATOM   435  O OG  . SER A 1 59  ? 4.552   -10.252 7.497   1.00 35.48  ? 59  SER A OG  1 
ATOM   436  N N   . SER A 1 60  ? 4.775   -12.319 3.826   1.00 26.32  ? 60  SER A N   1 
ATOM   437  C CA  . SER A 1 60  ? 4.258   -13.400 2.967   1.00 29.07  ? 60  SER A CA  1 
ATOM   438  C C   . SER A 1 60  ? 3.834   -14.514 3.879   1.00 28.87  ? 60  SER A C   1 
ATOM   439  O O   . SER A 1 60  ? 4.405   -14.692 4.952   1.00 27.31  ? 60  SER A O   1 
ATOM   440  C CB  . SER A 1 60  ? 5.328   -13.957 2.035   1.00 23.66  ? 60  SER A CB  1 
ATOM   441  O OG  . SER A 1 60  ? 4.732   -14.789 1.067   1.00 32.01  ? 60  SER A OG  1 
ATOM   442  N N   . PRO A 1 61  ? 2.822   -15.283 3.469   1.00 33.94  ? 61  PRO A N   1 
ATOM   443  C CA  . PRO A 1 61  ? 2.432   -16.443 4.281   1.00 33.26  ? 61  PRO A CA  1 
ATOM   444  C C   . PRO A 1 61  ? 3.459   -17.606 4.259   1.00 40.99  ? 61  PRO A C   1 
ATOM   445  O O   . PRO A 1 61  ? 3.556   -18.358 5.241   1.00 50.27  ? 61  PRO A O   1 
ATOM   446  C CB  . PRO A 1 61  ? 1.063   -16.828 3.711   1.00 23.88  ? 61  PRO A CB  1 
ATOM   447  C CG  . PRO A 1 61  ? 1.104   -16.327 2.298   1.00 30.74  ? 61  PRO A CG  1 
ATOM   448  C CD  . PRO A 1 61  ? 1.851   -15.011 2.398   1.00 35.09  ? 61  PRO A CD  1 
ATOM   449  N N   . TYR A 1 62  ? 4.212   -17.746 3.157   1.00 32.29  ? 62  TYR A N   1 
ATOM   450  C CA  . TYR A 1 62  ? 5.286   -18.732 3.044   1.00 25.62  ? 62  TYR A CA  1 
ATOM   451  C C   . TYR A 1 62  ? 6.388   -18.489 4.062   1.00 38.11  ? 62  TYR A C   1 
ATOM   452  O O   . TYR A 1 62  ? 6.730   -17.351 4.389   1.00 27.67  ? 62  TYR A O   1 
ATOM   453  C CB  . TYR A 1 62  ? 5.948   -18.705 1.671   1.00 20.77  ? 62  TYR A CB  1 
ATOM   454  C CG  . TYR A 1 62  ? 5.050   -18.715 0.442   1.00 22.85  ? 62  TYR A CG  1 
ATOM   455  C CD1 . TYR A 1 62  ? 3.747   -19.192 0.499   1.00 15.05  ? 62  TYR A CD1 1 
ATOM   456  C CD2 . TYR A 1 62  ? 5.566   -18.376 -0.810  1.00 25.57  ? 62  TYR A CD2 1 
ATOM   457  C CE1 . TYR A 1 62  ? 2.977   -19.349 -0.645  1.00 20.64  ? 62  TYR A CE1 1 
ATOM   458  C CE2 . TYR A 1 62  ? 4.805   -18.546 -1.978  1.00 31.83  ? 62  TYR A CE2 1 
ATOM   459  C CZ  . TYR A 1 62  ? 3.511   -19.038 -1.883  1.00 25.61  ? 62  TYR A CZ  1 
ATOM   460  O OH  . TYR A 1 62  ? 2.767   -19.251 -3.028  1.00 28.59  ? 62  TYR A OH  1 
ATOM   461  N N   . ARG A 1 63  ? 7.134   -19.553 4.316   1.00 74.78  ? 63  ARG A N   1 
ATOM   462  C CA  . ARG A 1 63  ? 8.277   -19.469 5.212   1.00 81.07  ? 63  ARG A CA  1 
ATOM   463  C C   . ARG A 1 63  ? 9.546   -18.966 4.500   1.00 78.51  ? 63  ARG A C   1 
ATOM   464  O O   . ARG A 1 63  ? 10.656  -19.189 4.977   1.00 78.01  ? 63  ARG A O   1 
ATOM   465  C CB  . ARG A 1 63  ? 8.529   -20.837 5.878   1.00 70.55  ? 63  ARG A CB  1 
ATOM   466  C CG  . ARG A 1 63  ? 8.678   -20.776 7.402   1.00 70.61  ? 63  ARG A CG  1 
ATOM   467  C CD  . ARG A 1 63  ? 7.648   -21.630 8.116   1.00 73.21  ? 63  ARG A CD  1 
ATOM   468  N NE  . ARG A 1 63  ? 6.284   -21.158 7.878   1.00 82.56  ? 63  ARG A NE  1 
ATOM   469  C CZ  . ARG A 1 63  ? 5.301   -21.177 8.780   1.00 90.64  ? 63  ARG A CZ  1 
ATOM   470  N NH1 . ARG A 1 63  ? 5.509   -21.628 10.021  1.00 88.83  ? 63  ARG A NH1 1 
ATOM   471  N NH2 . ARG A 1 63  ? 4.097   -20.731 8.438   1.00 92.80  ? 63  ARG A NH2 1 
ATOM   472  N N   . ILE A 1 64  ? 9.403   -18.279 3.372   1.00 53.74  ? 64  ILE A N   1 
ATOM   473  C CA  . ILE A 1 64  ? 10.547  -17.546 2.851   1.00 50.54  ? 64  ILE A CA  1 
ATOM   474  C C   . ILE A 1 64  ? 11.001  -16.494 3.864   1.00 49.24  ? 64  ILE A C   1 
ATOM   475  O O   . ILE A 1 64  ? 10.197  -15.960 4.625   1.00 53.57  ? 64  ILE A O   1 
ATOM   476  C CB  . ILE A 1 64  ? 10.232  -16.824 1.535   1.00 49.63  ? 64  ILE A CB  1 
ATOM   477  C CG1 . ILE A 1 64  ? 8.886   -16.112 1.632   1.00 40.57  ? 64  ILE A CG1 1 
ATOM   478  C CG2 . ILE A 1 64  ? 10.310  -17.796 0.395   1.00 54.23  ? 64  ILE A CG2 1 
ATOM   479  C CD1 . ILE A 1 64  ? 8.876   -14.746 1.020   1.00 38.07  ? 64  ILE A CD1 1 
ATOM   480  N N   . ARG A 1 65  ? 12.302  -16.224 3.885   1.00 38.36  ? 65  ARG A N   1 
ATOM   481  C CA  . ARG A 1 65  ? 12.853  -15.125 4.663   1.00 36.61  ? 65  ARG A CA  1 
ATOM   482  C C   . ARG A 1 65  ? 12.899  -13.850 3.814   1.00 31.33  ? 65  ARG A C   1 
ATOM   483  O O   . ARG A 1 65  ? 12.933  -12.736 4.330   1.00 33.24  ? 65  ARG A O   1 
ATOM   484  C CB  . ARG A 1 65  ? 14.256  -15.500 5.155   1.00 52.08  ? 65  ARG A CB  1 
ATOM   485  C CG  . ARG A 1 65  ? 15.024  -14.376 5.804   1.00 71.43  ? 65  ARG A CG  1 
ATOM   486  C CD  . ARG A 1 65  ? 15.963  -14.899 6.878   1.00 91.62  ? 65  ARG A CD  1 
ATOM   487  N NE  . ARG A 1 65  ? 16.626  -13.824 7.624   1.00 117.54 ? 65  ARG A NE  1 
ATOM   488  C CZ  . ARG A 1 65  ? 16.003  -12.832 8.271   1.00 128.01 ? 65  ARG A CZ  1 
ATOM   489  N NH1 . ARG A 1 65  ? 14.686  -12.673 8.171   1.00 131.01 ? 65  ARG A NH1 1 
ATOM   490  N NH2 . ARG A 1 65  ? 16.711  -11.965 8.992   1.00 132.27 ? 65  ARG A NH2 1 
ATOM   491  N N   . PHE A 1 66  ? 12.906  -14.019 2.501   1.00 37.25  ? 66  PHE A N   1 
ATOM   492  C CA  . PHE A 1 66  ? 13.109  -12.898 1.606   1.00 32.62  ? 66  PHE A CA  1 
ATOM   493  C C   . PHE A 1 66  ? 12.014  -12.874 0.593   1.00 32.72  ? 66  PHE A C   1 
ATOM   494  O O   . PHE A 1 66  ? 11.683  -13.900 0.019   1.00 40.52  ? 66  PHE A O   1 
ATOM   495  C CB  . PHE A 1 66  ? 14.459  -13.008 0.909   1.00 35.46  ? 66  PHE A CB  1 
ATOM   496  C CG  . PHE A 1 66  ? 15.627  -12.915 1.844   1.00 37.01  ? 66  PHE A CG  1 
ATOM   497  C CD1 . PHE A 1 66  ? 16.085  -11.662 2.283   1.00 45.05  ? 66  PHE A CD1 1 
ATOM   498  C CD2 . PHE A 1 66  ? 16.174  -14.068 2.402   1.00 31.08  ? 66  PHE A CD2 1 
ATOM   499  C CE1 . PHE A 1 66  ? 17.059  -11.552 3.280   1.00 32.86  ? 66  PHE A CE1 1 
ATOM   500  C CE2 . PHE A 1 66  ? 17.143  -13.976 3.386   1.00 38.55  ? 66  PHE A CE2 1 
ATOM   501  C CZ  . PHE A 1 66  ? 17.586  -12.704 3.831   1.00 37.21  ? 66  PHE A CZ  1 
ATOM   502  N N   . ILE A 1 67  ? 11.360  -11.728 0.488   1.00 41.39  ? 67  ILE A N   1 
ATOM   503  C CA  . ILE A 1 67  ? 10.259  -11.532 -0.443  1.00 43.71  ? 67  ILE A CA  1 
ATOM   504  C C   . ILE A 1 67  ? 10.829  -11.540 -1.873  1.00 46.14  ? 67  ILE A C   1 
ATOM   505  O O   . ILE A 1 67  ? 11.644  -10.681 -2.231  1.00 54.22  ? 67  ILE A O   1 
ATOM   506  C CB  . ILE A 1 67  ? 9.525   -10.158 -0.143  1.00 32.15  ? 67  ILE A CB  1 
ATOM   507  C CG1 . ILE A 1 67  ? 9.387   -9.942  1.365   1.00 27.66  ? 67  ILE A CG1 1 
ATOM   508  C CG2 . ILE A 1 67  ? 8.133   -10.110 -0.765  1.00 23.03  ? 67  ILE A CG2 1 
ATOM   509  C CD1 . ILE A 1 67  ? 8.516   -10.936 2.055   1.00 30.40  ? 67  ILE A CD1 1 
ATOM   510  N N   . ALA A 1 68  ? 10.497  -12.565 -2.653  1.00 37.64  ? 68  ALA A N   1 
ATOM   511  C CA  . ALA A 1 68  ? 10.782  -12.534 -4.092  1.00 31.43  ? 68  ALA A CA  1 
ATOM   512  C C   . ALA A 1 68  ? 9.515   -12.113 -4.808  1.00 26.54  ? 68  ALA A C   1 
ATOM   513  O O   . ALA A 1 68  ? 8.432   -12.271 -4.258  1.00 26.07  ? 68  ALA A O   1 
ATOM   514  C CB  . ALA A 1 68  ? 11.217  -13.900 -4.564  1.00 53.54  ? 68  ALA A CB  1 
ATOM   515  N N   . GLU A 1 69  ? 9.625   -11.578 -6.019  1.00 29.72  ? 69  GLU A N   1 
ATOM   516  C CA  . GLU A 1 69  ? 8.425   -11.170 -6.744  1.00 38.14  ? 69  GLU A CA  1 
ATOM   517  C C   . GLU A 1 69  ? 7.387   -12.276 -6.804  1.00 45.88  ? 69  GLU A C   1 
ATOM   518  O O   . GLU A 1 69  ? 7.709   -13.465 -6.693  1.00 60.00  ? 69  GLU A O   1 
ATOM   519  C CB  . GLU A 1 69  ? 8.762   -10.758 -8.160  1.00 35.93  ? 69  GLU A CB  1 
ATOM   520  C CG  . GLU A 1 69  ? 9.364   -9.398  -8.242  1.00 54.77  ? 69  GLU A CG  1 
ATOM   521  C CD  . GLU A 1 69  ? 10.348  -9.275  -9.381  1.00 63.37  ? 69  GLU A CD  1 
ATOM   522  O OE1 . GLU A 1 69  ? 9.897   -9.100  -10.540 1.00 62.24  ? 69  GLU A OE1 1 
ATOM   523  O OE2 . GLU A 1 69  ? 11.574  -9.344  -9.108  1.00 72.93  ? 69  GLU A OE2 1 
ATOM   524  N N   . GLY A 1 70  ? 6.144   -11.889 -7.059  1.00 53.17  ? 70  GLY A N   1 
ATOM   525  C CA  . GLY A 1 70  ? 5.103   -12.872 -7.295  1.00 42.89  ? 70  GLY A CA  1 
ATOM   526  C C   . GLY A 1 70  ? 4.718   -13.706 -6.094  1.00 39.07  ? 70  GLY A C   1 
ATOM   527  O O   . GLY A 1 70  ? 3.753   -14.461 -6.167  1.00 50.22  ? 70  GLY A O   1 
ATOM   528  N N   . HIS A 1 71  ? 5.461   -13.607 -4.996  1.00 31.19  ? 71  HIS A N   1 
ATOM   529  C CA  . HIS A 1 71  ? 4.974   -14.152 -3.731  1.00 33.18  ? 71  HIS A CA  1 
ATOM   530  C C   . HIS A 1 71  ? 3.708   -13.421 -3.247  1.00 27.27  ? 71  HIS A C   1 
ATOM   531  O O   . HIS A 1 71  ? 3.522   -12.247 -3.520  1.00 21.89  ? 71  HIS A O   1 
ATOM   532  C CB  . HIS A 1 71  ? 6.058   -14.067 -2.663  1.00 30.17  ? 71  HIS A CB  1 
ATOM   533  C CG  . HIS A 1 71  ? 7.154   -15.066 -2.834  1.00 35.49  ? 71  HIS A CG  1 
ATOM   534  N ND1 . HIS A 1 71  ? 8.074   -15.335 -1.843  1.00 40.44  ? 71  HIS A ND1 1 
ATOM   535  C CD2 . HIS A 1 71  ? 7.590   -15.726 -3.937  1.00 35.20  ? 71  HIS A CD2 1 
ATOM   536  C CE1 . HIS A 1 71  ? 9.049   -16.081 -2.337  1.00 26.00  ? 71  HIS A CE1 1 
ATOM   537  N NE2 . HIS A 1 71  ? 8.773   -16.326 -3.601  1.00 38.60  ? 71  HIS A NE2 1 
ATOM   538  N N   . PRO A 1 72  ? 2.802   -14.130 -2.580  1.00 20.14  ? 72  PRO A N   1 
ATOM   539  C CA  . PRO A 1 72  ? 1.659   -13.434 -2.013  1.00 21.89  ? 72  PRO A CA  1 
ATOM   540  C C   . PRO A 1 72  ? 2.082   -12.637 -0.785  1.00 24.11  ? 72  PRO A C   1 
ATOM   541  O O   . PRO A 1 72  ? 2.818   -13.137 0.074   1.00 18.83  ? 72  PRO A O   1 
ATOM   542  C CB  . PRO A 1 72  ? 0.734   -14.576 -1.642  1.00 30.74  ? 72  PRO A CB  1 
ATOM   543  C CG  . PRO A 1 72  ? 1.685   -15.642 -1.164  1.00 34.10  ? 72  PRO A CG  1 
ATOM   544  C CD  . PRO A 1 72  ? 2.994   -15.432 -1.921  1.00 29.00  ? 72  PRO A CD  1 
ATOM   545  N N   . LEU A 1 73  ? 1.447   -11.486 -0.612  1.00 34.69  ? 73  LEU A N   1 
ATOM   546  C CA  . LEU A 1 73  ? 1.798   -10.566 0.467   1.00 35.64  ? 73  LEU A CA  1 
ATOM   547  C C   . LEU A 1 73  ? 0.559   -10.067 1.224   1.00 34.50  ? 73  LEU A C   1 
ATOM   548  O O   . LEU A 1 73  ? -0.511  -9.842  0.638   1.00 32.95  ? 73  LEU A O   1 
ATOM   549  C CB  . LEU A 1 73  ? 2.548   -9.359  -0.102  1.00 24.81  ? 73  LEU A CB  1 
ATOM   550  C CG  . LEU A 1 73  ? 3.925   -9.614  -0.667  1.00 23.44  ? 73  LEU A CG  1 
ATOM   551  C CD1 . LEU A 1 73  ? 4.387   -8.484  -1.535  1.00 15.85  ? 73  LEU A CD1 1 
ATOM   552  C CD2 . LEU A 1 73  ? 4.827   -9.806  0.482   1.00 29.31  ? 73  LEU A CD2 1 
ATOM   553  N N   . SER A 1 74  ? 0.738   -9.870  2.521   1.00 21.82  ? 74  SER A N   1 
ATOM   554  C CA  . SER A 1 74  ? -0.120  -8.975  3.278   1.00 26.33  ? 74  SER A CA  1 
ATOM   555  C C   . SER A 1 74  ? 0.685   -7.813  3.834   1.00 18.04  ? 74  SER A C   1 
ATOM   556  O O   . SER A 1 74  ? 1.795   -7.986  4.356   1.00 30.49  ? 74  SER A O   1 
ATOM   557  C CB  . SER A 1 74  ? -0.799  -9.709  4.424   1.00 32.59  ? 74  SER A CB  1 
ATOM   558  O OG  . SER A 1 74  ? 0.153   -10.420 5.181   1.00 52.36  ? 74  SER A OG  1 
ATOM   559  N N   . LEU A 1 75  ? 0.154   -6.615  3.649   1.00 26.26  ? 75  LEU A N   1 
ATOM   560  C CA  . LEU A 1 75  ? 0.781   -5.400  4.141   1.00 23.02  ? 75  LEU A CA  1 
ATOM   561  C C   . LEU A 1 75  ? -0.067  -4.846  5.277   1.00 20.46  ? 75  LEU A C   1 
ATOM   562  O O   . LEU A 1 75  ? -1.262  -4.596  5.081   1.00 18.20  ? 75  LEU A O   1 
ATOM   563  C CB  . LEU A 1 75  ? 0.834   -4.381  2.995   1.00 27.84  ? 75  LEU A CB  1 
ATOM   564  C CG  . LEU A 1 75  ? 1.385   -4.893  1.661   1.00 24.09  ? 75  LEU A CG  1 
ATOM   565  C CD1 . LEU A 1 75  ? 0.725   -4.192  0.534   1.00 20.32  ? 75  LEU A CD1 1 
ATOM   566  C CD2 . LEU A 1 75  ? 2.873   -4.672  1.624   1.00 27.52  ? 75  LEU A CD2 1 
ATOM   567  N N   . LYS A 1 76  ? 0.558   -4.494  6.395   1.00 6.93   ? 76  LYS A N   1 
ATOM   568  C CA  . LYS A 1 76  ? -0.154  -3.692  7.362   1.00 7.84   ? 76  LYS A CA  1 
ATOM   569  C C   . LYS A 1 76  ? 0.691   -2.562  7.923   1.00 9.59   ? 76  LYS A C   1 
ATOM   570  O O   . LYS A 1 76  ? 1.896   -2.702  8.071   1.00 19.95  ? 76  LYS A O   1 
ATOM   571  C CB  . LYS A 1 76  ? -0.685  -4.578  8.473   1.00 14.59  ? 76  LYS A CB  1 
ATOM   572  C CG  . LYS A 1 76  ? 0.355   -4.993  9.487   1.00 9.28   ? 76  LYS A CG  1 
ATOM   573  C CD  . LYS A 1 76  ? -0.312  -5.833  10.559  1.00 23.27  ? 76  LYS A CD  1 
ATOM   574  C CE  . LYS A 1 76  ? 0.268   -5.620  11.969  1.00 28.41  ? 76  LYS A CE  1 
ATOM   575  N NZ  . LYS A 1 76  ? -0.619  -6.182  13.071  1.00 39.04  ? 76  LYS A NZ  1 
ATOM   576  N N   . PHE A 1 77  ? 0.063   -1.414  8.173   1.00 12.96  ? 77  PHE A N   1 
ATOM   577  C CA  . PHE A 1 77  ? 0.758   -0.266  8.780   1.00 14.20  ? 77  PHE A CA  1 
ATOM   578  C C   . PHE A 1 77  ? 1.269   -0.621  10.150  1.00 10.81  ? 77  PHE A C   1 
ATOM   579  O O   . PHE A 1 77  ? 0.627   -1.344  10.868  1.00 14.25  ? 77  PHE A O   1 
ATOM   580  C CB  . PHE A 1 77  ? -0.174  0.930   8.937   1.00 7.42   ? 77  PHE A CB  1 
ATOM   581  C CG  . PHE A 1 77  ? -0.472  1.632   7.664   1.00 2.00   ? 77  PHE A CG  1 
ATOM   582  C CD1 . PHE A 1 77  ? 0.540   2.011   6.817   1.00 2.00   ? 77  PHE A CD1 1 
ATOM   583  C CD2 . PHE A 1 77  ? -1.786  1.878   7.288   1.00 7.71   ? 77  PHE A CD2 1 
ATOM   584  C CE1 . PHE A 1 77  ? 0.241   2.637   5.563   1.00 2.78   ? 77  PHE A CE1 1 
ATOM   585  C CE2 . PHE A 1 77  ? -2.093  2.487   6.080   1.00 7.58   ? 77  PHE A CE2 1 
ATOM   586  C CZ  . PHE A 1 77  ? -1.069  2.871   5.206   1.00 8.78   ? 77  PHE A CZ  1 
ATOM   587  N N   . ASP A 1 78  ? 2.435   -0.105  10.507  1.00 28.45  ? 78  ASP A N   1 
ATOM   588  C CA  . ASP A 1 78  ? 2.875   -0.093  11.908  1.00 31.44  ? 78  ASP A CA  1 
ATOM   589  C C   . ASP A 1 78  ? 2.005   0.873   12.709  1.00 31.07  ? 78  ASP A C   1 
ATOM   590  O O   . ASP A 1 78  ? 1.105   1.519   12.160  1.00 21.30  ? 78  ASP A O   1 
ATOM   591  C CB  . ASP A 1 78  ? 4.336   0.360   12.009  1.00 30.60  ? 78  ASP A CB  1 
ATOM   592  C CG  . ASP A 1 78  ? 5.039   -0.210  13.215  1.00 33.95  ? 78  ASP A CG  1 
ATOM   593  O OD1 . ASP A 1 78  ? 4.366   -0.688  14.151  1.00 32.36  ? 78  ASP A OD1 1 
ATOM   594  O OD2 . ASP A 1 78  ? 6.287   -0.245  13.199  1.00 44.97  ? 78  ASP A OD2 1 
ATOM   595  N N   . SER A 1 79  ? 2.239   0.932   14.012  1.00 27.59  ? 79  SER A N   1 
ATOM   596  C CA  . SER A 1 79  ? 1.546   1.892   14.860  1.00 36.92  ? 79  SER A CA  1 
ATOM   597  C C   . SER A 1 79  ? 1.720   3.317   14.309  1.00 34.93  ? 79  SER A C   1 
ATOM   598  O O   . SER A 1 79  ? 2.786   3.662   13.787  1.00 26.16  ? 79  SER A O   1 
ATOM   599  C CB  . SER A 1 79  ? 2.093   1.816   16.292  1.00 67.54  ? 79  SER A CB  1 
ATOM   600  O OG  . SER A 1 79  ? 2.717   0.560   16.581  1.00 84.45  ? 79  SER A OG  1 
ATOM   601  N N   . PHE A 1 80  ? 0.615   4.063   14.255  1.00 37.37  ? 80  PHE A N   1 
ATOM   602  C CA  . PHE A 1 80  ? 0.686   5.518   14.042  1.00 36.89  ? 80  PHE A CA  1 
ATOM   603  C C   . PHE A 1 80  ? -0.297  6.274   14.924  1.00 34.94  ? 80  PHE A C   1 
ATOM   604  O O   . PHE A 1 80  ? -1.012  5.654   15.698  1.00 43.22  ? 80  PHE A O   1 
ATOM   605  C CB  . PHE A 1 80  ? 0.439   5.877   12.573  1.00 23.21  ? 80  PHE A CB  1 
ATOM   606  C CG  . PHE A 1 80  ? -0.816  5.305   12.005  1.00 24.40  ? 80  PHE A CG  1 
ATOM   607  C CD1 . PHE A 1 80  ? -0.886  3.959   11.674  1.00 11.20  ? 80  PHE A CD1 1 
ATOM   608  C CD2 . PHE A 1 80  ? -1.888  6.132   11.688  1.00 19.57  ? 80  PHE A CD2 1 
ATOM   609  C CE1 . PHE A 1 80  ? -1.981  3.459   11.044  1.00 8.11   ? 80  PHE A CE1 1 
ATOM   610  C CE2 . PHE A 1 80  ? -2.993  5.626   11.049  1.00 16.63  ? 80  PHE A CE2 1 
ATOM   611  C CZ  . PHE A 1 80  ? -3.040  4.283   10.725  1.00 10.92  ? 80  PHE A CZ  1 
ATOM   612  N N   . ALA A 1 81  ? -0.370  7.596   14.769  1.00 35.24  ? 81  ALA A N   1 
ATOM   613  C CA  . ALA A 1 81  ? -1.248  8.427   15.600  1.00 35.62  ? 81  ALA A CA  1 
ATOM   614  C C   . ALA A 1 81  ? -2.645  8.605   15.017  1.00 33.93  ? 81  ALA A C   1 
ATOM   615  O O   . ALA A 1 81  ? -2.786  9.076   13.904  1.00 30.10  ? 81  ALA A O   1 
ATOM   616  C CB  . ALA A 1 81  ? -0.623  9.789   15.837  1.00 45.56  ? 81  ALA A CB  1 
ATOM   617  N N   . VAL A 1 82  ? -3.659  8.277   15.824  1.00 43.89  ? 82  VAL A N   1 
ATOM   618  C CA  . VAL A 1 82  ? -5.089  8.448   15.505  1.00 34.16  ? 82  VAL A CA  1 
ATOM   619  C C   . VAL A 1 82  ? -5.754  9.187   16.675  1.00 29.60  ? 82  VAL A C   1 
ATOM   620  O O   . VAL A 1 82  ? -5.300  9.083   17.823  1.00 26.99  ? 82  VAL A O   1 
ATOM   621  C CB  . VAL A 1 82  ? -5.795  7.056   15.343  1.00 25.63  ? 82  VAL A CB  1 
ATOM   622  C CG1 . VAL A 1 82  ? -5.492  6.474   13.987  1.00 30.10  ? 82  VAL A CG1 1 
ATOM   623  C CG2 . VAL A 1 82  ? -5.304  6.078   16.414  1.00 10.97  ? 82  VAL A CG2 1 
ATOM   624  N N   . ILE A 1 83  ? -6.909  9.789   16.436  1.00 21.85  ? 83  ILE A N   1 
ATOM   625  C CA  . ILE A 1 83  ? -7.671  10.330  17.562  1.00 29.77  ? 83  ILE A CA  1 
ATOM   626  C C   . ILE A 1 83  ? -8.166  9.195   18.477  1.00 29.52  ? 83  ILE A C   1 
ATOM   627  O O   . ILE A 1 83  ? -8.283  8.057   18.035  1.00 33.94  ? 83  ILE A O   1 
ATOM   628  C CB  . ILE A 1 83  ? -8.854  11.159  17.066  1.00 21.46  ? 83  ILE A CB  1 
ATOM   629  C CG1 . ILE A 1 83  ? -9.835  10.269  16.320  1.00 29.52  ? 83  ILE A CG1 1 
ATOM   630  C CG2 . ILE A 1 83  ? -8.356  12.284  16.158  1.00 19.76  ? 83  ILE A CG2 1 
ATOM   631  C CD1 . ILE A 1 83  ? -10.837 11.038  15.458  1.00 23.40  ? 83  ILE A CD1 1 
ATOM   632  N N   . MET A 1 84  ? -8.380  9.479   19.761  1.00 31.24  ? 84  MET A N   1 
ATOM   633  C CA  . MET A 1 84  ? -8.722  8.436   20.735  1.00 31.83  ? 84  MET A CA  1 
ATOM   634  C C   . MET A 1 84  ? -9.959  7.609   20.376  1.00 30.96  ? 84  MET A C   1 
ATOM   635  O O   . MET A 1 84  ? -9.999  6.400   20.618  1.00 31.69  ? 84  MET A O   1 
ATOM   636  C CB  . MET A 1 84  ? -8.876  9.025   22.145  1.00 48.48  ? 84  MET A CB  1 
ATOM   637  C CG  . MET A 1 84  ? -7.958  8.372   23.195  1.00 53.98  ? 84  MET A CG  1 
ATOM   638  S SD  . MET A 1 84  ? -6.145  8.576   22.877  1.00 87.15  ? 84  MET A SD  1 
ATOM   639  C CE  . MET A 1 84  ? -5.370  7.331   24.024  1.00 78.75  ? 84  MET A CE  1 
ATOM   640  N N   . LEU A 1 85  ? -10.912 8.235   19.698  1.00 32.71  ? 85  LEU A N   1 
ATOM   641  C CA  . LEU A 1 85  ? -12.002 7.523   19.034  1.00 30.19  ? 85  LEU A CA  1 
ATOM   642  C C   . LEU A 1 85  ? -11.539 6.303   18.232  1.00 34.94  ? 85  LEU A C   1 
ATOM   643  O O   . LEU A 1 85  ? -12.208 5.280   18.218  1.00 46.26  ? 85  LEU A O   1 
ATOM   644  C CB  . LEU A 1 85  ? -12.728 8.471   18.088  1.00 15.58  ? 85  LEU A CB  1 
ATOM   645  C CG  . LEU A 1 85  ? -14.241 8.365   17.880  1.00 21.21  ? 85  LEU A CG  1 
ATOM   646  C CD1 . LEU A 1 85  ? -14.536 8.005   16.462  1.00 24.68  ? 85  LEU A CD1 1 
ATOM   647  C CD2 . LEU A 1 85  ? -14.856 7.353   18.823  1.00 27.30  ? 85  LEU A CD2 1 
ATOM   648  N N   . CYS A 1 86  ? -10.452 6.445   17.480  1.00 36.05  ? 86  CYS A N   1 
ATOM   649  C CA  . CYS A 1 86  ? -10.072 5.423   16.525  1.00 25.16  ? 86  CYS A CA  1 
ATOM   650  C C   . CYS A 1 86  ? -9.031  4.418   16.982  1.00 22.99  ? 86  CYS A C   1 
ATOM   651  O O   . CYS A 1 86  ? -8.732  3.476   16.263  1.00 30.83  ? 86  CYS A O   1 
ATOM   652  C CB  . CYS A 1 86  ? -9.608  6.072   15.247  1.00 21.32  ? 86  CYS A CB  1 
ATOM   653  S SG  . CYS A 1 86  ? -10.884 7.134   14.575  1.00 29.04  ? 86  CYS A SG  1 
ATOM   654  N N   . VAL A 1 87  ? -8.454  4.619   18.153  1.00 23.26  ? 87  VAL A N   1 
ATOM   655  C CA  . VAL A 1 87  ? -7.605  3.607   18.750  1.00 13.24  ? 87  VAL A CA  1 
ATOM   656  C C   . VAL A 1 87  ? -8.039  2.148   18.579  1.00 19.87  ? 87  VAL A C   1 
ATOM   657  O O   . VAL A 1 87  ? -9.200  1.761   18.817  1.00 10.30  ? 87  VAL A O   1 
ATOM   658  C CB  . VAL A 1 87  ? -7.443  3.899   20.201  1.00 19.82  ? 87  VAL A CB  1 
ATOM   659  C CG1 . VAL A 1 87  ? -6.824  2.724   20.912  1.00 20.75  ? 87  VAL A CG1 1 
ATOM   660  C CG2 . VAL A 1 87  ? -6.588  5.132   20.333  1.00 25.29  ? 87  VAL A CG2 1 
ATOM   661  N N   . GLY A 1 88  ? -7.053  1.332   18.223  1.00 24.51  ? 88  GLY A N   1 
ATOM   662  C CA  . GLY A 1 88  ? -7.269  -0.095  18.095  1.00 21.58  ? 88  GLY A CA  1 
ATOM   663  C C   . GLY A 1 88  ? -7.815  -0.608  16.772  1.00 27.49  ? 88  GLY A C   1 
ATOM   664  O O   . GLY A 1 88  ? -8.000  -1.819  16.652  1.00 24.73  ? 88  GLY A O   1 
ATOM   665  N N   . ILE A 1 89  ? -8.129  0.273   15.810  1.00 32.16  ? 89  ILE A N   1 
ATOM   666  C CA  . ILE A 1 89  ? -8.553  -0.185  14.472  1.00 35.19  ? 89  ILE A CA  1 
ATOM   667  C C   . ILE A 1 89  ? -7.465  -1.050  13.818  1.00 42.31  ? 89  ILE A C   1 
ATOM   668  O O   . ILE A 1 89  ? -6.263  -0.907  14.122  1.00 44.45  ? 89  ILE A O   1 
ATOM   669  C CB  . ILE A 1 89  ? -8.872  0.974   13.492  1.00 25.79  ? 89  ILE A CB  1 
ATOM   670  C CG1 . ILE A 1 89  ? -7.657  1.907   13.368  1.00 33.19  ? 89  ILE A CG1 1 
ATOM   671  C CG2 . ILE A 1 89  ? -10.143 1.686   13.898  1.00 13.23  ? 89  ILE A CG2 1 
ATOM   672  C CD1 . ILE A 1 89  ? -7.708  2.852   12.177  1.00 34.94  ? 89  ILE A CD1 1 
ATOM   673  N N   . PRO A 1 90  ? -7.886  -1.993  12.950  1.00 35.38  ? 90  PRO A N   1 
ATOM   674  C CA  . PRO A 1 90  ? -6.985  -2.822  12.143  1.00 28.40  ? 90  PRO A CA  1 
ATOM   675  C C   . PRO A 1 90  ? -6.320  -2.013  11.036  1.00 19.47  ? 90  PRO A C   1 
ATOM   676  O O   . PRO A 1 90  ? -7.003  -1.300  10.291  1.00 13.84  ? 90  PRO A O   1 
ATOM   677  C CB  . PRO A 1 90  ? -7.904  -3.913  11.580  1.00 24.73  ? 90  PRO A CB  1 
ATOM   678  C CG  . PRO A 1 90  ? -9.098  -3.897  12.475  1.00 24.46  ? 90  PRO A CG  1 
ATOM   679  C CD  . PRO A 1 90  ? -9.276  -2.470  12.850  1.00 32.89  ? 90  PRO A CD  1 
ATOM   680  N N   . THR A 1 91  ? -5.002  -2.190  10.918  1.00 21.06  ? 91  THR A N   1 
ATOM   681  C CA  . THR A 1 91  ? -4.154  -1.464  9.981   1.00 20.30  ? 91  THR A CA  1 
ATOM   682  C C   . THR A 1 91  ? -3.726  -2.288  8.752   1.00 20.90  ? 91  THR A C   1 
ATOM   683  O O   . THR A 1 91  ? -2.963  -1.793  7.921   1.00 30.05  ? 91  THR A O   1 
ATOM   684  C CB  . THR A 1 91  ? -2.852  -0.980  10.660  1.00 24.20  ? 91  THR A CB  1 
ATOM   685  O OG1 . THR A 1 91  ? -2.302  -2.054  11.412  1.00 23.71  ? 91  THR A OG1 1 
ATOM   686  C CG2 . THR A 1 91  ? -3.099  0.182   11.591  1.00 15.46  ? 91  THR A CG2 1 
ATOM   687  N N   . GLU A 1 92  ? -4.235  -3.506  8.609   1.00 12.91  ? 92  GLU A N   1 
ATOM   688  C CA  . GLU A 1 92  ? -3.916  -4.338  7.461   1.00 10.41  ? 92  GLU A CA  1 
ATOM   689  C C   . GLU A 1 92  ? -4.721  -3.913  6.244   1.00 17.04  ? 92  GLU A C   1 
ATOM   690  O O   . GLU A 1 92  ? -5.909  -3.629  6.366   1.00 13.77  ? 92  GLU A O   1 
ATOM   691  C CB  . GLU A 1 92  ? -4.194  -5.793  7.783   1.00 25.49  ? 92  GLU A CB  1 
ATOM   692  C CG  . GLU A 1 92  ? -4.225  -6.674  6.565   1.00 50.84  ? 92  GLU A CG  1 
ATOM   693  C CD  . GLU A 1 92  ? -3.255  -7.833  6.658   1.00 73.19  ? 92  GLU A CD  1 
ATOM   694  O OE1 . GLU A 1 92  ? -2.344  -7.798  7.524   1.00 82.63  ? 92  GLU A OE1 1 
ATOM   695  O OE2 . GLU A 1 92  ? -3.387  -8.762  5.826   1.00 82.87  ? 92  GLU A OE2 1 
ATOM   696  N N   . TRP A 1 93  ? -4.076  -3.823  5.079   1.00 20.69  ? 93  TRP A N   1 
ATOM   697  C CA  . TRP A 1 93  ? -4.747  -3.286  3.883   1.00 23.55  ? 93  TRP A CA  1 
ATOM   698  C C   . TRP A 1 93  ? -5.822  -4.235  3.331   1.00 20.04  ? 93  TRP A C   1 
ATOM   699  O O   . TRP A 1 93  ? -5.532  -5.390  3.077   1.00 28.56  ? 93  TRP A O   1 
ATOM   700  C CB  . TRP A 1 93  ? -3.730  -3.002  2.759   1.00 18.04  ? 93  TRP A CB  1 
ATOM   701  C CG  . TRP A 1 93  ? -2.688  -1.954  3.028   1.00 24.60  ? 93  TRP A CG  1 
ATOM   702  C CD1 . TRP A 1 93  ? -2.228  -1.524  4.255   1.00 19.84  ? 93  TRP A CD1 1 
ATOM   703  C CD2 . TRP A 1 93  ? -1.821  -1.366  2.054   1.00 24.24  ? 93  TRP A CD2 1 
ATOM   704  N NE1 . TRP A 1 93  ? -1.114  -0.734  4.091   1.00 18.28  ? 93  TRP A NE1 1 
ATOM   705  C CE2 . TRP A 1 93  ? -0.836  -0.632  2.753   1.00 21.15  ? 93  TRP A CE2 1 
ATOM   706  C CE3 . TRP A 1 93  ? -1.771  -1.402  0.656   1.00 24.25  ? 93  TRP A CE3 1 
ATOM   707  C CZ2 . TRP A 1 93  ? 0.192   0.049   2.096   1.00 18.98  ? 93  TRP A CZ2 1 
ATOM   708  C CZ3 . TRP A 1 93  ? -0.743  -0.714  0.000   1.00 21.46  ? 93  TRP A CZ3 1 
ATOM   709  C CH2 . TRP A 1 93  ? 0.224   -0.006  0.721   1.00 9.00   ? 93  TRP A CH2 1 
ATOM   710  N N   . SER A 1 94  ? -6.956  -3.680  2.918   1.00 14.78  ? 94  SER A N   1 
ATOM   711  C CA  . SER A 1 94  ? -8.027  -4.442  2.293   1.00 16.55  ? 94  SER A CA  1 
ATOM   712  C C   . SER A 1 94  ? -8.392  -3.756  0.961   1.00 19.77  ? 94  SER A C   1 
ATOM   713  O O   . SER A 1 94  ? -8.224  -2.559  0.826   1.00 34.87  ? 94  SER A O   1 
ATOM   714  C CB  . SER A 1 94  ? -9.282  -4.474  3.197   1.00 18.93  ? 94  SER A CB  1 
ATOM   715  O OG  . SER A 1 94  ? -9.099  -5.194  4.407   1.00 26.40  ? 94  SER A OG  1 
ATOM   716  N N   . VAL A 1 95  ? -8.912  -4.507  -0.007  1.00 18.08  ? 95  VAL A N   1 
ATOM   717  C CA  . VAL A 1 95  ? -9.434  -3.949  -1.250  1.00 22.97  ? 95  VAL A CA  1 
ATOM   718  C C   . VAL A 1 95  ? -10.922 -4.122  -1.182  1.00 29.53  ? 95  VAL A C   1 
ATOM   719  O O   . VAL A 1 95  ? -11.377 -5.247  -1.123  1.00 50.51  ? 95  VAL A O   1 
ATOM   720  C CB  . VAL A 1 95  ? -8.909  -4.747  -2.457  1.00 22.85  ? 95  VAL A CB  1 
ATOM   721  C CG1 . VAL A 1 95  ? -9.619  -4.332  -3.743  1.00 19.44  ? 95  VAL A CG1 1 
ATOM   722  C CG2 . VAL A 1 95  ? -7.408  -4.551  -2.575  1.00 26.69  ? 95  VAL A CG2 1 
ATOM   723  N N   . VAL A 1 96  ? -11.694 -3.047  -1.084  1.00 26.83  ? 96  VAL A N   1 
ATOM   724  C CA  . VAL A 1 96  ? -13.118 -3.235  -0.847  1.00 26.77  ? 96  VAL A CA  1 
ATOM   725  C C   . VAL A 1 96  ? -13.905 -2.776  -2.035  1.00 34.86  ? 96  VAL A C   1 
ATOM   726  O O   . VAL A 1 96  ? -13.607 -1.732  -2.598  1.00 37.95  ? 96  VAL A O   1 
ATOM   727  C CB  . VAL A 1 96  ? -13.604 -2.542  0.476   1.00 23.04  ? 96  VAL A CB  1 
ATOM   728  C CG1 . VAL A 1 96  ? -12.410 -2.260  1.400   1.00 23.86  ? 96  VAL A CG1 1 
ATOM   729  C CG2 . VAL A 1 96  ? -14.437 -1.314  0.188   1.00 21.28  ? 96  VAL A CG2 1 
ATOM   730  N N   . GLU A 1 97  ? -14.737 -3.663  -2.559  1.00 40.07  ? 97  GLU A N   1 
ATOM   731  C CA  . GLU A 1 97  ? -15.391 -3.370  -3.822  1.00 50.66  ? 97  GLU A CA  1 
ATOM   732  C C   . GLU A 1 97  ? -16.717 -2.665  -3.588  1.00 59.89  ? 97  GLU A C   1 
ATOM   733  O O   . GLU A 1 97  ? -17.024 -2.266  -2.449  1.00 64.04  ? 97  GLU A O   1 
ATOM   734  C CB  . GLU A 1 97  ? -15.601 -4.644  -4.639  1.00 51.84  ? 97  GLU A CB  1 
ATOM   735  C CG  . GLU A 1 97  ? -15.505 -5.929  -3.840  1.00 62.06  ? 97  GLU A CG  1 
ATOM   736  C CD  . GLU A 1 97  ? -16.685 -6.860  -4.076  1.00 67.56  ? 97  GLU A CD  1 
ATOM   737  O OE1 . GLU A 1 97  ? -17.096 -7.035  -5.252  1.00 70.35  ? 97  GLU A OE1 1 
ATOM   738  O OE2 . GLU A 1 97  ? -17.219 -7.392  -3.074  1.00 66.06  ? 97  GLU A OE2 1 
ATOM   739  N N   . ASP A 1 98  ? -17.500 -2.530  -4.664  1.00 70.54  ? 98  ASP A N   1 
ATOM   740  C CA  . ASP A 1 98  ? -18.803 -1.851  -4.631  1.00 70.98  ? 98  ASP A CA  1 
ATOM   741  C C   . ASP A 1 98  ? -18.669 -0.384  -4.200  1.00 74.39  ? 98  ASP A C   1 
ATOM   742  O O   . ASP A 1 98  ? -19.519 0.148   -3.468  1.00 79.77  ? 98  ASP A O   1 
ATOM   743  C CB  . ASP A 1 98  ? -19.783 -2.585  -3.697  1.00 53.97  ? 98  ASP A CB  1 
ATOM   744  N N   . LEU A 1 99  ? -17.609 0.271   -4.667  1.00 51.00  ? 99  LEU A N   1 
ATOM   745  C CA  . LEU A 1 99  ? -17.368 1.657   -4.307  1.00 43.89  ? 99  LEU A CA  1 
ATOM   746  C C   . LEU A 1 99  ? -17.249 2.506   -5.545  1.00 43.56  ? 99  LEU A C   1 
ATOM   747  O O   . LEU A 1 99  ? -17.063 2.011   -6.655  1.00 40.14  ? 99  LEU A O   1 
ATOM   748  C CB  . LEU A 1 99  ? -16.104 1.811   -3.455  1.00 38.20  ? 99  LEU A CB  1 
ATOM   749  C CG  . LEU A 1 99  ? -16.233 1.568   -1.952  1.00 37.16  ? 99  LEU A CG  1 
ATOM   750  C CD1 . LEU A 1 99  ? -14.895 1.790   -1.284  1.00 33.59  ? 99  LEU A CD1 1 
ATOM   751  C CD2 . LEU A 1 99  ? -17.261 2.495   -1.366  1.00 39.03  ? 99  LEU A CD2 1 
ATOM   752  N N   . PRO A 1 100 ? -17.541 3.790   -5.386  1.00 49.63  ? 100 PRO A N   1 
ATOM   753  C CA  . PRO A 1 100 ? -17.564 4.687   -6.534  1.00 49.40  ? 100 PRO A CA  1 
ATOM   754  C C   . PRO A 1 100 ? -16.187 4.784   -7.181  1.00 56.67  ? 100 PRO A C   1 
ATOM   755  O O   . PRO A 1 100 ? -16.058 4.664   -8.403  1.00 56.92  ? 100 PRO A O   1 
ATOM   756  C CB  . PRO A 1 100 ? -18.005 6.001   -5.918  1.00 36.88  ? 100 PRO A CB  1 
ATOM   757  C CG  . PRO A 1 100 ? -18.845 5.568   -4.712  1.00 34.23  ? 100 PRO A CG  1 
ATOM   758  C CD  . PRO A 1 100 ? -18.130 4.399   -4.177  1.00 39.26  ? 100 PRO A CD  1 
ATOM   759  N N   . GLU A 1 101 ? -15.161 4.915   -6.340  1.00 69.75  ? 101 GLU A N   1 
ATOM   760  C CA  . GLU A 1 101 ? -13.792 5.197   -6.787  1.00 68.53  ? 101 GLU A CA  1 
ATOM   761  C C   . GLU A 1 101 ? -13.113 4.028   -7.485  1.00 69.06  ? 101 GLU A C   1 
ATOM   762  O O   . GLU A 1 101 ? -11.897 4.037   -7.685  1.00 78.73  ? 101 GLU A O   1 
ATOM   763  C CB  . GLU A 1 101 ? -12.932 5.603   -5.593  1.00 50.04  ? 101 GLU A CB  1 
ATOM   764  C CG  . GLU A 1 101 ? -13.048 4.676   -4.410  1.00 51.72  ? 101 GLU A CG  1 
ATOM   765  C CD  . GLU A 1 101 ? -13.799 5.318   -3.264  1.00 63.22  ? 101 GLU A CD  1 
ATOM   766  O OE1 . GLU A 1 101 ? -14.931 5.787   -3.494  1.00 60.63  ? 101 GLU A OE1 1 
ATOM   767  O OE2 . GLU A 1 101 ? -13.244 5.397   -2.142  1.00 68.52  ? 101 GLU A OE2 1 
ATOM   768  N N   . GLY A 1 102 ? -13.886 3.004   -7.817  1.00 55.56  ? 102 GLY A N   1 
ATOM   769  C CA  . GLY A 1 102 ? -13.297 1.716   -8.121  1.00 52.31  ? 102 GLY A CA  1 
ATOM   770  C C   . GLY A 1 102 ? -12.917 0.961   -6.857  1.00 49.73  ? 102 GLY A C   1 
ATOM   771  O O   . GLY A 1 102 ? -13.103 1.476   -5.751  1.00 56.10  ? 102 GLY A O   1 
ATOM   772  N N   . PRO A 1 103 ? -12.424 -0.281  -6.989  1.00 41.11  ? 103 PRO A N   1 
ATOM   773  C CA  . PRO A 1 103 ? -11.854 -1.070  -5.892  1.00 36.95  ? 103 PRO A CA  1 
ATOM   774  C C   . PRO A 1 103 ? -10.776 -0.355  -5.079  1.00 32.86  ? 103 PRO A C   1 
ATOM   775  O O   . PRO A 1 103 ? -9.607  -0.339  -5.447  1.00 47.92  ? 103 PRO A O   1 
ATOM   776  C CB  . PRO A 1 103 ? -11.317 -2.304  -6.597  1.00 36.02  ? 103 PRO A CB  1 
ATOM   777  C CG  . PRO A 1 103 ? -12.237 -2.473  -7.754  1.00 29.16  ? 103 PRO A CG  1 
ATOM   778  C CD  . PRO A 1 103 ? -12.608 -1.097  -8.202  1.00 34.50  ? 103 PRO A CD  1 
ATOM   779  N N   . ALA A 1 104 ? -11.146 0.051   -3.877  1.00 28.26  ? 104 ALA A N   1 
ATOM   780  C CA  . ALA A 1 104 ? -10.305 0.909   -3.071  1.00 25.08  ? 104 ALA A CA  1 
ATOM   781  C C   . ALA A 1 104 ? -9.491  0.098   -2.083  1.00 16.27  ? 104 ALA A C   1 
ATOM   782  O O   . ALA A 1 104 ? -9.942  -0.928  -1.607  1.00 30.79  ? 104 ALA A O   1 
ATOM   783  C CB  . ALA A 1 104 ? -11.173 1.919   -2.338  1.00 19.51  ? 104 ALA A CB  1 
ATOM   784  N N   . VAL A 1 105 ? -8.264  0.516   -1.844  1.00 13.39  ? 105 VAL A N   1 
ATOM   785  C CA  . VAL A 1 105 ? -7.486  0.014   -0.724  1.00 11.88  ? 105 VAL A CA  1 
ATOM   786  C C   . VAL A 1 105 ? -7.847  0.781   0.561   1.00 25.10  ? 105 VAL A C   1 
ATOM   787  O O   . VAL A 1 105 ? -7.879  2.017   0.590   1.00 31.68  ? 105 VAL A O   1 
ATOM   788  C CB  . VAL A 1 105 ? -5.986  0.155   -1.020  1.00 14.09  ? 105 VAL A CB  1 
ATOM   789  C CG1 . VAL A 1 105 ? -5.182  -0.655  -0.047  1.00 3.73   ? 105 VAL A CG1 1 
ATOM   790  C CG2 . VAL A 1 105 ? -5.705  -0.289  -2.448  1.00 16.16  ? 105 VAL A CG2 1 
ATOM   791  N N   . LYS A 1 106 ? -8.192  0.028   1.601   1.00 23.65  ? 106 LYS A N   1 
ATOM   792  C CA  . LYS A 1 106 ? -8.735  0.572   2.833   1.00 16.10  ? 106 LYS A CA  1 
ATOM   793  C C   . LYS A 1 106 ? -8.040  -0.100  3.982   1.00 15.13  ? 106 LYS A C   1 
ATOM   794  O O   . LYS A 1 106 ? -7.295  -1.027  3.770   1.00 13.65  ? 106 LYS A O   1 
ATOM   795  C CB  . LYS A 1 106 ? -10.216 0.262   2.938   1.00 16.30  ? 106 LYS A CB  1 
ATOM   796  C CG  . LYS A 1 106 ? -11.074 0.994   1.953   1.00 24.98  ? 106 LYS A CG  1 
ATOM   797  C CD  . LYS A 1 106 ? -10.932 2.490   2.098   1.00 29.32  ? 106 LYS A CD  1 
ATOM   798  C CE  . LYS A 1 106 ? -12.251 3.174   1.817   1.00 24.74  ? 106 LYS A CE  1 
ATOM   799  N NZ  . LYS A 1 106 ? -12.048 4.433   1.067   1.00 35.77  ? 106 LYS A NZ  1 
ATOM   800  N N   . ILE A 1 107 ? -8.106  0.507   5.161   1.00 20.16  ? 107 ILE A N   1 
ATOM   801  C CA  . ILE A 1 107 ? -7.816  -0.227  6.377   1.00 23.59  ? 107 ILE A CA  1 
ATOM   802  C C   . ILE A 1 107 ? -9.040  -0.264  7.298   1.00 21.85  ? 107 ILE A C   1 
ATOM   803  O O   . ILE A 1 107 ? -10.170 -0.064  6.839   1.00 17.78  ? 107 ILE A O   1 
ATOM   804  C CB  . ILE A 1 107 ? -6.520  0.298   7.116   1.00 23.30  ? 107 ILE A CB  1 
ATOM   805  C CG1 . ILE A 1 107 ? -6.663  1.743   7.570   1.00 24.18  ? 107 ILE A CG1 1 
ATOM   806  C CG2 . ILE A 1 107 ? -5.322  0.210   6.188   1.00 32.24  ? 107 ILE A CG2 1 
ATOM   807  C CD1 . ILE A 1 107 ? -5.598  2.118   8.579   1.00 16.25  ? 107 ILE A CD1 1 
ATOM   808  N N   . GLY A 1 108 ? -8.832  -0.672  8.548   1.00 22.82  ? 108 GLY A N   1 
ATOM   809  C CA  . GLY A 1 108 ? -9.956  -0.915  9.427   1.00 27.74  ? 108 GLY A CA  1 
ATOM   810  C C   . GLY A 1 108 ? -10.786 -2.105  8.998   1.00 27.53  ? 108 GLY A C   1 
ATOM   811  O O   . GLY A 1 108 ? -10.252 -3.113  8.539   1.00 35.52  ? 108 GLY A O   1 
ATOM   812  N N   . GLU A 1 109 ? -12.073 -2.058  9.325   1.00 39.03  ? 109 GLU A N   1 
ATOM   813  C CA  . GLU A 1 109 ? -12.981 -3.187  9.117   1.00 41.51  ? 109 GLU A CA  1 
ATOM   814  C C   . GLU A 1 109 ? -14.088 -2.843  8.110   1.00 45.95  ? 109 GLU A C   1 
ATOM   815  O O   . GLU A 1 109 ? -14.983 -2.027  8.362   1.00 41.05  ? 109 GLU A O   1 
ATOM   816  C CB  . GLU A 1 109 ? -13.582 -3.640  10.453  1.00 38.62  ? 109 GLU A CB  1 
ATOM   817  C CG  . GLU A 1 109 ? -12.545 -3.894  11.542  1.00 34.96  ? 109 GLU A CG  1 
ATOM   818  C CD  . GLU A 1 109 ? -13.163 -4.118  12.902  1.00 41.41  ? 109 GLU A CD  1 
ATOM   819  O OE1 . GLU A 1 109 ? -14.148 -3.421  13.220  1.00 39.21  ? 109 GLU A OE1 1 
ATOM   820  O OE2 . GLU A 1 109 ? -12.649 -4.968  13.670  1.00 39.24  ? 109 GLU A OE2 1 
ATOM   821  N N   . ASN A 1 110 ? -13.975 -3.443  6.937   1.00 58.16  ? 110 ASN A N   1 
ATOM   822  C CA  . ASN A 1 110 ? -14.806 -3.070  5.816   1.00 68.95  ? 110 ASN A CA  1 
ATOM   823  C C   . ASN A 1 110 ? -15.620 -4.265  5.338   1.00 70.51  ? 110 ASN A C   1 
ATOM   824  O O   . ASN A 1 110 ? -15.113 -5.392  5.263   1.00 68.45  ? 110 ASN A O   1 
ATOM   825  C CB  . ASN A 1 110 ? -13.931 -2.518  4.688   1.00 71.64  ? 110 ASN A CB  1 
ATOM   826  C CG  . ASN A 1 110 ? -13.992 -1.011  4.596   1.00 77.55  ? 110 ASN A CG  1 
ATOM   827  O OD1 . ASN A 1 110 ? -14.902 -0.447  3.971   1.00 79.82  ? 110 ASN A OD1 1 
ATOM   828  N ND2 . ASN A 1 110 ? -13.027 -0.343  5.221   1.00 75.43  ? 110 ASN A ND2 1 
ATOM   829  N N   . LYS A 1 111 ? -16.887 -4.013  5.021   1.00 67.75  ? 111 LYS A N   1 
ATOM   830  C CA  . LYS A 1 111 ? -17.816 -5.084  4.699   1.00 65.92  ? 111 LYS A CA  1 
ATOM   831  C C   . LYS A 1 111 ? -17.436 -5.823  3.416   1.00 63.91  ? 111 LYS A C   1 
ATOM   832  O O   . LYS A 1 111 ? -17.381 -7.059  3.398   1.00 66.84  ? 111 LYS A O   1 
ATOM   833  N N   . ASP A 1 112 ? -17.290 -5.070  2.327   1.00 56.37  ? 112 ASP A N   1 
ATOM   834  C CA  . ASP A 1 112 ? -17.066 -5.662  1.010   1.00 50.82  ? 112 ASP A CA  1 
ATOM   835  C C   . ASP A 1 112 ? -15.601 -5.985  0.676   1.00 43.59  ? 112 ASP A C   1 
ATOM   836  O O   . ASP A 1 112 ? -15.235 -5.992  -0.505  1.00 44.15  ? 112 ASP A O   1 
ATOM   837  N N   . ALA A 1 113 ? -14.775 -6.237  1.698   1.00 28.81  ? 113 ALA A N   1 
ATOM   838  C CA  . ALA A 1 113 ? -13.354 -6.498  1.472   1.00 35.11  ? 113 ALA A CA  1 
ATOM   839  C C   . ALA A 1 113 ? -13.175 -7.749  0.630   1.00 37.75  ? 113 ALA A C   1 
ATOM   840  O O   . ALA A 1 113 ? -13.679 -8.818  0.980   1.00 47.77  ? 113 ALA A O   1 
ATOM   841  C CB  . ALA A 1 113 ? -12.598 -6.634  2.789   1.00 18.16  ? 113 ALA A CB  1 
ATOM   842  N N   . MET A 1 114 ? -12.717 -7.522  -0.599  1.00 37.33  ? 114 MET A N   1 
ATOM   843  C CA  . MET A 1 114 ? -12.363 -8.578  -1.529  1.00 32.92  ? 114 MET A CA  1 
ATOM   844  C C   . MET A 1 114 ? -11.357 -9.494  -0.893  1.00 35.10  ? 114 MET A C   1 
ATOM   845  O O   . MET A 1 114 ? -10.384 -9.030  -0.324  1.00 45.52  ? 114 MET A O   1 
ATOM   846  C CB  . MET A 1 114 ? -11.737 -7.988  -2.773  1.00 37.72  ? 114 MET A CB  1 
ATOM   847  C CG  . MET A 1 114 ? -12.493 -8.232  -4.049  1.00 46.40  ? 114 MET A CG  1 
ATOM   848  S SD  . MET A 1 114 ? -11.354 -7.848  -5.381  1.00 70.93  ? 114 MET A SD  1 
ATOM   849  C CE  . MET A 1 114 ? -11.789 -6.131  -5.707  1.00 63.44  ? 114 MET A CE  1 
ATOM   850  N N   . ASP A 1 115 ? -11.514 -10.792 -1.126  1.00 43.30  ? 115 ASP A N   1 
ATOM   851  C CA  . ASP A 1 115 ? -10.515 -11.769 -0.716  1.00 36.91  ? 115 ASP A CA  1 
ATOM   852  C C   . ASP A 1 115 ? -9.508  -11.904 -1.832  1.00 31.62  ? 115 ASP A C   1 
ATOM   853  O O   . ASP A 1 115 ? -9.870  -11.780 -2.999  1.00 30.44  ? 115 ASP A O   1 
ATOM   854  C CB  . ASP A 1 115 ? -11.165 -13.118 -0.438  1.00 58.46  ? 115 ASP A CB  1 
ATOM   855  C CG  . ASP A 1 115 ? -10.503 -13.838 0.700   1.00 74.52  ? 115 ASP A CG  1 
ATOM   856  O OD1 . ASP A 1 115 ? -9.487  -14.535 0.453   1.00 91.22  ? 115 ASP A OD1 1 
ATOM   857  O OD2 . ASP A 1 115 ? -10.929 -13.615 1.855   1.00 85.83  ? 115 ASP A OD2 1 
ATOM   858  N N   . GLY A 1 116 ? -8.262  -12.193 -1.470  1.00 25.78  ? 116 GLY A N   1 
ATOM   859  C CA  . GLY A 1 116 ? -7.156  -12.024 -2.393  1.00 29.98  ? 116 GLY A CA  1 
ATOM   860  C C   . GLY A 1 116 ? -5.828  -11.766 -1.691  1.00 37.15  ? 116 GLY A C   1 
ATOM   861  O O   . GLY A 1 116 ? -5.724  -11.926 -0.470  1.00 34.29  ? 116 GLY A O   1 
ATOM   862  N N   . TRP A 1 117 ? -4.802  -11.432 -2.482  1.00 36.79  ? 117 TRP A N   1 
ATOM   863  C CA  . TRP A 1 117 ? -3.410  -11.348 -2.020  1.00 31.52  ? 117 TRP A CA  1 
ATOM   864  C C   . TRP A 1 117 ? -2.651  -10.282 -2.823  1.00 28.64  ? 117 TRP A C   1 
ATOM   865  O O   . TRP A 1 117 ? -2.950  -10.041 -3.997  1.00 18.28  ? 117 TRP A O   1 
ATOM   866  C CB  . TRP A 1 117 ? -2.703  -12.695 -2.227  1.00 39.13  ? 117 TRP A CB  1 
ATOM   867  C CG  . TRP A 1 117 ? -3.082  -13.759 -1.262  1.00 33.71  ? 117 TRP A CG  1 
ATOM   868  C CD1 . TRP A 1 117 ? -3.980  -14.767 -1.460  1.00 34.78  ? 117 TRP A CD1 1 
ATOM   869  C CD2 . TRP A 1 117 ? -2.567  -13.934 0.061   1.00 33.44  ? 117 TRP A CD2 1 
ATOM   870  N NE1 . TRP A 1 117 ? -4.056  -15.565 -0.341  1.00 35.07  ? 117 TRP A NE1 1 
ATOM   871  C CE2 . TRP A 1 117 ? -3.208  -15.074 0.611   1.00 25.30  ? 117 TRP A CE2 1 
ATOM   872  C CE3 . TRP A 1 117 ? -1.640  -13.219 0.844   1.00 26.94  ? 117 TRP A CE3 1 
ATOM   873  C CZ2 . TRP A 1 117 ? -2.962  -15.523 1.914   1.00 35.11  ? 117 TRP A CZ2 1 
ATOM   874  C CZ3 . TRP A 1 117 ? -1.392  -13.661 2.143   1.00 35.57  ? 117 TRP A CZ3 1 
ATOM   875  C CH2 . TRP A 1 117 ? -2.058  -14.807 2.668   1.00 47.27  ? 117 TRP A CH2 1 
ATOM   876  N N   . PHE A 1 118 ? -1.632  -9.680  -2.226  1.00 28.60  ? 118 PHE A N   1 
ATOM   877  C CA  . PHE A 1 118 ? -0.889  -8.650  -2.949  1.00 33.82  ? 118 PHE A CA  1 
ATOM   878  C C   . PHE A 1 118 ? 0.321   -9.358  -3.480  1.00 35.36  ? 118 PHE A C   1 
ATOM   879  O O   . PHE A 1 118 ? 0.786   -10.304 -2.842  1.00 39.84  ? 118 PHE A O   1 
ATOM   880  C CB  . PHE A 1 118 ? -0.465  -7.497  -2.010  1.00 24.25  ? 118 PHE A CB  1 
ATOM   881  C CG  . PHE A 1 118 ? -1.564  -6.504  -1.721  1.00 21.64  ? 118 PHE A CG  1 
ATOM   882  C CD1 . PHE A 1 118 ? -1.837  -5.490  -2.607  1.00 13.07  ? 118 PHE A CD1 1 
ATOM   883  C CD2 . PHE A 1 118 ? -2.358  -6.620  -0.581  1.00 13.26  ? 118 PHE A CD2 1 
ATOM   884  C CE1 . PHE A 1 118 ? -2.893  -4.587  -2.369  1.00 24.23  ? 118 PHE A CE1 1 
ATOM   885  C CE2 . PHE A 1 118 ? -3.416  -5.738  -0.339  1.00 14.55  ? 118 PHE A CE2 1 
ATOM   886  C CZ  . PHE A 1 118 ? -3.685  -4.719  -1.232  1.00 12.38  ? 118 PHE A CZ  1 
ATOM   887  N N   . ARG A 1 119 ? 0.795   -8.974  -4.663  1.00 28.61  ? 119 ARG A N   1 
ATOM   888  C CA  . ARG A 1 119 ? 2.143   -9.376  -5.089  1.00 37.98  ? 119 ARG A CA  1 
ATOM   889  C C   . ARG A 1 119 ? 2.940   -8.160  -5.539  1.00 30.75  ? 119 ARG A C   1 
ATOM   890  O O   . ARG A 1 119 ? 2.355   -7.163  -5.997  1.00 15.63  ? 119 ARG A O   1 
ATOM   891  C CB  . ARG A 1 119 ? 2.114   -10.380 -6.250  1.00 41.50  ? 119 ARG A CB  1 
ATOM   892  C CG  . ARG A 1 119 ? 1.054   -11.460 -6.208  1.00 60.20  ? 119 ARG A CG  1 
ATOM   893  C CD  . ARG A 1 119 ? 1.073   -12.268 -7.519  1.00 77.69  ? 119 ARG A CD  1 
ATOM   894  N NE  . ARG A 1 119 ? 1.248   -11.411 -8.702  1.00 92.12  ? 119 ARG A NE  1 
ATOM   895  C CZ  . ARG A 1 119 ? 0.811   -11.700 -9.929  1.00 94.88  ? 119 ARG A CZ  1 
ATOM   896  N NH1 . ARG A 1 119 ? 0.183   -12.848 -10.171 1.00 94.77  ? 119 ARG A NH1 1 
ATOM   897  N NH2 . ARG A 1 119 ? 0.981   -10.826 -10.918 1.00 94.53  ? 119 ARG A NH2 1 
ATOM   898  N N   . LEU A 1 120 ? 4.270   -8.269  -5.448  1.00 28.34  ? 120 LEU A N   1 
ATOM   899  C CA  . LEU A 1 120 ? 5.167   -7.254  -6.007  1.00 33.56  ? 120 LEU A CA  1 
ATOM   900  C C   . LEU A 1 120 ? 5.770   -7.658  -7.354  1.00 29.57  ? 120 LEU A C   1 
ATOM   901  O O   . LEU A 1 120 ? 6.150   -8.808  -7.566  1.00 33.77  ? 120 LEU A O   1 
ATOM   902  C CB  . LEU A 1 120 ? 6.280   -6.907  -5.012  1.00 37.43  ? 120 LEU A CB  1 
ATOM   903  C CG  . LEU A 1 120 ? 5.796   -6.076  -3.810  1.00 37.89  ? 120 LEU A CG  1 
ATOM   904  C CD1 . LEU A 1 120 ? 6.915   -5.836  -2.791  1.00 29.69  ? 120 LEU A CD1 1 
ATOM   905  C CD2 . LEU A 1 120 ? 5.251   -4.765  -4.326  1.00 34.63  ? 120 LEU A CD2 1 
ATOM   906  N N   . GLU A 1 121 ? 5.908   -6.676  -8.233  1.00 27.76  ? 121 GLU A N   1 
ATOM   907  C CA  . GLU A 1 121 ? 6.236   -6.897  -9.633  1.00 36.42  ? 121 GLU A CA  1 
ATOM   908  C C   . GLU A 1 121 ? 7.173   -5.802  -10.125 1.00 42.71  ? 121 GLU A C   1 
ATOM   909  O O   . GLU A 1 121 ? 6.829   -4.612  -10.073 1.00 36.49  ? 121 GLU A O   1 
ATOM   910  C CB  . GLU A 1 121 ? 4.969   -6.876  -10.463 1.00 35.73  ? 121 GLU A CB  1 
ATOM   911  C CG  . GLU A 1 121 ? 4.461   -8.231  -10.830 1.00 39.43  ? 121 GLU A CG  1 
ATOM   912  C CD  . GLU A 1 121 ? 4.057   -8.255  -12.272 1.00 64.12  ? 121 GLU A CD  1 
ATOM   913  O OE1 . GLU A 1 121 ? 4.972   -8.370  -13.119 1.00 72.92  ? 121 GLU A OE1 1 
ATOM   914  O OE2 . GLU A 1 121 ? 2.856   -8.023  -12.567 1.00 66.31  ? 121 GLU A OE2 1 
ATOM   915  N N   . ARG A 1 122 ? 8.365   -6.217  -10.569 1.00 49.69  ? 122 ARG A N   1 
ATOM   916  C CA  . ARG A 1 122 ? 9.438   -5.290  -10.930 1.00 49.74  ? 122 ARG A CA  1 
ATOM   917  C C   . ARG A 1 122 ? 9.041   -4.403  -12.091 1.00 54.42  ? 122 ARG A C   1 
ATOM   918  O O   . ARG A 1 122 ? 8.225   -4.785  -12.935 1.00 55.11  ? 122 ARG A O   1 
ATOM   919  C CB  . ARG A 1 122 ? 10.721  -6.047  -11.280 1.00 51.52  ? 122 ARG A CB  1 
ATOM   920  C CG  . ARG A 1 122 ? 11.826  -5.185  -11.908 1.00 60.85  ? 122 ARG A CG  1 
ATOM   921  C CD  . ARG A 1 122 ? 12.911  -4.757  -10.921 1.00 67.46  ? 122 ARG A CD  1 
ATOM   922  N NE  . ARG A 1 122 ? 13.890  -3.872  -11.561 1.00 82.23  ? 122 ARG A NE  1 
ATOM   923  C CZ  . ARG A 1 122 ? 15.014  -3.422  -10.993 1.00 86.62  ? 122 ARG A CZ  1 
ATOM   924  N NH1 . ARG A 1 122 ? 15.373  -3.829  -9.777  1.00 87.32  ? 122 ARG A NH1 1 
ATOM   925  N NH2 . ARG A 1 122 ? 15.806  -2.588  -11.661 1.00 75.85  ? 122 ARG A NH2 1 
ATOM   926  N N   . VAL A 1 123 ? 9.545   -3.174  -12.053 1.00 72.39  ? 123 VAL A N   1 
ATOM   927  C CA  . VAL A 1 123 ? 9.407   -2.245  -13.164 1.00 78.96  ? 123 VAL A CA  1 
ATOM   928  C C   . VAL A 1 123 ? 10.749  -1.564  -13.488 1.00 84.39  ? 123 VAL A C   1 
ATOM   929  O O   . VAL A 1 123 ? 10.945  -1.050  -14.595 1.00 92.49  ? 123 VAL A O   1 
ATOM   930  C CB  . VAL A 1 123 ? 8.319   -1.176  -12.870 1.00 62.75  ? 123 VAL A CB  1 
ATOM   931  C CG1 . VAL A 1 123 ? 7.001   -1.850  -12.488 1.00 60.61  ? 123 VAL A CG1 1 
ATOM   932  C CG2 . VAL A 1 123 ? 8.772   -0.256  -11.775 1.00 62.86  ? 123 VAL A CG2 1 
ATOM   933  N N   . SER A 1 124 ? 11.716  -1.697  -12.582 1.00 80.46  ? 124 SER A N   1 
ATOM   934  C CA  . SER A 1 124 ? 13.035  -1.098  -12.777 1.00 82.62  ? 124 SER A CA  1 
ATOM   935  C C   . SER A 1 124 ? 13.189  0.212   -12.005 1.00 83.04  ? 124 SER A C   1 
ATOM   936  O O   . SER A 1 124 ? 12.937  1.276   -12.611 1.00 80.80  ? 124 SER A O   1 
ATOM   937  N N   . GLU A 1 127 ? 16.706  6.839   -9.857  1.00 78.00  ? 127 GLU A N   1 
ATOM   938  C CA  . GLU A 1 127 ? 16.674  5.480   -9.242  1.00 80.87  ? 127 GLU A CA  1 
ATOM   939  C C   . GLU A 1 127 ? 16.243  4.398   -10.236 1.00 84.35  ? 127 GLU A C   1 
ATOM   940  O O   . GLU A 1 127 ? 15.778  4.710   -11.347 1.00 83.31  ? 127 GLU A O   1 
ATOM   941  N N   . PHE A 1 128 ? 16.309  3.141   -9.786  1.00 90.02  ? 128 PHE A N   1 
ATOM   942  C CA  . PHE A 1 128 ? 15.958  1.978   -10.609 1.00 90.05  ? 128 PHE A CA  1 
ATOM   943  C C   . PHE A 1 128 ? 15.693  0.698   -9.791  1.00 80.70  ? 128 PHE A C   1 
ATOM   944  O O   . PHE A 1 128 ? 15.764  -0.419  -10.317 1.00 75.32  ? 128 PHE A O   1 
ATOM   945  C CB  . PHE A 1 128 ? 17.054  1.719   -11.657 1.00 109.94 ? 128 PHE A CB  1 
ATOM   946  C CG  . PHE A 1 128 ? 16.548  1.065   -12.920 1.00 118.26 ? 128 PHE A CG  1 
ATOM   947  C CD1 . PHE A 1 128 ? 15.757  1.779   -13.822 1.00 122.64 ? 128 PHE A CD1 1 
ATOM   948  C CD2 . PHE A 1 128 ? 16.815  -0.279  -13.179 1.00 121.29 ? 128 PHE A CD2 1 
ATOM   949  C CE1 . PHE A 1 128 ? 15.228  1.159   -14.957 1.00 127.57 ? 128 PHE A CE1 1 
ATOM   950  C CE2 . PHE A 1 128 ? 16.293  -0.908  -14.307 1.00 126.93 ? 128 PHE A CE2 1 
ATOM   951  C CZ  . PHE A 1 128 ? 15.494  -0.189  -15.199 1.00 128.91 ? 128 PHE A CZ  1 
ATOM   952  N N   . ASN A 1 129 ? 15.337  0.862   -8.520  1.00 70.81  ? 129 ASN A N   1 
ATOM   953  C CA  . ASN A 1 129 ? 14.804  -0.255  -7.742  1.00 59.85  ? 129 ASN A CA  1 
ATOM   954  C C   . ASN A 1 129 ? 13.304  -0.087  -7.607  1.00 48.40  ? 129 ASN A C   1 
ATOM   955  O O   . ASN A 1 129 ? 12.805  0.133   -6.522  1.00 50.25  ? 129 ASN A O   1 
ATOM   956  C CB  . ASN A 1 129 ? 15.452  -0.305  -6.356  1.00 60.23  ? 129 ASN A CB  1 
ATOM   957  C CG  . ASN A 1 129 ? 16.440  -1.443  -6.222  1.00 59.64  ? 129 ASN A CG  1 
ATOM   958  O OD1 . ASN A 1 129 ? 16.332  -2.443  -6.929  1.00 69.26  ? 129 ASN A OD1 1 
ATOM   959  N ND2 . ASN A 1 129 ? 17.438  -1.280  -5.350  1.00 48.72  ? 129 ASN A ND2 1 
ATOM   960  N N   . ASN A 1 130 ? 12.609  -0.057  -8.738  1.00 38.29  ? 130 ASN A N   1 
ATOM   961  C CA  . ASN A 1 130 ? 11.201  0.314   -8.774  1.00 32.23  ? 130 ASN A CA  1 
ATOM   962  C C   . ASN A 1 130 ? 10.306  -0.915  -8.955  1.00 37.22  ? 130 ASN A C   1 
ATOM   963  O O   . ASN A 1 130 ? 10.645  -1.852  -9.692  1.00 27.91  ? 130 ASN A O   1 
ATOM   964  C CB  . ASN A 1 130 ? 10.939  1.291   -9.915  1.00 45.00  ? 130 ASN A CB  1 
ATOM   965  C CG  . ASN A 1 130 ? 11.523  2.667   -9.670  1.00 45.94  ? 130 ASN A CG  1 
ATOM   966  O OD1 . ASN A 1 130 ? 12.296  2.880   -8.744  1.00 52.39  ? 130 ASN A OD1 1 
ATOM   967  N ND2 . ASN A 1 130 ? 11.122  3.626   -10.497 1.00 59.55  ? 130 ASN A ND2 1 
ATOM   968  N N   . TYR A 1 131 ? 9.175   -0.930  -8.252  1.00 34.69  ? 131 TYR A N   1 
ATOM   969  C CA  . TYR A 1 131 ? 8.249   -2.053  -8.305  1.00 30.25  ? 131 TYR A CA  1 
ATOM   970  C C   . TYR A 1 131 ? 6.844   -1.493  -8.406  1.00 32.63  ? 131 TYR A C   1 
ATOM   971  O O   . TYR A 1 131 ? 6.641   -0.282  -8.317  1.00 33.13  ? 131 TYR A O   1 
ATOM   972  C CB  . TYR A 1 131 ? 8.398   -2.906  -7.048  1.00 32.96  ? 131 TYR A CB  1 
ATOM   973  C CG  . TYR A 1 131 ? 9.744   -3.618  -6.928  1.00 35.35  ? 131 TYR A CG  1 
ATOM   974  C CD1 . TYR A 1 131 ? 10.907  -2.927  -6.548  1.00 36.92  ? 131 TYR A CD1 1 
ATOM   975  C CD2 . TYR A 1 131 ? 9.872   -4.971  -7.256  1.00 31.90  ? 131 TYR A CD2 1 
ATOM   976  C CE1 . TYR A 1 131 ? 12.163  -3.565  -6.531  1.00 26.87  ? 131 TYR A CE1 1 
ATOM   977  C CE2 . TYR A 1 131 ? 11.109  -5.605  -7.219  1.00 32.68  ? 131 TYR A CE2 1 
ATOM   978  C CZ  . TYR A 1 131 ? 12.240  -4.894  -6.873  1.00 28.83  ? 131 TYR A CZ  1 
ATOM   979  O OH  . TYR A 1 131 ? 13.445  -5.524  -6.944  1.00 43.14  ? 131 TYR A OH  1 
ATOM   980  N N   . LYS A 1 132 ? 5.898   -2.327  -8.804  1.00 35.77  ? 132 LYS A N   1 
ATOM   981  C CA  . LYS A 1 132 ? 4.507   -1.958  -8.606  1.00 34.25  ? 132 LYS A CA  1 
ATOM   982  C C   . LYS A 1 132 ? 3.826   -3.036  -7.791  1.00 29.55  ? 132 LYS A C   1 
ATOM   983  O O   . LYS A 1 132 ? 4.445   -4.035  -7.462  1.00 28.98  ? 132 LYS A O   1 
ATOM   984  C CB  . LYS A 1 132 ? 3.789   -1.751  -9.931  1.00 42.64  ? 132 LYS A CB  1 
ATOM   985  C CG  . LYS A 1 132 ? 3.537   -3.007  -10.727 1.00 42.34  ? 132 LYS A CG  1 
ATOM   986  C CD  . LYS A 1 132 ? 2.550   -2.677  -11.817 1.00 45.14  ? 132 LYS A CD  1 
ATOM   987  C CE  . LYS A 1 132 ? 2.896   -3.352  -13.129 1.00 46.98  ? 132 LYS A CE  1 
ATOM   988  N NZ  . LYS A 1 132 ? 2.243   -4.686  -13.245 1.00 46.16  ? 132 LYS A NZ  1 
ATOM   989  N N   . LEU A 1 133 ? 2.672   -2.688  -7.238  1.00 31.30  ? 133 LEU A N   1 
ATOM   990  C CA  . LEU A 1 133 ? 1.920   -3.559  -6.336  1.00 27.13  ? 133 LEU A CA  1 
ATOM   991  C C   . LEU A 1 133 ? 0.722   -4.053  -7.154  1.00 27.71  ? 133 LEU A C   1 
ATOM   992  O O   . LEU A 1 133 ? 0.196   -3.276  -7.946  1.00 19.90  ? 133 LEU A O   1 
ATOM   993  C CB  . LEU A 1 133 ? 1.412   -2.720  -5.163  1.00 33.28  ? 133 LEU A CB  1 
ATOM   994  C CG  . LEU A 1 133 ? 1.764   -2.941  -3.694  1.00 31.66  ? 133 LEU A CG  1 
ATOM   995  C CD1 . LEU A 1 133 ? 0.921   -1.955  -2.874  1.00 25.77  ? 133 LEU A CD1 1 
ATOM   996  C CD2 . LEU A 1 133 ? 1.447   -4.365  -3.262  1.00 25.23  ? 133 LEU A CD2 1 
ATOM   997  N N   . VAL A 1 134 ? 0.405   -5.350  -7.104  1.00 27.74  ? 134 VAL A N   1 
ATOM   998  C CA  . VAL A 1 134 ? -0.820  -5.840  -7.741  1.00 26.71  ? 134 VAL A CA  1 
ATOM   999  C C   . VAL A 1 134 ? -1.662  -6.572  -6.729  1.00 32.61  ? 134 VAL A C   1 
ATOM   1000 O O   . VAL A 1 134 ? -1.142  -7.083  -5.736  1.00 31.14  ? 134 VAL A O   1 
ATOM   1001 C CB  . VAL A 1 134 ? -0.574  -6.813  -8.948  1.00 28.09  ? 134 VAL A CB  1 
ATOM   1002 C CG1 . VAL A 1 134 ? -0.471  -6.042  -10.221 1.00 20.66  ? 134 VAL A CG1 1 
ATOM   1003 C CG2 . VAL A 1 134 ? 0.673   -7.620  -8.759  1.00 29.12  ? 134 VAL A CG2 1 
ATOM   1004 N N   . PHE A 1 135 ? -2.978  -6.528  -6.938  1.00 32.78  ? 135 PHE A N   1 
ATOM   1005 C CA  . PHE A 1 135 ? -3.914  -7.345  -6.182  1.00 30.51  ? 135 PHE A CA  1 
ATOM   1006 C C   . PHE A 1 135 ? -4.436  -8.479  -7.041  1.00 31.39  ? 135 PHE A C   1 
ATOM   1007 O O   . PHE A 1 135 ? -5.097  -8.232  -8.058  1.00 24.41  ? 135 PHE A O   1 
ATOM   1008 C CB  . PHE A 1 135 ? -5.104  -6.512  -5.686  1.00 22.87  ? 135 PHE A CB  1 
ATOM   1009 C CG  . PHE A 1 135 ? -5.921  -7.189  -4.599  1.00 17.36  ? 135 PHE A CG  1 
ATOM   1010 C CD1 . PHE A 1 135 ? -5.342  -7.506  -3.364  1.00 10.77  ? 135 PHE A CD1 1 
ATOM   1011 C CD2 . PHE A 1 135 ? -7.239  -7.585  -4.837  1.00 18.09  ? 135 PHE A CD2 1 
ATOM   1012 C CE1 . PHE A 1 135 ? -6.047  -8.212  -2.397  1.00 11.18  ? 135 PHE A CE1 1 
ATOM   1013 C CE2 . PHE A 1 135 ? -7.956  -8.313  -3.871  1.00 19.00  ? 135 PHE A CE2 1 
ATOM   1014 C CZ  . PHE A 1 135 ? -7.351  -8.626  -2.654  1.00 8.15   ? 135 PHE A CZ  1 
ATOM   1015 N N   . CYS A 1 136 ? -4.369  -9.680  -6.467  1.00 23.75  ? 136 CYS A N   1 
ATOM   1016 C CA  . CYS A 1 136 ? -4.870  -10.912 -7.067  1.00 23.00  ? 136 CYS A CA  1 
ATOM   1017 C C   . CYS A 1 136 ? -6.074  -11.473 -6.305  1.00 20.98  ? 136 CYS A C   1 
ATOM   1018 O O   . CYS A 1 136 ? -5.935  -12.083 -5.246  1.00 22.46  ? 136 CYS A O   1 
ATOM   1019 C CB  . CYS A 1 136 ? -3.754  -11.949 -7.070  1.00 35.98  ? 136 CYS A CB  1 
ATOM   1020 S SG  . CYS A 1 136 ? -2.239  -11.249 -7.758  1.00 39.88  ? 136 CYS A SG  1 
ATOM   1021 N N   . PRO A 1 137 ? -7.255  -11.305 -6.860  1.00 31.62  ? 137 PRO A N   1 
ATOM   1022 C CA  . PRO A 1 137 ? -8.471  -11.650 -6.122  1.00 37.19  ? 137 PRO A CA  1 
ATOM   1023 C C   . PRO A 1 137 ? -8.618  -13.146 -5.921  1.00 46.63  ? 137 PRO A C   1 
ATOM   1024 O O   . PRO A 1 137 ? -7.959  -13.951 -6.553  1.00 39.62  ? 137 PRO A O   1 
ATOM   1025 C CB  . PRO A 1 137 ? -9.598  -11.119 -7.010  1.00 34.76  ? 137 PRO A CB  1 
ATOM   1026 C CG  . PRO A 1 137 ? -8.982  -10.056 -7.814  1.00 37.11  ? 137 PRO A CG  1 
ATOM   1027 C CD  . PRO A 1 137 ? -7.569  -10.525 -8.074  1.00 29.34  ? 137 PRO A CD  1 
ATOM   1028 N N   . GLN A 1 138 ? -9.156  -13.446 -4.743  1.00 69.12  ? 138 GLN A N   1 
ATOM   1029 C CA  . GLN A 1 138 ? -10.325 -14.326 -4.541  1.00 64.68  ? 138 GLN A CA  1 
ATOM   1030 C C   . GLN A 1 138 ? -9.911  -15.705 -4.073  1.00 65.40  ? 138 GLN A C   1 
ATOM   1031 O O   . GLN A 1 138 ? -9.787  -16.672 -4.876  1.00 61.71  ? 138 GLN A O   1 
ATOM   1032 C CB  . GLN A 1 138 ? -11.250 -14.391 -5.794  1.00 49.78  ? 138 GLN A CB  1 
ATOM   1033 N N   . GLN A 1 139 ? -9.642  -15.766 -2.772  1.00 52.86  ? 139 GLN A N   1 
ATOM   1034 C CA  . GLN A 1 139 ? -8.780  -16.821 -2.210  1.00 50.82  ? 139 GLN A CA  1 
ATOM   1035 C C   . GLN A 1 139 ? -7.373  -16.612 -2.788  1.00 89.52  ? 139 GLN A C   1 
ATOM   1036 O O   . GLN A 1 139 ? -6.485  -17.394 -2.381  1.00 83.23  ? 139 GLN A O   1 
ATOM   1037 C CB  . GLN A 1 139 ? -9.276  -18.258 -2.562  1.00 57.07  ? 139 GLN A CB  1 
ATOM   1038 C CG  . GLN A 1 139 ? -10.595 -18.793 -1.872  1.00 51.23  ? 139 GLN A CG  1 
ATOM   1039 C CD  . GLN A 1 139 ? -11.071 -18.010 -0.641  1.00 106.62 ? 139 GLN A CD  1 
ATOM   1040 O OE1 . GLN A 1 139 ? -10.370 -17.918 0.381   1.00 108.29 ? 139 GLN A OE1 1 
ATOM   1041 N NE2 . GLN A 1 139 ? -12.333 -17.574 -0.685  1.00 108.16 ? 139 GLN A NE2 1 
ATOM   1042 N N   . ASP A 1 143 ? -4.522  -16.101 -12.635 1.00 84.38  ? 143 ASP A N   1 
ATOM   1043 C CA  . ASP A 1 143 ? -3.461  -15.187 -12.101 1.00 80.20  ? 143 ASP A CA  1 
ATOM   1044 C C   . ASP A 1 143 ? -3.622  -13.758 -12.620 1.00 78.07  ? 143 ASP A C   1 
ATOM   1045 O O   . ASP A 1 143 ? -2.626  -13.072 -12.873 1.00 75.77  ? 143 ASP A O   1 
ATOM   1046 N N   . LYS A 1 144 ? -4.877  -13.359 -12.856 1.00 85.16  ? 144 LYS A N   1 
ATOM   1047 C CA  . LYS A 1 144 ? -5.225  -11.984 -13.238 1.00 79.83  ? 144 LYS A CA  1 
ATOM   1048 C C   . LYS A 1 144 ? -5.356  -11.045 -12.022 1.00 74.38  ? 144 LYS A C   1 
ATOM   1049 O O   . LYS A 1 144 ? -6.307  -11.131 -11.244 1.00 72.02  ? 144 LYS A O   1 
ATOM   1050 C CB  . LYS A 1 144 ? -6.526  -11.966 -14.053 1.00 55.84  ? 144 LYS A CB  1 
ATOM   1051 N N   . CYS A 1 145 ? -4.368  -10.172 -11.868 1.00 56.60  ? 145 CYS A N   1 
ATOM   1052 C CA  . CYS A 1 145 ? -4.321  -9.197  -10.797 1.00 47.01  ? 145 CYS A CA  1 
ATOM   1053 C C   . CYS A 1 145 ? -4.439  -7.789  -11.386 1.00 48.42  ? 145 CYS A C   1 
ATOM   1054 O O   . CYS A 1 145 ? -4.105  -7.577  -12.556 1.00 53.84  ? 145 CYS A O   1 
ATOM   1055 C CB  . CYS A 1 145 ? -3.005  -9.363  -10.045 1.00 38.37  ? 145 CYS A CB  1 
ATOM   1056 S SG  . CYS A 1 145 ? -2.669  -11.118 -9.733  1.00 37.49  ? 145 CYS A SG  1 
ATOM   1057 N N   . GLY A 1 146 ? -5.043  -6.874  -10.627 1.00 42.74  ? 146 GLY A N   1 
ATOM   1058 C CA  . GLY A 1 146 ? -5.161  -5.489  -11.052 1.00 41.32  ? 146 GLY A CA  1 
ATOM   1059 C C   . GLY A 1 146 ? -4.075  -4.600  -10.467 1.00 39.66  ? 146 GLY A C   1 
ATOM   1060 O O   . GLY A 1 146 ? -3.578  -4.879  -9.383  1.00 43.38  ? 146 GLY A O   1 
ATOM   1061 N N   . ASP A 1 147 ? -3.671  -3.565  -11.204 1.00 48.84  ? 147 ASP A N   1 
ATOM   1062 C CA  . ASP A 1 147 ? -2.545  -2.716  -10.804 1.00 44.13  ? 147 ASP A CA  1 
ATOM   1063 C C   . ASP A 1 147 ? -3.057  -1.697  -9.818  1.00 43.34  ? 147 ASP A C   1 
ATOM   1064 O O   . ASP A 1 147 ? -4.071  -1.050  -10.068 1.00 40.20  ? 147 ASP A O   1 
ATOM   1065 C CB  . ASP A 1 147 ? -1.948  -1.972  -12.004 1.00 38.61  ? 147 ASP A CB  1 
ATOM   1066 C CG  . ASP A 1 147 ? -1.415  -2.904  -13.062 1.00 45.20  ? 147 ASP A CG  1 
ATOM   1067 O OD1 . ASP A 1 147 ? -0.248  -3.329  -12.934 1.00 38.62  ? 147 ASP A OD1 1 
ATOM   1068 O OD2 . ASP A 1 147 ? -2.169  -3.220  -14.011 1.00 44.87  ? 147 ASP A OD2 1 
ATOM   1069 N N   . ILE A 1 148 ? -2.354  -1.538  -8.707  1.00 30.85  ? 148 ILE A N   1 
ATOM   1070 C CA  . ILE A 1 148 ? -2.724  -0.497  -7.770  1.00 35.79  ? 148 ILE A CA  1 
ATOM   1071 C C   . ILE A 1 148 ? -2.182  0.822   -8.316  1.00 36.59  ? 148 ILE A C   1 
ATOM   1072 O O   . ILE A 1 148 ? -0.985  0.903   -8.614  1.00 27.36  ? 148 ILE A O   1 
ATOM   1073 C CB  . ILE A 1 148 ? -2.151  -0.764  -6.374  1.00 28.09  ? 148 ILE A CB  1 
ATOM   1074 C CG1 . ILE A 1 148 ? -2.555  -2.161  -5.874  1.00 24.96  ? 148 ILE A CG1 1 
ATOM   1075 C CG2 . ILE A 1 148 ? -2.633  0.293   -5.418  1.00 26.11  ? 148 ILE A CG2 1 
ATOM   1076 C CD1 . ILE A 1 148 ? -3.945  -2.581  -6.219  1.00 17.18  ? 148 ILE A CD1 1 
ATOM   1077 N N   . GLY A 1 149 ? -3.111  1.718   -8.676  1.00 33.09  ? 149 GLY A N   1 
ATOM   1078 C CA  . GLY A 1 149 ? -2.792  3.062   -9.141  1.00 28.99  ? 149 GLY A CA  1 
ATOM   1079 C C   . GLY A 1 149 ? -3.318  4.144   -8.207  1.00 32.43  ? 149 GLY A C   1 
ATOM   1080 O O   . GLY A 1 149 ? -3.529  3.894   -7.029  1.00 38.80  ? 149 GLY A O   1 
ATOM   1081 N N   . ILE A 1 150 ? -3.487  5.361   -8.715  1.00 28.87  ? 150 ILE A N   1 
ATOM   1082 C CA  . ILE A 1 150 ? -3.923  6.506   -7.906  1.00 22.86  ? 150 ILE A CA  1 
ATOM   1083 C C   . ILE A 1 150 ? -5.298  6.984   -8.345  1.00 25.50  ? 150 ILE A C   1 
ATOM   1084 O O   . ILE A 1 150 ? -5.532  7.095   -9.538  1.00 33.11  ? 150 ILE A O   1 
ATOM   1085 C CB  . ILE A 1 150 ? -2.973  7.681   -8.095  1.00 13.50  ? 150 ILE A CB  1 
ATOM   1086 C CG1 . ILE A 1 150 ? -1.653  7.388   -7.393  1.00 16.53  ? 150 ILE A CG1 1 
ATOM   1087 C CG2 . ILE A 1 150 ? -3.591  8.950   -7.544  1.00 19.94  ? 150 ILE A CG2 1 
ATOM   1088 C CD1 . ILE A 1 150 ? -1.765  7.456   -5.882  1.00 18.86  ? 150 ILE A CD1 1 
ATOM   1089 N N   . SER A 1 151 ? -6.147  7.409   -7.412  1.00 26.03  ? 151 SER A N   1 
ATOM   1090 C CA  . SER A 1 151 ? -7.398  8.099   -7.772  1.00 29.85  ? 151 SER A CA  1 
ATOM   1091 C C   . SER A 1 151 ? -7.493  9.376   -6.949  1.00 35.43  ? 151 SER A C   1 
ATOM   1092 O O   . SER A 1 151 ? -7.256  9.358   -5.749  1.00 41.01  ? 151 SER A O   1 
ATOM   1093 C CB  . SER A 1 151 ? -8.619  7.223   -7.503  1.00 27.46  ? 151 SER A CB  1 
ATOM   1094 O OG  . SER A 1 151 ? -9.783  7.722   -8.150  1.00 33.72  ? 151 SER A OG  1 
ATOM   1095 N N   . ILE A 1 152 ? -7.660  10.500  -7.633  1.00 41.01  ? 152 ILE A N   1 
ATOM   1096 C CA  . ILE A 1 152 ? -7.545  11.807  -7.009  1.00 41.15  ? 152 ILE A CA  1 
ATOM   1097 C C   . ILE A 1 152 ? -8.941  12.239  -6.589  1.00 45.91  ? 152 ILE A C   1 
ATOM   1098 O O   . ILE A 1 152 ? -9.891  12.055  -7.364  1.00 46.31  ? 152 ILE A O   1 
ATOM   1099 C CB  . ILE A 1 152 ? -6.974  12.841  -8.004  1.00 39.34  ? 152 ILE A CB  1 
ATOM   1100 C CG1 . ILE A 1 152 ? -5.664  12.343  -8.627  1.00 34.56  ? 152 ILE A CG1 1 
ATOM   1101 C CG2 . ILE A 1 152 ? -6.755  14.149  -7.310  1.00 45.93  ? 152 ILE A CG2 1 
ATOM   1102 C CD1 . ILE A 1 152 ? -4.448  12.467  -7.748  1.00 35.30  ? 152 ILE A CD1 1 
ATOM   1103 N N   . ASP A 1 153 ? -9.051  12.877  -5.420  1.00 42.69  ? 153 ASP A N   1 
ATOM   1104 C CA  . ASP A 1 153 ? -10.351 13.196  -4.826  1.00 45.65  ? 153 ASP A CA  1 
ATOM   1105 C C   . ASP A 1 153 ? -10.865 14.628  -5.072  1.00 51.12  ? 153 ASP A C   1 
ATOM   1106 O O   . ASP A 1 153 ? -10.440 15.302  -6.015  1.00 51.93  ? 153 ASP A O   1 
ATOM   1107 C CB  . ASP A 1 153 ? -10.313 12.893  -3.332  1.00 53.15  ? 153 ASP A CB  1 
ATOM   1108 C CG  . ASP A 1 153 ? -11.695 12.695  -2.724  1.00 54.16  ? 153 ASP A CG  1 
ATOM   1109 O OD1 . ASP A 1 153 ? -12.685 12.608  -3.477  1.00 53.18  ? 153 ASP A OD1 1 
ATOM   1110 O OD2 . ASP A 1 153 ? -11.795 12.636  -1.479  1.00 57.91  ? 153 ASP A OD2 1 
ATOM   1111 N N   . HIS A 1 154 ? -11.811 15.065  -4.236  1.00 70.31  ? 154 HIS A N   1 
ATOM   1112 C CA  . HIS A 1 154 ? -12.764 16.135  -4.578  1.00 74.09  ? 154 HIS A CA  1 
ATOM   1113 C C   . HIS A 1 154 ? -12.471 17.507  -3.975  1.00 76.82  ? 154 HIS A C   1 
ATOM   1114 O O   . HIS A 1 154 ? -11.786 18.320  -4.592  1.00 75.52  ? 154 HIS A O   1 
ATOM   1115 N N   . ASP A 1 155 ? -13.086 17.820  -2.838  1.00 67.84  ? 155 ASP A N   1 
ATOM   1116 C CA  . ASP A 1 155 ? -12.655 19.007  -2.092  1.00 77.13  ? 155 ASP A CA  1 
ATOM   1117 C C   . ASP A 1 155 ? -11.178 18.826  -1.670  1.00 75.35  ? 155 ASP A C   1 
ATOM   1118 O O   . ASP A 1 155 ? -10.436 19.795  -1.471  1.00 77.75  ? 155 ASP A O   1 
ATOM   1119 C CB  . ASP A 1 155 ? -13.555 19.228  -0.854  1.00 99.53  ? 155 ASP A CB  1 
ATOM   1120 C CG  . ASP A 1 155 ? -13.819 20.724  -0.548  1.00 103.22 ? 155 ASP A CG  1 
ATOM   1121 O OD1 . ASP A 1 155 ? -13.915 21.534  -1.497  1.00 111.81 ? 155 ASP A OD1 1 
ATOM   1122 O OD2 . ASP A 1 155 ? -14.007 21.078  0.643   1.00 103.15 ? 155 ASP A OD2 1 
ATOM   1123 N N   . ASP A 1 156 ? -10.763 17.571  -1.560  1.00 65.08  ? 156 ASP A N   1 
ATOM   1124 C CA  . ASP A 1 156 ? -9.418  17.228  -1.137  1.00 58.45  ? 156 ASP A CA  1 
ATOM   1125 C C   . ASP A 1 156 ? -8.390  17.547  -2.205  1.00 51.12  ? 156 ASP A C   1 
ATOM   1126 O O   . ASP A 1 156 ? -7.750  18.587  -2.175  1.00 52.73  ? 156 ASP A O   1 
ATOM   1127 C CB  . ASP A 1 156 ? -9.347  15.735  -0.810  1.00 75.62  ? 156 ASP A CB  1 
ATOM   1128 C CG  . ASP A 1 156 ? -10.121 15.369  0.439   1.00 80.59  ? 156 ASP A CG  1 
ATOM   1129 O OD1 . ASP A 1 156 ? -10.039 16.136  1.421   1.00 87.20  ? 156 ASP A OD1 1 
ATOM   1130 O OD2 . ASP A 1 156 ? -10.792 14.310  0.448   1.00 77.14  ? 156 ASP A OD2 1 
ATOM   1131 N N   . GLY A 1 157 ? -8.293  16.666  -3.189  1.00 55.67  ? 157 GLY A N   1 
ATOM   1132 C CA  . GLY A 1 157 ? -7.109  16.598  -4.021  1.00 51.46  ? 157 GLY A CA  1 
ATOM   1133 C C   . GLY A 1 157 ? -6.329  15.335  -3.692  1.00 51.94  ? 157 GLY A C   1 
ATOM   1134 O O   . GLY A 1 157 ? -5.244  15.093  -4.248  1.00 51.47  ? 157 GLY A O   1 
ATOM   1135 N N   . THR A 1 158 ? -6.921  14.506  -2.829  1.00 51.62  ? 158 THR A N   1 
ATOM   1136 C CA  . THR A 1 158 ? -6.279  13.298  -2.309  1.00 43.34  ? 158 THR A CA  1 
ATOM   1137 C C   . THR A 1 158 ? -6.029  12.220  -3.374  1.00 35.22  ? 158 THR A C   1 
ATOM   1138 O O   . THR A 1 158 ? -6.899  11.922  -4.188  1.00 25.27  ? 158 THR A O   1 
ATOM   1139 C CB  . THR A 1 158 ? -7.107  12.685  -1.147  1.00 40.25  ? 158 THR A CB  1 
ATOM   1140 O OG1 . THR A 1 158 ? -8.477  13.028  -1.327  1.00 49.41  ? 158 THR A OG1 1 
ATOM   1141 C CG2 . THR A 1 158 ? -6.644  13.219  0.216   1.00 21.82  ? 158 THR A CG2 1 
ATOM   1142 N N   . ARG A 1 159 ? -4.784  11.764  -3.443  1.00 25.44  ? 159 ARG A N   1 
ATOM   1143 C CA  . ARG A 1 159 ? -4.397  10.672  -4.313  1.00 23.48  ? 159 ARG A CA  1 
ATOM   1144 C C   . ARG A 1 159 ? -4.585  9.383   -3.560  1.00 15.82  ? 159 ARG A C   1 
ATOM   1145 O O   . ARG A 1 159 ? -3.740  9.010   -2.755  1.00 17.74  ? 159 ARG A O   1 
ATOM   1146 C CB  . ARG A 1 159 ? -2.930  10.813  -4.690  1.00 34.31  ? 159 ARG A CB  1 
ATOM   1147 C CG  . ARG A 1 159 ? -2.525  12.229  -5.029  1.00 32.15  ? 159 ARG A CG  1 
ATOM   1148 C CD  . ARG A 1 159 ? -1.035  12.380  -4.994  1.00 22.16  ? 159 ARG A CD  1 
ATOM   1149 N NE  . ARG A 1 159 ? -0.355  11.382  -5.810  1.00 36.29  ? 159 ARG A NE  1 
ATOM   1150 C CZ  . ARG A 1 159 ? -0.421  11.307  -7.144  1.00 47.24  ? 159 ARG A CZ  1 
ATOM   1151 N NH1 . ARG A 1 159 ? -1.283  12.061  -7.827  1.00 52.25  ? 159 ARG A NH1 1 
ATOM   1152 N NH2 . ARG A 1 159 ? 0.338   10.428  -7.796  1.00 50.00  ? 159 ARG A NH2 1 
ATOM   1153 N N   . ARG A 1 160 ? -5.727  8.739   -3.747  1.00 25.89  ? 160 ARG A N   1 
ATOM   1154 C CA  . ARG A 1 160 ? -6.013  7.508   -3.016  1.00 31.74  ? 160 ARG A CA  1 
ATOM   1155 C C   . ARG A 1 160 ? -5.793  6.279   -3.855  1.00 32.06  ? 160 ARG A C   1 
ATOM   1156 O O   . ARG A 1 160 ? -6.056  6.304   -5.059  1.00 36.85  ? 160 ARG A O   1 
ATOM   1157 C CB  . ARG A 1 160 ? -7.436  7.508   -2.452  1.00 27.22  ? 160 ARG A CB  1 
ATOM   1158 C CG  . ARG A 1 160 ? -8.539  7.773   -3.413  1.00 19.32  ? 160 ARG A CG  1 
ATOM   1159 C CD  . ARG A 1 160 ? -9.542  8.656   -2.717  1.00 26.67  ? 160 ARG A CD  1 
ATOM   1160 N NE  . ARG A 1 160 ? -10.900 8.588   -3.266  1.00 43.89  ? 160 ARG A NE  1 
ATOM   1161 C CZ  . ARG A 1 160 ? -11.288 9.093   -4.441  1.00 43.59  ? 160 ARG A CZ  1 
ATOM   1162 N NH1 . ARG A 1 160 ? -10.423 9.220   -5.438  1.00 47.93  ? 160 ARG A NH1 1 
ATOM   1163 N NH2 . ARG A 1 160 ? -12.582 9.280   -4.686  1.00 52.04  ? 160 ARG A NH2 1 
ATOM   1164 N N   . LEU A 1 161 ? -5.114  5.299   -3.259  1.00 26.68  ? 161 LEU A N   1 
ATOM   1165 C CA  . LEU A 1 161 ? -4.811  4.030   -3.908  1.00 20.36  ? 161 LEU A CA  1 
ATOM   1166 C C   . LEU A 1 161 ? -6.082  3.226   -4.208  1.00 25.60  ? 161 LEU A C   1 
ATOM   1167 O O   . LEU A 1 161 ? -6.902  2.987   -3.317  1.00 23.73  ? 161 LEU A O   1 
ATOM   1168 C CB  . LEU A 1 161 ? -3.871  3.213   -3.028  1.00 9.32   ? 161 LEU A CB  1 
ATOM   1169 C CG  . LEU A 1 161 ? -2.372  3.459   -3.191  1.00 15.36  ? 161 LEU A CG  1 
ATOM   1170 C CD1 . LEU A 1 161 ? -2.050  4.887   -2.824  1.00 14.57  ? 161 LEU A CD1 1 
ATOM   1171 C CD2 . LEU A 1 161 ? -1.597  2.485   -2.293  1.00 9.17   ? 161 LEU A CD2 1 
ATOM   1172 N N   . VAL A 1 162 ? -6.309  2.959   -5.497  1.00 26.27  ? 162 VAL A N   1 
ATOM   1173 C CA  . VAL A 1 162 ? -7.390  2.091   -5.957  1.00 18.52  ? 162 VAL A CA  1 
ATOM   1174 C C   . VAL A 1 162 ? -6.836  1.152   -7.003  1.00 19.05  ? 162 VAL A C   1 
ATOM   1175 O O   . VAL A 1 162 ? -5.731  1.349   -7.485  1.00 31.59  ? 162 VAL A O   1 
ATOM   1176 C CB  . VAL A 1 162 ? -8.568  2.899   -6.568  1.00 21.70  ? 162 VAL A CB  1 
ATOM   1177 C CG1 . VAL A 1 162 ? -8.960  4.025   -5.639  1.00 12.41  ? 162 VAL A CG1 1 
ATOM   1178 C CG2 . VAL A 1 162 ? -8.205  3.454   -7.944  1.00 13.55  ? 162 VAL A CG2 1 
ATOM   1179 N N   . VAL A 1 163 ? -7.505  0.029   -7.206  1.00 26.75  ? 163 VAL A N   1 
ATOM   1180 C CA  . VAL A 1 163 ? -7.072  -0.929  -8.204  1.00 28.55  ? 163 VAL A CA  1 
ATOM   1181 C C   . VAL A 1 163 ? -7.397  -0.369  -9.571  1.00 40.49  ? 163 VAL A C   1 
ATOM   1182 O O   . VAL A 1 163 ? -8.572  -0.202  -9.927  1.00 42.24  ? 163 VAL A O   1 
ATOM   1183 C CB  . VAL A 1 163 ? -7.753  -2.294  -8.033  1.00 26.55  ? 163 VAL A CB  1 
ATOM   1184 C CG1 . VAL A 1 163 ? -7.231  -3.244  -9.064  1.00 38.98  ? 163 VAL A CG1 1 
ATOM   1185 C CG2 . VAL A 1 163 ? -7.469  -2.863  -6.651  1.00 29.99  ? 163 VAL A CG2 1 
ATOM   1186 N N   . SER A 1 164 ? -6.338  -0.044  -10.307 1.00 49.79  ? 164 SER A N   1 
ATOM   1187 C CA  . SER A 1 164 ? -6.411  0.677   -11.571 1.00 54.42  ? 164 SER A CA  1 
ATOM   1188 C C   . SER A 1 164 ? -5.817  -0.179  -12.672 1.00 62.02  ? 164 SER A C   1 
ATOM   1189 O O   . SER A 1 164 ? -4.657  -0.580  -12.585 1.00 68.13  ? 164 SER A O   1 
ATOM   1190 C CB  . SER A 1 164 ? -5.616  1.979   -11.464 1.00 51.87  ? 164 SER A CB  1 
ATOM   1191 O OG  . SER A 1 164 ? -6.294  3.058   -12.101 1.00 58.56  ? 164 SER A OG  1 
ATOM   1192 N N   . LYS A 1 165 ? -6.617  -0.489  -13.690 1.00 77.15  ? 165 LYS A N   1 
ATOM   1193 C CA  . LYS A 1 165 ? -6.131  -1.242  -14.846 1.00 89.08  ? 165 LYS A CA  1 
ATOM   1194 C C   . LYS A 1 165 ? -4.960  -0.522  -15.533 1.00 98.50  ? 165 LYS A C   1 
ATOM   1195 O O   . LYS A 1 165 ? -3.931  -1.145  -15.852 1.00 101.17 ? 165 LYS A O   1 
ATOM   1196 N N   . ASN A 1 166 ? -5.170  0.760   -15.844 1.00 91.64  ? 166 ASN A N   1 
ATOM   1197 C CA  . ASN A 1 166 ? -4.142  1.616   -16.446 1.00 87.41  ? 166 ASN A CA  1 
ATOM   1198 C C   . ASN A 1 166 ? -3.420  2.390   -15.357 1.00 83.22  ? 166 ASN A C   1 
ATOM   1199 O O   . ASN A 1 166 ? -3.138  3.586   -15.499 1.00 82.80  ? 166 ASN A O   1 
ATOM   1200 N N   . LYS A 1 167 ? -2.979  1.642   -14.351 1.00 93.97  ? 167 LYS A N   1 
ATOM   1201 C CA  . LYS A 1 167 ? -2.664  2.194   -13.040 1.00 86.89  ? 167 LYS A CA  1 
ATOM   1202 C C   . LYS A 1 167 ? -1.393  3.006   -13.071 1.00 76.93  ? 167 LYS A C   1 
ATOM   1203 O O   . LYS A 1 167 ? -1.427  4.230   -12.959 1.00 80.66  ? 167 LYS A O   1 
ATOM   1204 N N   . PRO A 1 168 ? -0.251  2.316   -13.093 1.00 53.82  ? 168 PRO A N   1 
ATOM   1205 C CA  . PRO A 1 168 ? 0.340   1.823   -11.847 1.00 49.96  ? 168 PRO A CA  1 
ATOM   1206 C C   . PRO A 1 168 ? 1.029   2.932   -11.051 1.00 47.38  ? 168 PRO A C   1 
ATOM   1207 O O   . PRO A 1 168 ? 1.325   4.006   -11.575 1.00 40.07  ? 168 PRO A O   1 
ATOM   1208 C CB  . PRO A 1 168 ? 1.341   0.772   -12.321 1.00 43.41  ? 168 PRO A CB  1 
ATOM   1209 C CG  . PRO A 1 168 ? 1.697   1.223   -13.702 1.00 46.13  ? 168 PRO A CG  1 
ATOM   1210 C CD  . PRO A 1 168 ? 0.391   1.718   -14.270 1.00 45.66  ? 168 PRO A CD  1 
ATOM   1211 N N   . LEU A 1 169 ? 1.168   2.702   -9.752  1.00 41.51  ? 169 LEU A N   1 
ATOM   1212 C CA  . LEU A 1 169 ? 1.980   3.550   -8.919  1.00 35.87  ? 169 LEU A CA  1 
ATOM   1213 C C   . LEU A 1 169 ? 3.303   2.831   -8.858  1.00 29.32  ? 169 LEU A C   1 
ATOM   1214 O O   . LEU A 1 169 ? 3.334   1.605   -8.761  1.00 39.98  ? 169 LEU A O   1 
ATOM   1215 C CB  . LEU A 1 169 ? 1.350   3.688   -7.525  1.00 49.55  ? 169 LEU A CB  1 
ATOM   1216 C CG  . LEU A 1 169 ? 2.075   4.522   -6.460  1.00 53.56  ? 169 LEU A CG  1 
ATOM   1217 C CD1 . LEU A 1 169 ? 2.177   5.979   -6.875  1.00 55.90  ? 169 LEU A CD1 1 
ATOM   1218 C CD2 . LEU A 1 169 ? 1.323   4.395   -5.151  1.00 58.51  ? 169 LEU A CD2 1 
ATOM   1219 N N   . VAL A 1 170 ? 4.366   3.556   -9.169  1.00 29.82  ? 170 VAL A N   1 
ATOM   1220 C CA  . VAL A 1 170 ? 5.712   2.982   -9.134  1.00 27.02  ? 170 VAL A CA  1 
ATOM   1221 C C   . VAL A 1 170 ? 6.310   3.413   -7.806  1.00 24.19  ? 170 VAL A C   1 
ATOM   1222 O O   . VAL A 1 170 ? 6.096   4.535   -7.344  1.00 27.10  ? 170 VAL A O   1 
ATOM   1223 C CB  . VAL A 1 170 ? 6.595   3.488   -10.343 1.00 21.66  ? 170 VAL A CB  1 
ATOM   1224 C CG1 . VAL A 1 170 ? 7.989   2.851   -10.323 1.00 20.12  ? 170 VAL A CG1 1 
ATOM   1225 C CG2 . VAL A 1 170 ? 5.889   3.176   -11.669 1.00 22.99  ? 170 VAL A CG2 1 
ATOM   1226 N N   . VAL A 1 171 ? 6.876   2.456   -7.102  1.00 15.46  ? 171 VAL A N   1 
ATOM   1227 C CA  . VAL A 1 171 ? 7.213   2.682   -5.717  1.00 14.34  ? 171 VAL A CA  1 
ATOM   1228 C C   . VAL A 1 171 ? 8.592   2.132   -5.459  1.00 10.76  ? 171 VAL A C   1 
ATOM   1229 O O   . VAL A 1 171 ? 9.147   1.435   -6.288  1.00 18.41  ? 171 VAL A O   1 
ATOM   1230 C CB  . VAL A 1 171 ? 6.181   1.984   -4.760  1.00 28.92  ? 171 VAL A CB  1 
ATOM   1231 C CG1 . VAL A 1 171 ? 4.794   2.635   -4.902  1.00 25.11  ? 171 VAL A CG1 1 
ATOM   1232 C CG2 . VAL A 1 171 ? 6.079   0.488   -5.049  1.00 13.79  ? 171 VAL A CG2 1 
ATOM   1233 N N   . GLN A 1 172 ? 9.181   2.516   -4.347  1.00 14.31  ? 172 GLN A N   1 
ATOM   1234 C CA  . GLN A 1 172 ? 10.343  1.821   -3.858  1.00 16.04  ? 172 GLN A CA  1 
ATOM   1235 C C   . GLN A 1 172 ? 10.197  1.735   -2.374  1.00 20.96  ? 172 GLN A C   1 
ATOM   1236 O O   . GLN A 1 172 ? 9.336   2.393   -1.800  1.00 18.68  ? 172 GLN A O   1 
ATOM   1237 C CB  . GLN A 1 172 ? 11.594  2.584   -4.196  1.00 27.79  ? 172 GLN A CB  1 
ATOM   1238 C CG  . GLN A 1 172 ? 11.626  3.961   -3.608  1.00 51.10  ? 172 GLN A CG  1 
ATOM   1239 C CD  . GLN A 1 172 ? 12.636  4.838   -4.310  1.00 63.26  ? 172 GLN A CD  1 
ATOM   1240 O OE1 . GLN A 1 172 ? 13.800  4.924   -3.896  1.00 63.73  ? 172 GLN A OE1 1 
ATOM   1241 N NE2 . GLN A 1 172 ? 12.227  5.415   -5.442  1.00 66.96  ? 172 GLN A NE2 1 
ATOM   1242 N N   . PHE A 1 173 ? 11.153  1.070   -1.747  1.00 16.00  ? 173 PHE A N   1 
ATOM   1243 C CA  . PHE A 1 173 ? 11.031  0.687   -0.369  1.00 25.13  ? 173 PHE A CA  1 
ATOM   1244 C C   . PHE A 1 173 ? 12.252  1.126   0.387   1.00 27.86  ? 173 PHE A C   1 
ATOM   1245 O O   . PHE A 1 173 ? 13.357  0.799   -0.013  1.00 29.77  ? 173 PHE A O   1 
ATOM   1246 C CB  . PHE A 1 173 ? 10.883  -0.825  -0.284  1.00 18.60  ? 173 PHE A CB  1 
ATOM   1247 C CG  . PHE A 1 173 ? 9.662   -1.346  -0.985  1.00 27.97  ? 173 PHE A CG  1 
ATOM   1248 C CD1 . PHE A 1 173 ? 8.391   -0.985  -0.551  1.00 20.88  ? 173 PHE A CD1 1 
ATOM   1249 C CD2 . PHE A 1 173 ? 9.779   -2.233  -2.044  1.00 20.13  ? 173 PHE A CD2 1 
ATOM   1250 C CE1 . PHE A 1 173 ? 7.270   -1.505  -1.166  1.00 20.67  ? 173 PHE A CE1 1 
ATOM   1251 C CE2 . PHE A 1 173 ? 8.653   -2.750  -2.656  1.00 21.41  ? 173 PHE A CE2 1 
ATOM   1252 C CZ  . PHE A 1 173 ? 7.401   -2.384  -2.223  1.00 15.76  ? 173 PHE A CZ  1 
ATOM   1253 N N   . GLN A 1 174 ? 12.054  1.771   1.536   1.00 23.53  ? 174 GLN A N   1 
ATOM   1254 C CA  . GLN A 1 174 ? 13.183  2.119   2.387   1.00 17.94  ? 174 GLN A CA  1 
ATOM   1255 C C   . GLN A 1 174 ? 13.103  1.517   3.790   1.00 21.66  ? 174 GLN A C   1 
ATOM   1256 O O   . GLN A 1 174 ? 12.136  1.718   4.497   1.00 23.72  ? 174 GLN A O   1 
ATOM   1257 C CB  . GLN A 1 174 ? 13.292  3.624   2.471   1.00 16.95  ? 174 GLN A CB  1 
ATOM   1258 C CG  . GLN A 1 174 ? 14.565  4.047   3.088   1.00 14.05  ? 174 GLN A CG  1 
ATOM   1259 C CD  . GLN A 1 174 ? 14.642  5.519   3.213   1.00 27.28  ? 174 GLN A CD  1 
ATOM   1260 O OE1 . GLN A 1 174 ? 14.336  6.246   2.273   1.00 33.90  ? 174 GLN A OE1 1 
ATOM   1261 N NE2 . GLN A 1 174 ? 14.919  5.986   4.420   1.00 35.73  ? 174 GLN A NE2 1 
ATOM   1262 N N   . LYS A 1 175 ? 14.090  0.729   4.176   1.00 14.47  ? 175 LYS A N   1 
ATOM   1263 C CA  . LYS A 1 175 ? 14.010  0.010   5.423   1.00 16.57  ? 175 LYS A CA  1 
ATOM   1264 C C   . LYS A 1 175 ? 13.838  0.941   6.589   1.00 19.76  ? 175 LYS A C   1 
ATOM   1265 O O   . LYS A 1 175 ? 14.384  2.032   6.600   1.00 28.64  ? 175 LYS A O   1 
ATOM   1266 C CB  . LYS A 1 175 ? 15.263  -0.821  5.642   1.00 22.46  ? 175 LYS A CB  1 
ATOM   1267 C CG  . LYS A 1 175 ? 15.006  -2.106  6.398   1.00 23.69  ? 175 LYS A CG  1 
ATOM   1268 C CD  . LYS A 1 175 ? 16.314  -2.680  6.904   1.00 33.13  ? 175 LYS A CD  1 
ATOM   1269 C CE  . LYS A 1 175 ? 16.213  -4.169  7.174   1.00 39.52  ? 175 LYS A CE  1 
ATOM   1270 N NZ  . LYS A 1 175 ? 17.469  -4.891  6.769   1.00 48.96  ? 175 LYS A NZ  1 
ATOM   1271 N N   . LEU A 1 176 ? 13.060  0.505   7.572   1.00 31.42  ? 176 LEU A N   1 
ATOM   1272 C CA  . LEU A 1 176 ? 12.905  1.252   8.811   1.00 34.68  ? 176 LEU A CA  1 
ATOM   1273 C C   . LEU A 1 176 ? 13.983  0.753   9.738   1.00 41.70  ? 176 LEU A C   1 
ATOM   1274 O O   . LEU A 1 176 ? 14.081  -0.459  9.978   1.00 34.73  ? 176 LEU A O   1 
ATOM   1275 C CB  . LEU A 1 176 ? 11.552  0.964   9.452   1.00 34.62  ? 176 LEU A CB  1 
ATOM   1276 C CG  . LEU A 1 176 ? 10.630  2.068   9.948   1.00 18.31  ? 176 LEU A CG  1 
ATOM   1277 C CD1 . LEU A 1 176 ? 11.397  3.194   10.570  1.00 30.66  ? 176 LEU A CD1 1 
ATOM   1278 C CD2 . LEU A 1 176 ? 9.816   2.525   8.765   1.00 23.40  ? 176 LEU A CD2 1 
ATOM   1279 N N   . ASP A 1 177 ? 14.706  1.695   10.342  1.00 63.07  ? 177 ASP A N   1 
ATOM   1280 C CA  . ASP A 1 177 ? 15.768  1.380   11.291  1.00 70.79  ? 177 ASP A CA  1 
ATOM   1281 C C   . ASP A 1 177 ? 15.268  1.375   12.735  1.00 76.50  ? 177 ASP A C   1 
ATOM   1282 O O   . ASP A 1 177 ? 16.035  0.909   13.610  1.00 83.31  ? 177 ASP A O   1 
HETATM 1283 O O   . HOH B 2 .   ? 12.987  -9.635  9.337   1.00 48.16  ? 182 HOH A O   1 
HETATM 1284 O O   . HOH B 2 .   ? -15.082 5.702   10.190  1.00 25.06  ? 183 HOH A O   1 
HETATM 1285 O O   . HOH B 2 .   ? -3.237  12.180  -1.115  1.00 22.67  ? 184 HOH A O   1 
HETATM 1286 O O   . HOH B 2 .   ? 6.300   4.782   11.276  1.00 35.34  ? 185 HOH A O   1 
HETATM 1287 O O   . HOH B 2 .   ? 2.012   -8.004  7.657   1.00 35.85  ? 186 HOH A O   1 
HETATM 1288 O O   . HOH B 2 .   ? -2.650  -7.311  3.504   1.00 24.05  ? 187 HOH A O   1 
HETATM 1289 O O   . HOH B 2 .   ? -7.986  10.285  13.736  1.00 28.20  ? 188 HOH A O   1 
HETATM 1290 O O   . HOH B 2 .   ? -12.104 11.289  19.848  1.00 21.33  ? 189 HOH A O   1 
HETATM 1291 O O   . HOH B 2 .   ? -8.054  -7.537  1.214   1.00 27.90  ? 190 HOH A O   1 
HETATM 1292 O O   . HOH B 2 .   ? -3.805  -9.613  1.773   1.00 27.03  ? 191 HOH A O   1 
HETATM 1293 O O   . HOH B 2 .   ? 12.863  -12.816 12.223  1.00 44.01  ? 192 HOH A O   1 
HETATM 1294 O O   . HOH B 2 .   ? 1.222   -13.727 6.724   1.00 50.62  ? 193 HOH A O   1 
HETATM 1295 O O   . HOH B 2 .   ? 6.466   -17.290 9.067   1.00 34.99  ? 194 HOH A O   1 
HETATM 1296 O O   . HOH B 2 .   ? -1.252  -19.176 0.490   1.00 38.84  ? 195 HOH A O   1 
HETATM 1297 O O   . HOH B 2 .   ? -1.180  -18.003 -2.335  1.00 39.45  ? 196 HOH A O   1 
HETATM 1298 O O   . HOH B 2 .   ? -4.612  10.467  12.817  1.00 18.50  ? 197 HOH A O   1 
HETATM 1299 O O   . HOH B 2 .   ? -3.517  -6.335  10.671  1.00 42.66  ? 198 HOH A O   1 
HETATM 1300 O O   . HOH B 2 .   ? -1.983  9.025   9.105   1.00 52.33  ? 199 HOH A O   1 
HETATM 1301 O O   . HOH B 2 .   ? -1.990  7.444   19.471  1.00 35.74  ? 200 HOH A O   1 
HETATM 1302 O O   . HOH B 2 .   ? 16.852  0.509   2.865   1.00 15.75  ? 201 HOH A O   1 
HETATM 1303 O O   . HOH B 2 .   ? -16.111 4.606   15.188  1.00 53.27  ? 202 HOH A O   1 
HETATM 1304 O O   . HOH B 2 .   ? -7.602  13.195  3.249   1.00 36.48  ? 203 HOH A O   1 
HETATM 1305 O O   . HOH B 2 .   ? -8.571  4.209   -1.415  1.00 24.50  ? 204 HOH A O   1 
HETATM 1306 O O   . HOH B 2 .   ? -12.875 -10.664 3.834   1.00 52.01  ? 205 HOH A O   1 
HETATM 1307 O O   . HOH B 2 .   ? 14.393  -6.380  8.568   1.00 44.87  ? 206 HOH A O   1 
HETATM 1308 O O   . HOH B 2 .   ? 19.012  -16.557 2.976   1.00 42.62  ? 207 HOH A O   1 
HETATM 1309 O O   . HOH B 2 .   ? -12.217 -0.132  11.710  1.00 50.17  ? 208 HOH A O   1 
HETATM 1310 O O   . HOH B 2 .   ? 12.166  -2.973  13.225  1.00 41.96  ? 209 HOH A O   1 
HETATM 1311 O O   . HOH B 2 .   ? 18.685  -2.277  4.334   1.00 31.03  ? 210 HOH A O   1 
HETATM 1312 O O   . HOH B 2 .   ? 13.326  -0.305  -3.305  1.00 30.85  ? 211 HOH A O   1 
HETATM 1313 O O   . HOH B 2 .   ? 5.460   3.844   14.625  1.00 38.49  ? 212 HOH A O   1 
HETATM 1314 O O   . HOH B 2 .   ? 5.773   -3.972  -15.015 1.00 55.34  ? 213 HOH A O   1 
HETATM 1315 O O   . HOH B 2 .   ? -9.387  -15.706 -14.278 1.00 37.55  ? 214 HOH A O   1 
HETATM 1316 O O   . HOH B 2 .   ? 9.405   -19.333 -4.520  1.00 39.69  ? 215 HOH A O   1 
HETATM 1317 O O   . HOH B 2 .   ? 11.012  -16.881 -7.045  1.00 52.64  ? 216 HOH A O   1 
HETATM 1318 O O   . HOH B 2 .   ? 17.995  -11.051 -6.679  1.00 54.56  ? 217 HOH A O   1 
HETATM 1319 O O   . HOH B 2 .   ? 20.439  0.331   -6.444  1.00 55.46  ? 218 HOH A O   1 
HETATM 1320 O O   . HOH B 2 .   ? 18.959  3.094   -9.369  1.00 27.13  ? 219 HOH A O   1 
HETATM 1321 O O   . HOH B 2 .   ? -2.940  1.750   18.389  1.00 49.26  ? 220 HOH A O   1 
HETATM 1322 O O   . HOH B 2 .   ? -11.178 -6.457  -9.111  1.00 48.34  ? 221 HOH A O   1 
HETATM 1323 O O   . HOH B 2 .   ? 8.822   11.532  7.497   1.00 42.26  ? 222 HOH A O   1 
HETATM 1324 O O   . HOH B 2 .   ? 15.462  10.599  8.116   1.00 36.97  ? 223 HOH A O   1 
HETATM 1325 O O   . HOH B 2 .   ? 11.290  11.692  2.565   1.00 35.25  ? 224 HOH A O   1 
HETATM 1326 O O   . HOH B 2 .   ? 20.286  3.879   7.208   1.00 44.17  ? 225 HOH A O   1 
# 
